data_6OWE
#
_entry.id   6OWE
#
_cell.length_a   109.100
_cell.length_b   78.700
_cell.length_c   138.900
_cell.angle_alpha   90.00
_cell.angle_beta   108.10
_cell.angle_gamma   90.00
#
_symmetry.space_group_name_H-M   'P 1 21 1'
#
loop_
_entity.id
_entity.type
_entity.pdbx_description
1 polymer 'Crotonyl-CoA carboxylase/reductase'
2 non-polymer 'NADPH DIHYDRO-NICOTINAMIDE-ADENINE-DINUCLEOTIDE PHOSPHATE'
3 non-polymer "5'-O-[(S)-{[(S)-[(3R)-4-({(1E)-3-[(2-{[(2S)-2-carboxybutanoyl]sulfanyl}ethyl)amino]-3-oxoprop-1-en-1-yl}amino)-3-hydroxy-2,2-dimethyl-4-oxobutoxy](hydroxy)phosphoryl]oxy}(hydroxy)phosphoryl]adenosine 3'-(dihydrogen phosphate)"
4 non-polymer IMIDAZOLE
5 water water
#
_entity_poly.entity_id   1
_entity_poly.type   'polypeptide(L)'
_entity_poly.pdbx_seq_one_letter_code
;EGRHMQEILDAILSGDAASADYAALALPESYRAVTLHKGEERMFDGLASRDKDPRKSLHLDDVPLPELGPGEALVAVMAS
SVNYNTVWSSIFEPVSTFGFLERYGRLSPLTARHDLPYHVLGSDLAGVVLRTGAGVNAWKPGDEVVAHCLSVELESPDGH
NDTMMDPEQRIWGFETNFGGLAQLALVKTNQLLPKPKHLTWEEAASPGLVNSTAYRQLVSRNGAGLKQGDNVLIWGASGG
LGSYATQYALAGGATPICVVSSPRKADICRAMGAEAIIDRSAEGYRFWKDEHHQDPREWKRLGGKIREFTGGEDVDIVFE
HPGRETFGASVYVTRKGGTIVTCASTSGYMHQYDNRYLWMSLKRIVGSHFANYREAFEANRLVAKGKIHPTLSKVYALEE
TGQAALDVHHNKHQGKVGVLCLAPREGLGVTDPELRSKHLTKINAFRNV
;
_entity_poly.pdbx_strand_id   A,B,C,D
#
# COMPACT_ATOMS: atom_id res chain seq x y z
N ARG A 3 -1.86 -52.99 -21.16
CA ARG A 3 -1.20 -51.72 -21.00
C ARG A 3 -1.14 -51.33 -19.52
N HIS A 4 0.05 -50.89 -19.13
CA HIS A 4 0.18 -50.22 -17.85
C HIS A 4 -0.73 -48.99 -17.79
N MET A 5 -0.93 -48.27 -18.92
CA MET A 5 -1.77 -47.06 -18.89
C MET A 5 -3.23 -47.42 -18.68
N GLN A 6 -3.71 -48.50 -19.33
CA GLN A 6 -5.07 -48.94 -19.08
C GLN A 6 -5.30 -49.31 -17.61
N GLU A 7 -4.33 -49.97 -16.98
CA GLU A 7 -4.45 -50.32 -15.57
C GLU A 7 -4.54 -49.07 -14.69
N ILE A 8 -3.78 -48.02 -15.03
CA ILE A 8 -3.89 -46.76 -14.29
C ILE A 8 -5.29 -46.19 -14.43
N LEU A 9 -5.82 -46.16 -15.67
CA LEU A 9 -7.16 -45.60 -15.86
C LEU A 9 -8.20 -46.42 -15.11
N ASP A 10 -8.09 -47.74 -15.20
CA ASP A 10 -9.05 -48.58 -14.50
C ASP A 10 -9.04 -48.32 -13.00
N ALA A 11 -7.85 -48.14 -12.41
CA ALA A 11 -7.77 -47.80 -10.99
C ALA A 11 -8.54 -46.52 -10.69
N ILE A 12 -8.31 -45.46 -11.50
CA ILE A 12 -9.00 -44.19 -11.27
C ILE A 12 -10.50 -44.38 -11.43
N LEU A 13 -10.94 -45.08 -12.48
CA LEU A 13 -12.37 -45.20 -12.73
C LEU A 13 -13.07 -46.04 -11.67
N SER A 14 -12.36 -46.96 -11.02
CA SER A 14 -13.01 -47.84 -10.04
C SER A 14 -13.55 -47.03 -8.87
N GLY A 15 -12.84 -45.99 -8.45
CA GLY A 15 -13.30 -45.12 -7.40
C GLY A 15 -12.86 -45.50 -6.02
N ASP A 16 -12.33 -46.71 -5.83
CA ASP A 16 -11.98 -47.24 -4.52
C ASP A 16 -10.55 -47.78 -4.50
N ALA A 17 -9.64 -47.13 -5.23
CA ALA A 17 -8.23 -47.45 -5.10
C ALA A 17 -7.64 -46.63 -3.96
N ALA A 18 -6.87 -47.28 -3.09
CA ALA A 18 -6.20 -46.58 -2.00
C ALA A 18 -4.82 -46.09 -2.46
N SER A 19 -4.20 -45.25 -1.64
CA SER A 19 -2.89 -44.70 -1.97
C SER A 19 -1.88 -45.81 -2.26
N ALA A 20 -1.90 -46.88 -1.46
CA ALA A 20 -0.99 -48.01 -1.67
C ALA A 20 -1.22 -48.68 -3.02
N ASP A 21 -2.47 -48.72 -3.50
CA ASP A 21 -2.74 -49.29 -4.80
C ASP A 21 -2.06 -48.49 -5.91
N TYR A 22 -2.18 -47.16 -5.87
CA TYR A 22 -1.50 -46.35 -6.88
C TYR A 22 0.01 -46.53 -6.79
N ALA A 23 0.54 -46.61 -5.57
CA ALA A 23 1.98 -46.79 -5.43
C ALA A 23 2.46 -48.13 -5.99
N ALA A 24 1.55 -49.09 -6.14
CA ALA A 24 1.84 -50.45 -6.63
C ALA A 24 1.67 -50.60 -8.13
N LEU A 25 1.11 -49.63 -8.83
CA LEU A 25 0.94 -49.79 -10.28
C LEU A 25 2.26 -49.55 -11.00
N ALA A 26 2.54 -50.39 -11.98
CA ALA A 26 3.74 -50.19 -12.79
C ALA A 26 3.55 -48.99 -13.72
N LEU A 27 4.58 -48.19 -13.85
CA LEU A 27 4.52 -47.06 -14.76
C LEU A 27 4.64 -47.54 -16.22
N PRO A 28 3.90 -46.93 -17.15
CA PRO A 28 4.11 -47.26 -18.56
C PRO A 28 5.46 -46.72 -19.02
N GLU A 29 5.91 -47.18 -20.19
CA GLU A 29 7.21 -46.76 -20.67
C GLU A 29 7.13 -45.55 -21.60
N SER A 30 5.96 -45.29 -22.17
CA SER A 30 5.71 -44.07 -22.93
C SER A 30 4.30 -43.58 -22.60
N TYR A 31 3.99 -42.34 -23.02
CA TYR A 31 2.62 -41.85 -22.90
C TYR A 31 2.28 -41.02 -24.14
N ARG A 32 0.98 -40.92 -24.44
CA ARG A 32 0.54 -40.14 -25.59
C ARG A 32 0.47 -38.66 -25.21
N ALA A 33 0.91 -37.78 -26.13
CA ALA A 33 1.10 -36.37 -25.79
C ALA A 33 0.94 -35.51 -27.02
N VAL A 34 0.39 -34.30 -26.84
CA VAL A 34 0.36 -33.30 -27.92
C VAL A 34 1.70 -32.56 -27.91
N THR A 35 2.42 -32.58 -29.05
CA THR A 35 3.77 -31.98 -29.06
C THR A 35 3.99 -31.07 -30.24
N LEU A 36 4.97 -30.17 -30.08
CA LEU A 36 5.62 -29.47 -31.21
C LEU A 36 6.94 -30.18 -31.52
N HIS A 37 7.42 -30.08 -32.77
CA HIS A 37 8.74 -30.60 -33.16
C HIS A 37 9.70 -29.45 -33.51
N LYS A 38 10.94 -29.55 -32.99
CA LYS A 38 11.90 -28.46 -33.13
C LYS A 38 12.25 -28.17 -34.60
N GLY A 39 12.34 -29.20 -35.42
CA GLY A 39 12.66 -28.95 -36.82
C GLY A 39 11.61 -28.20 -37.62
N GLU A 40 10.43 -27.93 -37.05
CA GLU A 40 9.35 -27.26 -37.75
C GLU A 40 9.16 -25.81 -37.32
N GLU A 41 10.05 -25.28 -36.48
CA GLU A 41 9.75 -23.97 -35.89
C GLU A 41 9.73 -22.84 -36.92
N ARG A 42 10.24 -23.05 -38.14
CA ARG A 42 10.21 -22.04 -39.19
C ARG A 42 9.16 -22.33 -40.24
N MET A 43 8.23 -23.28 -39.97
CA MET A 43 7.36 -23.75 -41.06
C MET A 43 6.37 -22.68 -41.51
N PHE A 44 6.11 -21.67 -40.68
CA PHE A 44 5.15 -20.63 -40.99
C PHE A 44 5.80 -19.34 -41.50
N ASP A 45 7.09 -19.38 -41.84
CA ASP A 45 7.78 -18.17 -42.30
C ASP A 45 7.06 -17.54 -43.49
N GLY A 46 6.90 -16.23 -43.44
CA GLY A 46 6.25 -15.50 -44.52
C GLY A 46 4.74 -15.44 -44.45
N LEU A 47 4.10 -16.08 -43.47
CA LEU A 47 2.65 -16.02 -43.40
C LEU A 47 2.18 -14.97 -42.40
N ALA A 48 1.00 -14.43 -42.68
CA ALA A 48 0.23 -13.68 -41.68
C ALA A 48 -0.19 -14.61 -40.55
N SER A 49 -0.26 -14.06 -39.33
N SER A 49 -0.25 -14.06 -39.32
CA SER A 49 -0.59 -14.86 -38.15
CA SER A 49 -0.60 -14.85 -38.14
C SER A 49 -1.91 -15.62 -38.31
C SER A 49 -1.91 -15.62 -38.31
N ARG A 50 -2.93 -14.94 -38.85
CA ARG A 50 -4.24 -15.58 -39.07
C ARG A 50 -4.13 -16.87 -39.90
N ASP A 51 -3.20 -16.91 -40.85
CA ASP A 51 -3.12 -18.04 -41.79
C ASP A 51 -2.27 -19.19 -41.29
N LYS A 52 -1.62 -19.04 -40.13
CA LYS A 52 -0.88 -20.13 -39.50
C LYS A 52 -1.86 -21.08 -38.81
N ASP A 53 -1.76 -22.37 -39.12
CA ASP A 53 -2.79 -23.36 -38.78
C ASP A 53 -2.27 -24.29 -37.69
N PRO A 54 -2.74 -24.20 -36.45
CA PRO A 54 -2.25 -25.11 -35.39
C PRO A 54 -2.43 -26.59 -35.72
N ARG A 55 -3.37 -26.94 -36.58
CA ARG A 55 -3.52 -28.36 -36.92
C ARG A 55 -2.30 -28.92 -37.62
N LYS A 56 -1.51 -28.07 -38.28
CA LYS A 56 -0.35 -28.52 -39.01
C LYS A 56 0.88 -28.70 -38.11
N SER A 57 0.97 -27.96 -37.00
CA SER A 57 2.16 -27.99 -36.15
C SER A 57 2.03 -28.90 -34.95
N LEU A 58 0.81 -29.20 -34.51
CA LEU A 58 0.58 -30.00 -33.31
C LEU A 58 0.55 -31.48 -33.67
N HIS A 59 1.41 -32.26 -33.04
CA HIS A 59 1.52 -33.69 -33.33
C HIS A 59 1.05 -34.49 -32.13
N LEU A 60 0.46 -35.67 -32.41
CA LEU A 60 0.15 -36.63 -31.35
C LEU A 60 1.24 -37.69 -31.36
N ASP A 61 2.06 -37.71 -30.32
CA ASP A 61 3.23 -38.58 -30.26
C ASP A 61 3.20 -39.49 -29.02
N ASP A 62 3.98 -40.57 -29.08
CA ASP A 62 4.29 -41.35 -27.89
C ASP A 62 5.67 -40.94 -27.40
N VAL A 63 5.75 -40.48 -26.17
CA VAL A 63 7.01 -39.93 -25.66
C VAL A 63 7.44 -40.69 -24.41
N PRO A 64 8.73 -40.79 -24.13
CA PRO A 64 9.19 -41.49 -22.92
C PRO A 64 8.83 -40.72 -21.65
N LEU A 65 8.66 -41.45 -20.54
CA LEU A 65 8.45 -40.78 -19.26
C LEU A 65 9.73 -40.09 -18.81
N PRO A 66 9.67 -38.82 -18.35
CA PRO A 66 10.86 -38.18 -17.78
C PRO A 66 11.20 -38.75 -16.41
N GLU A 67 12.46 -38.56 -15.99
CA GLU A 67 12.86 -38.96 -14.64
C GLU A 67 12.25 -38.02 -13.62
N LEU A 68 11.79 -38.58 -12.52
CA LEU A 68 11.17 -37.78 -11.46
C LEU A 68 12.25 -37.22 -10.55
N GLY A 69 12.13 -35.93 -10.20
CA GLY A 69 13.12 -35.27 -9.39
C GLY A 69 12.58 -34.84 -8.03
N PRO A 70 13.45 -34.23 -7.21
CA PRO A 70 13.00 -33.76 -5.89
C PRO A 70 11.93 -32.68 -6.03
N GLY A 71 10.96 -32.70 -5.13
CA GLY A 71 9.92 -31.68 -5.17
C GLY A 71 8.89 -31.80 -6.29
N GLU A 72 8.89 -32.91 -7.02
CA GLU A 72 8.04 -33.10 -8.19
C GLU A 72 7.03 -34.21 -8.00
N ALA A 73 6.04 -34.23 -8.89
CA ALA A 73 5.00 -35.24 -8.88
C ALA A 73 4.72 -35.69 -10.31
N LEU A 74 4.50 -36.98 -10.48
CA LEU A 74 4.03 -37.52 -11.75
C LEU A 74 2.50 -37.65 -11.63
N VAL A 75 1.76 -37.05 -12.57
CA VAL A 75 0.30 -37.00 -12.47
C VAL A 75 -0.32 -37.71 -13.67
N ALA A 76 -1.33 -38.56 -13.40
CA ALA A 76 -2.16 -39.14 -14.45
C ALA A 76 -3.24 -38.13 -14.83
N VAL A 77 -3.26 -37.66 -16.08
CA VAL A 77 -4.08 -36.51 -16.46
C VAL A 77 -5.40 -37.01 -17.03
N MET A 78 -6.52 -36.69 -16.36
CA MET A 78 -7.82 -37.08 -16.91
C MET A 78 -8.31 -36.06 -17.95
N ALA A 79 -8.04 -34.77 -17.75
CA ALA A 79 -8.45 -33.74 -18.71
C ALA A 79 -7.58 -32.50 -18.57
N SER A 80 -7.61 -31.68 -19.60
CA SER A 80 -6.80 -30.45 -19.67
C SER A 80 -7.65 -29.41 -20.39
N SER A 81 -7.01 -28.33 -20.85
CA SER A 81 -7.76 -27.32 -21.60
C SER A 81 -6.82 -26.65 -22.58
N VAL A 82 -7.40 -26.02 -23.60
CA VAL A 82 -6.65 -25.17 -24.50
C VAL A 82 -6.60 -23.76 -23.90
N ASN A 83 -5.41 -23.20 -23.81
CA ASN A 83 -5.25 -21.82 -23.41
C ASN A 83 -4.68 -21.03 -24.58
N TYR A 84 -4.67 -19.70 -24.46
CA TYR A 84 -4.10 -18.97 -25.57
C TYR A 84 -2.60 -19.27 -25.69
N ASN A 85 -1.90 -19.59 -24.59
CA ASN A 85 -0.48 -19.88 -24.77
C ASN A 85 -0.28 -21.15 -25.61
N THR A 86 -1.28 -22.04 -25.64
CA THR A 86 -1.23 -23.18 -26.54
C THR A 86 -1.26 -22.72 -27.99
N VAL A 87 -2.06 -21.71 -28.28
CA VAL A 87 -2.09 -21.11 -29.62
C VAL A 87 -0.75 -20.46 -29.93
N TRP A 88 -0.27 -19.59 -29.03
CA TRP A 88 1.01 -18.92 -29.29
C TRP A 88 2.09 -19.95 -29.59
N SER A 89 2.18 -20.99 -28.77
N SER A 89 2.18 -21.00 -28.79
CA SER A 89 3.20 -22.01 -28.97
CA SER A 89 3.25 -21.97 -28.99
C SER A 89 3.08 -22.62 -30.34
C SER A 89 3.09 -22.71 -30.31
N SER A 90 1.85 -23.00 -30.70
CA SER A 90 1.60 -23.78 -31.92
C SER A 90 1.88 -22.98 -33.20
N ILE A 91 1.84 -21.65 -33.14
CA ILE A 91 2.19 -20.83 -34.31
C ILE A 91 3.57 -20.19 -34.15
N PHE A 92 4.34 -20.60 -33.12
CA PHE A 92 5.73 -20.15 -32.90
C PHE A 92 5.84 -18.62 -32.81
N GLU A 93 4.83 -17.98 -32.20
CA GLU A 93 4.79 -16.52 -31.99
C GLU A 93 4.75 -16.14 -30.52
N PRO A 94 5.35 -15.00 -30.13
CA PRO A 94 6.23 -14.11 -30.90
C PRO A 94 7.54 -14.82 -31.26
N VAL A 95 7.96 -15.82 -30.47
CA VAL A 95 9.16 -16.60 -30.71
C VAL A 95 8.86 -18.08 -30.45
N SER A 96 9.77 -18.93 -30.91
CA SER A 96 9.63 -20.38 -30.68
C SER A 96 9.84 -20.75 -29.21
N THR A 97 8.98 -21.64 -28.68
CA THR A 97 9.18 -22.13 -27.30
C THR A 97 10.45 -22.96 -27.14
N PHE A 98 11.03 -23.46 -28.23
CA PHE A 98 12.28 -24.21 -28.07
C PHE A 98 13.41 -23.31 -27.56
N GLY A 99 13.36 -22.02 -27.89
CA GLY A 99 14.29 -21.08 -27.29
C GLY A 99 14.14 -21.02 -25.79
N PHE A 100 12.90 -21.09 -25.29
CA PHE A 100 12.68 -21.09 -23.84
C PHE A 100 13.21 -22.36 -23.20
N LEU A 101 13.01 -23.52 -23.85
CA LEU A 101 13.48 -24.78 -23.30
C LEU A 101 15.00 -24.84 -23.29
N GLU A 102 15.64 -24.31 -24.34
CA GLU A 102 17.11 -24.30 -24.37
C GLU A 102 17.67 -23.47 -23.24
N ARG A 103 17.11 -22.28 -23.01
CA ARG A 103 17.60 -21.42 -21.94
C ARG A 103 17.37 -22.04 -20.57
N TYR A 104 16.19 -22.63 -20.36
CA TYR A 104 15.88 -23.32 -19.10
C TYR A 104 16.88 -24.44 -18.84
N GLY A 105 17.19 -25.25 -19.88
CA GLY A 105 18.06 -26.41 -19.72
C GLY A 105 19.48 -26.06 -19.30
N ARG A 106 19.87 -24.80 -19.45
CA ARG A 106 21.22 -24.40 -19.03
C ARG A 106 21.37 -24.25 -17.51
N LEU A 107 20.27 -24.17 -16.74
CA LEU A 107 20.41 -23.92 -15.30
C LEU A 107 21.09 -25.09 -14.56
N SER A 108 20.68 -26.33 -14.82
CA SER A 108 21.21 -27.46 -14.06
C SER A 108 20.92 -28.75 -14.83
N PRO A 109 21.55 -29.86 -14.41
CA PRO A 109 21.17 -31.17 -14.99
C PRO A 109 19.69 -31.54 -14.83
N LEU A 110 19.03 -31.03 -13.78
CA LEU A 110 17.61 -31.32 -13.63
C LEU A 110 16.79 -30.52 -14.64
N THR A 111 17.11 -29.24 -14.83
CA THR A 111 16.33 -28.49 -15.81
C THR A 111 16.66 -28.94 -17.23
N ALA A 112 17.86 -29.51 -17.44
CA ALA A 112 18.25 -29.97 -18.77
C ALA A 112 17.37 -31.11 -19.28
N ARG A 113 16.64 -31.80 -18.38
CA ARG A 113 15.67 -32.80 -18.81
C ARG A 113 14.63 -32.22 -19.78
N HIS A 114 14.38 -30.91 -19.70
CA HIS A 114 13.33 -30.25 -20.47
C HIS A 114 13.76 -29.91 -21.88
N ASP A 115 15.05 -29.90 -22.14
CA ASP A 115 15.63 -29.42 -23.40
C ASP A 115 15.66 -30.61 -24.36
N LEU A 116 14.55 -30.82 -25.06
CA LEU A 116 14.33 -31.95 -25.95
C LEU A 116 13.95 -31.48 -27.35
N PRO A 117 14.04 -32.36 -28.34
CA PRO A 117 13.60 -32.00 -29.71
C PRO A 117 12.11 -31.96 -29.90
N TYR A 118 11.31 -32.21 -28.86
CA TYR A 118 9.88 -32.05 -28.91
C TYR A 118 9.44 -31.32 -27.65
N HIS A 119 8.28 -30.68 -27.74
CA HIS A 119 7.72 -29.92 -26.61
C HIS A 119 6.30 -30.40 -26.33
N VAL A 120 6.09 -31.03 -25.15
CA VAL A 120 4.74 -31.42 -24.74
C VAL A 120 4.06 -30.19 -24.14
N LEU A 121 2.96 -29.77 -24.76
CA LEU A 121 2.31 -28.53 -24.39
C LEU A 121 1.26 -28.76 -23.31
N GLY A 122 0.74 -27.65 -22.76
CA GLY A 122 -0.53 -27.68 -21.96
C GLY A 122 -0.26 -27.11 -20.57
N SER A 123 -1.12 -26.19 -20.13
CA SER A 123 -0.85 -25.46 -18.88
C SER A 123 -1.97 -25.62 -17.84
N ASP A 124 -2.85 -26.60 -18.04
CA ASP A 124 -3.92 -26.94 -17.09
C ASP A 124 -3.98 -28.46 -16.97
N LEU A 125 -4.49 -28.94 -15.83
CA LEU A 125 -4.77 -30.36 -15.73
C LEU A 125 -5.73 -30.59 -14.57
N ALA A 126 -6.46 -31.69 -14.67
CA ALA A 126 -7.13 -32.30 -13.53
C ALA A 126 -6.81 -33.78 -13.59
N GLY A 127 -6.50 -34.38 -12.45
CA GLY A 127 -6.10 -35.77 -12.48
C GLY A 127 -5.74 -36.33 -11.10
N VAL A 128 -4.87 -37.35 -11.10
CA VAL A 128 -4.55 -38.12 -9.91
C VAL A 128 -3.04 -38.28 -9.80
N VAL A 129 -2.50 -38.00 -8.61
CA VAL A 129 -1.06 -38.14 -8.36
C VAL A 129 -0.69 -39.62 -8.40
N LEU A 130 0.39 -39.96 -9.12
CA LEU A 130 0.91 -41.34 -9.16
C LEU A 130 2.20 -41.53 -8.38
N ARG A 131 3.10 -40.54 -8.39
CA ARG A 131 4.38 -40.63 -7.68
C ARG A 131 4.79 -39.25 -7.20
N THR A 132 5.55 -39.20 -6.09
CA THR A 132 6.18 -37.97 -5.65
C THR A 132 7.68 -38.19 -5.42
N GLY A 133 8.47 -37.18 -5.72
CA GLY A 133 9.90 -37.22 -5.53
C GLY A 133 10.33 -36.95 -4.10
N ALA A 134 11.63 -36.72 -3.95
CA ALA A 134 12.23 -36.54 -2.63
C ALA A 134 11.83 -35.20 -2.01
N GLY A 135 11.59 -35.21 -0.71
CA GLY A 135 11.23 -34.01 0.02
C GLY A 135 9.75 -33.65 -0.01
N VAL A 136 8.90 -34.53 -0.52
CA VAL A 136 7.49 -34.21 -0.72
C VAL A 136 6.68 -34.88 0.37
N ASN A 137 6.11 -34.07 1.27
CA ASN A 137 5.23 -34.59 2.31
C ASN A 137 3.78 -34.20 2.13
N ALA A 138 3.46 -33.05 1.51
CA ALA A 138 2.07 -32.60 1.54
C ALA A 138 1.16 -33.40 0.61
N TRP A 139 1.72 -34.11 -0.37
CA TRP A 139 0.91 -34.78 -1.38
C TRP A 139 1.36 -36.22 -1.52
N LYS A 140 0.43 -37.11 -1.82
CA LYS A 140 0.71 -38.54 -1.89
C LYS A 140 -0.02 -39.19 -3.06
N PRO A 141 0.43 -40.37 -3.50
CA PRO A 141 -0.26 -41.08 -4.60
C PRO A 141 -1.73 -41.26 -4.30
N GLY A 142 -2.57 -41.05 -5.33
CA GLY A 142 -4.01 -41.14 -5.22
C GLY A 142 -4.72 -39.82 -4.97
N ASP A 143 -4.01 -38.75 -4.61
CA ASP A 143 -4.67 -37.46 -4.38
C ASP A 143 -5.26 -36.94 -5.69
N GLU A 144 -6.52 -36.49 -5.65
CA GLU A 144 -7.15 -35.86 -6.82
C GLU A 144 -6.77 -34.39 -6.86
N VAL A 145 -6.18 -33.96 -7.97
CA VAL A 145 -5.57 -32.64 -8.00
C VAL A 145 -6.00 -31.89 -9.25
N VAL A 146 -5.93 -30.56 -9.16
CA VAL A 146 -5.74 -29.70 -10.33
C VAL A 146 -4.37 -29.03 -10.18
N ALA A 147 -3.85 -28.46 -11.28
CA ALA A 147 -2.53 -27.85 -11.18
C ALA A 147 -2.56 -26.41 -11.67
N HIS A 148 -1.87 -25.52 -10.96
CA HIS A 148 -1.64 -24.21 -11.55
C HIS A 148 -0.30 -24.23 -12.30
N CYS A 149 -0.08 -23.24 -13.17
CA CYS A 149 1.05 -23.36 -14.09
C CYS A 149 2.28 -22.56 -13.68
N LEU A 150 2.38 -22.06 -12.46
CA LEU A 150 3.60 -21.34 -12.09
C LEU A 150 4.70 -22.34 -11.80
N SER A 151 5.87 -22.15 -12.41
CA SER A 151 7.07 -22.94 -12.12
C SER A 151 8.11 -21.99 -11.53
N VAL A 152 8.34 -22.08 -10.22
CA VAL A 152 9.36 -21.23 -9.57
C VAL A 152 10.34 -22.14 -8.85
N GLU A 153 11.61 -21.72 -8.84
CA GLU A 153 12.67 -22.47 -8.20
C GLU A 153 12.98 -21.95 -6.80
N LEU A 154 12.79 -20.64 -6.56
CA LEU A 154 12.88 -20.06 -5.22
C LEU A 154 14.28 -20.21 -4.61
N GLU A 155 15.32 -20.35 -5.45
CA GLU A 155 16.68 -20.31 -4.92
C GLU A 155 17.16 -18.87 -4.71
N SER A 156 16.84 -17.99 -5.64
CA SER A 156 17.12 -16.55 -5.50
C SER A 156 16.26 -15.92 -4.40
N PRO A 157 16.79 -14.88 -3.73
CA PRO A 157 15.96 -14.16 -2.74
C PRO A 157 14.81 -13.40 -3.37
N ASP A 158 14.87 -13.05 -4.66
CA ASP A 158 13.92 -12.09 -5.22
C ASP A 158 12.46 -12.51 -5.02
N GLY A 159 12.17 -13.81 -5.06
CA GLY A 159 10.79 -14.24 -4.96
C GLY A 159 10.26 -14.53 -3.58
N HIS A 160 10.99 -14.18 -2.54
CA HIS A 160 10.55 -14.55 -1.21
C HIS A 160 9.65 -13.49 -0.55
N ASN A 161 9.17 -12.51 -1.33
CA ASN A 161 8.15 -11.55 -0.88
C ASN A 161 6.98 -11.44 -1.88
N ASP A 162 6.71 -12.52 -2.63
CA ASP A 162 5.77 -12.69 -3.79
C ASP A 162 6.52 -13.51 -4.84
N THR A 163 6.16 -14.79 -5.03
CA THR A 163 7.01 -15.64 -5.85
C THR A 163 6.99 -15.27 -7.33
N MET A 164 6.05 -14.43 -7.78
CA MET A 164 6.12 -14.04 -9.19
C MET A 164 7.43 -13.34 -9.50
N MET A 165 8.09 -12.72 -8.48
CA MET A 165 9.30 -11.96 -8.72
C MET A 165 10.56 -12.82 -8.82
N ASP A 166 10.43 -14.15 -8.66
CA ASP A 166 11.55 -15.05 -8.85
C ASP A 166 12.17 -14.82 -10.23
N PRO A 167 13.48 -14.60 -10.35
CA PRO A 167 14.04 -14.37 -11.69
C PRO A 167 13.92 -15.60 -12.60
N GLU A 168 13.78 -16.79 -12.02
CA GLU A 168 13.66 -18.01 -12.81
C GLU A 168 12.22 -18.47 -12.93
N GLN A 169 11.26 -17.62 -12.57
CA GLN A 169 9.84 -17.92 -12.72
C GLN A 169 9.49 -18.21 -14.19
N ARG A 170 8.79 -19.33 -14.45
CA ARG A 170 8.32 -19.72 -15.77
C ARG A 170 6.86 -20.18 -15.73
N ILE A 171 6.29 -20.38 -16.93
CA ILE A 171 4.95 -20.93 -17.08
C ILE A 171 5.08 -22.39 -17.52
N TRP A 172 4.56 -23.30 -16.69
CA TRP A 172 4.59 -24.74 -16.96
C TRP A 172 3.83 -25.04 -18.25
N GLY A 173 4.45 -25.85 -19.13
CA GLY A 173 3.85 -26.23 -20.40
C GLY A 173 4.08 -25.26 -21.53
N PHE A 174 4.67 -24.10 -21.24
CA PHE A 174 4.91 -23.07 -22.23
C PHE A 174 6.38 -22.73 -22.27
N GLU A 175 6.96 -22.45 -21.10
CA GLU A 175 8.39 -22.25 -20.95
C GLU A 175 9.06 -23.44 -20.30
N THR A 176 8.30 -24.49 -19.98
CA THR A 176 8.84 -25.78 -19.51
C THR A 176 8.19 -26.90 -20.32
N ASN A 177 8.81 -28.09 -20.27
CA ASN A 177 8.29 -29.27 -20.94
C ASN A 177 7.29 -30.02 -20.06
N PHE A 178 6.77 -31.13 -20.60
CA PHE A 178 5.91 -32.07 -19.85
C PHE A 178 4.60 -31.43 -19.38
N GLY A 179 3.93 -30.74 -20.29
CA GLY A 179 2.68 -30.07 -19.96
C GLY A 179 1.48 -31.02 -19.94
N GLY A 180 0.31 -30.40 -19.76
CA GLY A 180 -0.89 -31.13 -19.42
C GLY A 180 -1.68 -31.70 -20.56
N LEU A 181 -1.35 -31.37 -21.82
CA LEU A 181 -2.12 -31.91 -22.94
C LEU A 181 -1.53 -33.27 -23.30
N ALA A 182 -1.76 -34.23 -22.41
CA ALA A 182 -1.07 -35.52 -22.50
C ALA A 182 -1.70 -36.44 -21.47
N GLN A 183 -1.35 -37.74 -21.54
CA GLN A 183 -1.91 -38.68 -20.59
C GLN A 183 -1.24 -38.60 -19.22
N LEU A 184 0.01 -38.18 -19.17
CA LEU A 184 0.75 -37.98 -17.94
C LEU A 184 1.40 -36.61 -17.97
N ALA A 185 1.70 -36.08 -16.79
CA ALA A 185 2.40 -34.82 -16.71
C ALA A 185 3.35 -34.83 -15.54
N LEU A 186 4.38 -33.97 -15.61
CA LEU A 186 5.33 -33.80 -14.53
C LEU A 186 5.22 -32.35 -14.06
N VAL A 187 4.93 -32.16 -12.77
CA VAL A 187 4.82 -30.82 -12.20
C VAL A 187 5.61 -30.76 -10.89
N LYS A 188 5.90 -29.53 -10.45
CA LYS A 188 6.34 -29.37 -9.06
C LYS A 188 5.14 -29.57 -8.13
N THR A 189 5.39 -30.13 -6.93
CA THR A 189 4.25 -30.32 -6.02
C THR A 189 3.72 -28.99 -5.50
N ASN A 190 4.49 -27.90 -5.59
CA ASN A 190 3.94 -26.59 -5.24
C ASN A 190 3.11 -25.99 -6.36
N GLN A 191 2.76 -26.80 -7.37
CA GLN A 191 1.75 -26.47 -8.35
C GLN A 191 0.41 -27.13 -8.04
N LEU A 192 0.35 -28.02 -7.04
CA LEU A 192 -0.83 -28.87 -6.86
C LEU A 192 -1.87 -28.21 -5.95
N LEU A 193 -3.14 -28.41 -6.29
CA LEU A 193 -4.27 -27.92 -5.50
C LEU A 193 -5.32 -29.02 -5.46
N PRO A 194 -6.13 -29.06 -4.43
CA PRO A 194 -7.18 -30.10 -4.37
C PRO A 194 -8.26 -29.91 -5.44
N LYS A 195 -8.65 -31.03 -6.09
CA LYS A 195 -9.73 -30.99 -7.10
C LYS A 195 -11.06 -30.59 -6.45
N PRO A 196 -11.79 -29.62 -7.02
CA PRO A 196 -13.21 -29.37 -6.63
C PRO A 196 -14.09 -30.58 -6.86
N LYS A 197 -14.73 -31.04 -5.77
CA LYS A 197 -15.38 -32.34 -5.81
C LYS A 197 -16.71 -32.32 -6.58
N HIS A 198 -17.34 -31.16 -6.76
CA HIS A 198 -18.64 -31.10 -7.44
C HIS A 198 -18.52 -31.00 -8.95
N LEU A 199 -17.29 -30.97 -9.49
CA LEU A 199 -17.06 -30.78 -10.90
C LEU A 199 -16.57 -32.07 -11.56
N THR A 200 -16.91 -32.22 -12.84
CA THR A 200 -16.33 -33.29 -13.68
C THR A 200 -14.86 -33.00 -13.95
N TRP A 201 -14.14 -34.01 -14.45
CA TRP A 201 -12.71 -33.81 -14.73
C TRP A 201 -12.49 -32.63 -15.67
N GLU A 202 -13.23 -32.57 -16.78
CA GLU A 202 -13.02 -31.51 -17.76
C GLU A 202 -13.41 -30.16 -17.19
N GLU A 203 -14.45 -30.15 -16.36
CA GLU A 203 -14.83 -28.88 -15.72
C GLU A 203 -13.74 -28.41 -14.77
N ALA A 204 -13.21 -29.32 -13.95
CA ALA A 204 -12.21 -28.95 -12.97
C ALA A 204 -10.89 -28.52 -13.61
N ALA A 205 -10.57 -29.03 -14.80
CA ALA A 205 -9.36 -28.63 -15.48
C ALA A 205 -9.48 -27.26 -16.11
N SER A 206 -10.68 -26.75 -16.27
CA SER A 206 -10.84 -25.56 -17.12
C SER A 206 -10.51 -24.24 -16.42
N PRO A 207 -10.72 -24.03 -15.11
CA PRO A 207 -10.46 -22.68 -14.53
C PRO A 207 -8.99 -22.37 -14.36
N GLY A 208 -8.14 -23.36 -14.08
CA GLY A 208 -6.85 -23.07 -13.46
C GLY A 208 -6.12 -21.84 -13.94
N LEU A 209 -5.72 -21.85 -15.20
CA LEU A 209 -4.88 -20.74 -15.67
C LEU A 209 -5.65 -19.43 -15.66
N VAL A 210 -6.80 -19.37 -16.33
CA VAL A 210 -7.38 -18.04 -16.54
C VAL A 210 -8.03 -17.51 -15.25
N ASN A 211 -8.55 -18.41 -14.40
CA ASN A 211 -9.17 -17.99 -13.15
C ASN A 211 -8.12 -17.44 -12.20
N SER A 212 -6.97 -18.13 -12.07
CA SER A 212 -5.92 -17.59 -11.20
C SER A 212 -5.44 -16.24 -11.70
N THR A 213 -5.28 -16.12 -13.01
CA THR A 213 -4.76 -14.86 -13.57
C THR A 213 -5.76 -13.73 -13.30
N ALA A 214 -7.05 -13.99 -13.56
CA ALA A 214 -8.08 -12.98 -13.33
C ALA A 214 -8.14 -12.58 -11.85
N TYR A 215 -7.98 -13.55 -10.95
CA TYR A 215 -7.98 -13.27 -9.51
C TYR A 215 -6.82 -12.33 -9.15
N ARG A 216 -5.60 -12.64 -9.57
CA ARG A 216 -4.51 -11.70 -9.21
C ARG A 216 -4.75 -10.32 -9.84
N GLN A 217 -5.20 -10.29 -11.10
CA GLN A 217 -5.25 -9.06 -11.87
C GLN A 217 -6.35 -8.13 -11.33
N LEU A 218 -7.50 -8.68 -10.90
CA LEU A 218 -8.63 -7.87 -10.48
C LEU A 218 -8.85 -7.84 -8.96
N VAL A 219 -8.75 -8.97 -8.27
CA VAL A 219 -9.15 -9.08 -6.86
C VAL A 219 -8.02 -8.72 -5.93
N SER A 220 -6.81 -9.26 -6.16
CA SER A 220 -5.72 -9.15 -5.19
C SER A 220 -5.13 -7.75 -5.13
N ARG A 221 -4.43 -7.48 -4.01
CA ARG A 221 -3.72 -6.22 -3.87
C ARG A 221 -2.51 -6.12 -4.80
N ASN A 222 -2.08 -7.24 -5.39
CA ASN A 222 -0.98 -7.18 -6.37
C ASN A 222 -1.46 -6.74 -7.74
N GLY A 223 -2.78 -6.65 -7.96
CA GLY A 223 -3.34 -6.17 -9.21
C GLY A 223 -4.14 -4.89 -8.96
N ALA A 224 -5.42 -4.90 -9.35
CA ALA A 224 -6.26 -3.70 -9.25
C ALA A 224 -6.91 -3.52 -7.88
N GLY A 225 -7.00 -4.56 -7.05
CA GLY A 225 -7.61 -4.38 -5.74
C GLY A 225 -9.04 -3.89 -5.76
N LEU A 226 -9.90 -4.63 -6.48
CA LEU A 226 -11.31 -4.29 -6.62
C LEU A 226 -12.01 -4.07 -5.28
N LYS A 227 -12.94 -3.10 -5.22
CA LYS A 227 -13.85 -3.00 -4.06
C LYS A 227 -15.29 -2.84 -4.53
N GLN A 228 -16.24 -3.20 -3.65
CA GLN A 228 -17.64 -3.12 -4.05
C GLN A 228 -17.98 -1.67 -4.35
N GLY A 229 -18.83 -1.46 -5.35
CA GLY A 229 -19.11 -0.12 -5.83
C GLY A 229 -18.29 0.30 -7.05
N ASP A 230 -17.14 -0.33 -7.30
CA ASP A 230 -16.34 0.09 -8.48
C ASP A 230 -17.09 -0.20 -9.76
N ASN A 231 -16.82 0.61 -10.80
CA ASN A 231 -17.18 0.29 -12.17
C ASN A 231 -15.94 -0.26 -12.88
N VAL A 232 -16.09 -1.37 -13.59
CA VAL A 232 -14.96 -2.10 -14.18
C VAL A 232 -15.23 -2.39 -15.66
N LEU A 233 -14.38 -1.89 -16.57
CA LEU A 233 -14.55 -2.20 -18.00
C LEU A 233 -13.85 -3.53 -18.23
N ILE A 234 -14.57 -4.55 -18.74
CA ILE A 234 -13.99 -5.89 -18.93
C ILE A 234 -13.96 -6.17 -20.42
N TRP A 235 -12.77 -6.08 -21.04
CA TRP A 235 -12.68 -6.51 -22.45
C TRP A 235 -12.82 -8.02 -22.56
N GLY A 236 -13.32 -8.48 -23.71
CA GLY A 236 -13.37 -9.94 -23.95
C GLY A 236 -14.12 -10.71 -22.89
N ALA A 237 -15.25 -10.15 -22.43
CA ALA A 237 -15.90 -10.61 -21.20
C ALA A 237 -16.44 -12.03 -21.28
N SER A 238 -16.65 -12.59 -22.47
N SER A 238 -16.64 -12.59 -22.48
N SER A 238 -16.64 -12.60 -22.47
CA SER A 238 -17.12 -13.96 -22.59
CA SER A 238 -17.12 -13.95 -22.64
CA SER A 238 -17.10 -13.98 -22.60
C SER A 238 -16.03 -14.94 -23.01
C SER A 238 -16.05 -14.89 -23.20
C SER A 238 -16.04 -14.91 -23.18
N GLY A 239 -14.77 -14.50 -23.13
CA GLY A 239 -13.65 -15.39 -23.42
C GLY A 239 -13.13 -16.00 -22.12
N GLY A 240 -11.93 -16.58 -22.20
CA GLY A 240 -11.34 -17.26 -21.03
C GLY A 240 -11.13 -16.36 -19.81
N LEU A 241 -10.22 -15.38 -19.89
CA LEU A 241 -10.03 -14.47 -18.77
C LEU A 241 -11.33 -13.76 -18.42
N GLY A 242 -12.03 -13.25 -19.44
CA GLY A 242 -13.16 -12.39 -19.12
C GLY A 242 -14.29 -13.15 -18.47
N SER A 243 -14.41 -14.45 -18.77
CA SER A 243 -15.47 -15.26 -18.14
C SER A 243 -15.25 -15.39 -16.64
N TYR A 244 -14.01 -15.24 -16.15
CA TYR A 244 -13.80 -15.19 -14.71
C TYR A 244 -13.79 -13.77 -14.18
N ALA A 245 -13.19 -12.83 -14.91
CA ALA A 245 -13.21 -11.43 -14.47
C ALA A 245 -14.64 -10.94 -14.22
N THR A 246 -15.55 -11.24 -15.14
CA THR A 246 -16.94 -10.82 -14.95
C THR A 246 -17.51 -11.40 -13.64
N GLN A 247 -17.22 -12.68 -13.38
CA GLN A 247 -17.70 -13.29 -12.15
C GLN A 247 -17.12 -12.62 -10.93
N TYR A 248 -15.83 -12.26 -10.96
CA TYR A 248 -15.26 -11.62 -9.77
C TYR A 248 -15.85 -10.24 -9.57
N ALA A 249 -16.08 -9.51 -10.67
CA ALA A 249 -16.67 -8.18 -10.52
C ALA A 249 -18.04 -8.27 -9.86
N LEU A 250 -18.87 -9.21 -10.33
CA LEU A 250 -20.23 -9.32 -9.78
C LEU A 250 -20.21 -9.82 -8.33
N ALA A 251 -19.47 -10.89 -8.06
CA ALA A 251 -19.43 -11.44 -6.69
C ALA A 251 -18.78 -10.48 -5.69
N GLY A 252 -17.91 -9.57 -6.15
CA GLY A 252 -17.26 -8.59 -5.28
C GLY A 252 -18.09 -7.35 -5.06
N GLY A 253 -19.29 -7.29 -5.66
CA GLY A 253 -20.17 -6.14 -5.44
C GLY A 253 -19.89 -4.97 -6.35
N ALA A 254 -19.13 -5.19 -7.42
CA ALA A 254 -18.82 -4.16 -8.39
C ALA A 254 -19.75 -4.27 -9.59
N THR A 255 -19.61 -3.29 -10.49
CA THR A 255 -20.45 -3.23 -11.69
C THR A 255 -19.60 -3.46 -12.94
N PRO A 256 -19.72 -4.61 -13.61
CA PRO A 256 -18.95 -4.84 -14.83
C PRO A 256 -19.64 -4.18 -16.01
N ILE A 257 -18.82 -3.57 -16.88
CA ILE A 257 -19.25 -3.16 -18.21
C ILE A 257 -18.57 -4.14 -19.16
N CYS A 258 -19.32 -5.08 -19.71
CA CYS A 258 -18.76 -6.23 -20.44
C CYS A 258 -18.66 -5.89 -21.92
N VAL A 259 -17.50 -6.14 -22.54
CA VAL A 259 -17.38 -5.94 -23.98
C VAL A 259 -17.28 -7.31 -24.64
N VAL A 260 -18.10 -7.52 -25.69
CA VAL A 260 -18.13 -8.76 -26.47
C VAL A 260 -18.30 -8.38 -27.93
N SER A 261 -18.26 -9.40 -28.83
CA SER A 261 -18.37 -9.13 -30.26
C SER A 261 -19.51 -9.90 -30.93
N SER A 262 -20.48 -10.44 -30.19
CA SER A 262 -21.65 -11.05 -30.83
C SER A 262 -22.84 -10.98 -29.89
N PRO A 263 -24.07 -11.03 -30.43
CA PRO A 263 -25.25 -11.09 -29.55
C PRO A 263 -25.30 -12.38 -28.73
N ARG A 264 -24.80 -13.50 -29.26
CA ARG A 264 -24.74 -14.74 -28.49
C ARG A 264 -23.90 -14.58 -27.22
N LYS A 265 -22.75 -13.93 -27.32
CA LYS A 265 -21.95 -13.72 -26.11
C LYS A 265 -22.61 -12.72 -25.19
N ALA A 266 -23.33 -11.73 -25.75
CA ALA A 266 -24.03 -10.79 -24.89
C ALA A 266 -25.04 -11.51 -24.01
N ASP A 267 -25.73 -12.51 -24.58
CA ASP A 267 -26.72 -13.28 -23.82
C ASP A 267 -26.08 -14.06 -22.68
N ILE A 268 -24.88 -14.61 -22.91
CA ILE A 268 -24.15 -15.31 -21.85
C ILE A 268 -23.82 -14.33 -20.72
N CYS A 269 -23.33 -13.14 -21.07
CA CYS A 269 -23.04 -12.14 -20.02
C CYS A 269 -24.28 -11.85 -19.20
N ARG A 270 -25.45 -11.78 -19.83
CA ARG A 270 -26.68 -11.56 -19.04
C ARG A 270 -26.98 -12.76 -18.17
N ALA A 271 -26.75 -13.96 -18.68
CA ALA A 271 -26.91 -15.17 -17.87
C ALA A 271 -25.99 -15.16 -16.64
N MET A 272 -24.77 -14.61 -16.78
CA MET A 272 -23.86 -14.49 -15.63
C MET A 272 -24.37 -13.44 -14.62
N GLY A 273 -25.26 -12.56 -15.04
CA GLY A 273 -25.78 -11.52 -14.20
C GLY A 273 -25.36 -10.10 -14.53
N ALA A 274 -24.61 -9.89 -15.62
CA ALA A 274 -24.24 -8.54 -16.00
C ALA A 274 -25.40 -7.90 -16.75
N GLU A 275 -25.47 -6.58 -16.65
CA GLU A 275 -26.49 -5.80 -17.35
C GLU A 275 -25.92 -4.85 -18.39
N ALA A 276 -24.73 -4.31 -18.14
CA ALA A 276 -24.11 -3.31 -19.01
C ALA A 276 -23.21 -4.07 -19.98
N ILE A 277 -23.66 -4.23 -21.23
CA ILE A 277 -22.94 -5.02 -22.22
C ILE A 277 -22.79 -4.17 -23.49
N ILE A 278 -21.56 -4.02 -23.98
CA ILE A 278 -21.23 -3.33 -25.23
C ILE A 278 -20.79 -4.38 -26.27
N ASP A 279 -21.42 -4.37 -27.45
CA ASP A 279 -20.99 -5.25 -28.54
C ASP A 279 -20.08 -4.44 -29.46
N ARG A 280 -18.76 -4.72 -29.40
CA ARG A 280 -17.83 -3.87 -30.14
C ARG A 280 -17.99 -3.99 -31.65
N SER A 281 -18.54 -5.12 -32.12
N SER A 281 -18.55 -5.10 -32.13
CA SER A 281 -18.79 -5.26 -33.56
CA SER A 281 -18.80 -5.27 -33.56
C SER A 281 -19.95 -4.37 -33.99
C SER A 281 -19.99 -4.44 -34.03
N ALA A 282 -21.07 -4.45 -33.26
CA ALA A 282 -22.22 -3.60 -33.57
C ALA A 282 -21.88 -2.12 -33.48
N GLU A 283 -21.04 -1.70 -32.50
CA GLU A 283 -20.67 -0.29 -32.38
C GLU A 283 -19.68 0.13 -33.45
N GLY A 284 -18.92 -0.81 -34.01
CA GLY A 284 -18.00 -0.49 -35.09
C GLY A 284 -16.82 0.38 -34.69
N TYR A 285 -16.29 0.23 -33.47
CA TYR A 285 -15.17 1.10 -33.08
C TYR A 285 -13.96 0.87 -33.98
N ARG A 286 -13.36 1.97 -34.43
CA ARG A 286 -12.12 1.97 -35.20
C ARG A 286 -11.12 2.84 -34.43
N PHE A 287 -10.48 2.26 -33.40
CA PHE A 287 -9.60 3.10 -32.58
C PHE A 287 -8.35 3.55 -33.33
N TRP A 288 -7.98 2.84 -34.38
CA TRP A 288 -6.85 3.24 -35.20
C TRP A 288 -7.34 3.69 -36.57
N LYS A 289 -6.92 4.91 -36.95
CA LYS A 289 -7.22 5.47 -38.28
C LYS A 289 -6.46 4.76 -39.39
N ASP A 290 -5.21 4.41 -39.13
CA ASP A 290 -4.31 3.75 -40.06
C ASP A 290 -3.27 3.02 -39.22
N GLU A 291 -2.20 2.56 -39.86
N GLU A 291 -2.20 2.60 -39.88
CA GLU A 291 -1.29 1.67 -39.14
CA GLU A 291 -1.23 1.72 -39.25
C GLU A 291 -0.53 2.38 -38.04
C GLU A 291 -0.53 2.39 -38.08
N HIS A 292 -0.41 3.72 -38.12
CA HIS A 292 0.42 4.44 -37.17
C HIS A 292 -0.28 5.47 -36.29
N HIS A 293 -1.56 5.77 -36.53
CA HIS A 293 -2.24 6.85 -35.81
C HIS A 293 -3.60 6.41 -35.29
N GLN A 294 -3.91 6.80 -34.05
CA GLN A 294 -5.22 6.48 -33.48
C GLN A 294 -6.21 7.61 -33.72
N ASP A 295 -7.46 7.35 -33.36
CA ASP A 295 -8.56 8.31 -33.53
C ASP A 295 -9.17 8.63 -32.17
N PRO A 296 -8.76 9.73 -31.53
CA PRO A 296 -9.35 10.10 -30.24
C PRO A 296 -10.86 10.27 -30.27
N ARG A 297 -11.46 10.56 -31.43
CA ARG A 297 -12.91 10.65 -31.47
C ARG A 297 -13.54 9.31 -31.14
N GLU A 298 -12.88 8.22 -31.51
CA GLU A 298 -13.39 6.89 -31.23
C GLU A 298 -13.14 6.50 -29.78
N TRP A 299 -12.02 6.92 -29.19
CA TRP A 299 -11.88 6.78 -27.74
C TRP A 299 -13.06 7.43 -27.03
N LYS A 300 -13.44 8.61 -27.48
CA LYS A 300 -14.47 9.38 -26.80
C LYS A 300 -15.85 8.77 -27.00
N ARG A 301 -16.10 8.21 -28.19
CA ARG A 301 -17.36 7.50 -28.41
C ARG A 301 -17.52 6.30 -27.47
N LEU A 302 -16.46 5.51 -27.28
CA LEU A 302 -16.50 4.44 -26.27
C LEU A 302 -16.78 5.01 -24.88
N GLY A 303 -16.07 6.08 -24.51
CA GLY A 303 -16.29 6.65 -23.19
C GLY A 303 -17.73 7.11 -22.98
N GLY A 304 -18.33 7.67 -24.03
CA GLY A 304 -19.71 8.12 -23.91
C GLY A 304 -20.67 6.95 -23.75
N LYS A 305 -20.39 5.84 -24.44
CA LYS A 305 -21.24 4.66 -24.32
C LYS A 305 -21.17 4.07 -22.91
N ILE A 306 -19.95 4.03 -22.34
CA ILE A 306 -19.82 3.57 -20.95
C ILE A 306 -20.65 4.45 -20.02
N ARG A 307 -20.60 5.78 -20.20
CA ARG A 307 -21.34 6.70 -19.32
C ARG A 307 -22.86 6.51 -19.42
N GLU A 308 -23.36 6.02 -20.55
CA GLU A 308 -24.79 5.72 -20.64
C GLU A 308 -25.19 4.63 -19.65
N PHE A 309 -24.30 3.67 -19.38
CA PHE A 309 -24.64 2.58 -18.48
C PHE A 309 -24.42 2.92 -17.03
N THR A 310 -23.47 3.81 -16.73
CA THR A 310 -23.08 4.09 -15.36
C THR A 310 -23.74 5.33 -14.79
N GLY A 311 -24.60 6.00 -15.55
CA GLY A 311 -25.11 7.25 -15.02
C GLY A 311 -24.12 8.39 -15.05
N GLY A 312 -23.20 8.41 -16.00
CA GLY A 312 -22.24 9.47 -16.13
C GLY A 312 -20.92 9.25 -15.43
N GLU A 313 -20.67 8.06 -14.89
CA GLU A 313 -19.40 7.76 -14.20
C GLU A 313 -18.40 7.07 -15.14
N ASP A 314 -17.10 7.40 -14.99
CA ASP A 314 -16.04 6.68 -15.71
C ASP A 314 -15.54 5.53 -14.86
N VAL A 315 -14.99 4.50 -15.51
CA VAL A 315 -14.65 3.27 -14.82
C VAL A 315 -13.45 3.47 -13.91
N ASP A 316 -13.51 2.86 -12.73
CA ASP A 316 -12.39 2.84 -11.82
C ASP A 316 -11.24 1.95 -12.32
N ILE A 317 -11.57 0.87 -13.02
CA ILE A 317 -10.58 -0.14 -13.41
C ILE A 317 -10.89 -0.53 -14.85
N VAL A 318 -9.84 -0.68 -15.70
CA VAL A 318 -9.97 -1.37 -16.99
C VAL A 318 -9.19 -2.69 -16.90
N PHE A 319 -9.87 -3.79 -17.21
CA PHE A 319 -9.28 -5.13 -17.27
C PHE A 319 -8.83 -5.33 -18.72
N GLU A 320 -7.54 -5.09 -18.98
CA GLU A 320 -6.96 -5.12 -20.32
C GLU A 320 -6.31 -6.47 -20.62
N HIS A 321 -6.17 -6.74 -21.91
CA HIS A 321 -5.50 -7.91 -22.45
C HIS A 321 -5.56 -7.87 -23.99
N PRO A 322 -6.52 -7.19 -24.64
CA PRO A 322 -6.44 -7.15 -26.11
C PRO A 322 -5.22 -6.41 -26.62
N GLY A 323 -4.70 -5.42 -25.91
CA GLY A 323 -3.43 -4.87 -26.35
C GLY A 323 -3.54 -3.68 -27.30
N ARG A 324 -2.71 -3.67 -28.34
N ARG A 324 -2.68 -3.64 -28.33
CA ARG A 324 -2.51 -2.47 -29.16
CA ARG A 324 -2.53 -2.42 -29.14
C ARG A 324 -3.82 -1.86 -29.65
C ARG A 324 -3.86 -1.84 -29.60
N GLU A 325 -4.76 -2.68 -30.12
CA GLU A 325 -5.98 -2.13 -30.72
C GLU A 325 -6.78 -1.28 -29.72
N THR A 326 -6.87 -1.72 -28.45
CA THR A 326 -7.77 -1.13 -27.47
C THR A 326 -7.06 -0.27 -26.43
N PHE A 327 -5.73 -0.34 -26.36
CA PHE A 327 -5.07 0.19 -25.17
C PHE A 327 -5.11 1.72 -25.08
N GLY A 328 -5.06 2.43 -26.22
CA GLY A 328 -5.20 3.88 -26.13
C GLY A 328 -6.55 4.27 -25.57
N ALA A 329 -7.60 3.58 -26.00
CA ALA A 329 -8.95 3.83 -25.50
C ALA A 329 -9.04 3.54 -24.02
N SER A 330 -8.42 2.42 -23.61
CA SER A 330 -8.49 2.01 -22.22
C SER A 330 -7.91 3.08 -21.32
N VAL A 331 -6.74 3.64 -21.68
CA VAL A 331 -6.15 4.70 -20.86
C VAL A 331 -7.04 5.94 -20.84
N TYR A 332 -7.57 6.35 -22.00
CA TYR A 332 -8.43 7.52 -22.09
C TYR A 332 -9.68 7.41 -21.21
N VAL A 333 -10.40 6.27 -21.26
CA VAL A 333 -11.72 6.24 -20.63
C VAL A 333 -11.65 6.08 -19.11
N THR A 334 -10.49 5.72 -18.56
CA THR A 334 -10.40 5.45 -17.13
C THR A 334 -10.63 6.73 -16.30
N ARG A 335 -11.27 6.58 -15.14
CA ARG A 335 -11.51 7.68 -14.22
C ARG A 335 -10.19 8.30 -13.72
N LYS A 336 -10.25 9.59 -13.33
CA LYS A 336 -9.14 10.22 -12.63
C LYS A 336 -8.73 9.37 -11.40
N GLY A 337 -7.45 9.01 -11.29
CA GLY A 337 -6.97 8.18 -10.20
C GLY A 337 -7.17 6.70 -10.42
N GLY A 338 -7.69 6.30 -11.59
CA GLY A 338 -8.06 4.91 -11.84
C GLY A 338 -6.86 4.08 -12.32
N THR A 339 -7.13 2.80 -12.59
CA THR A 339 -6.10 1.81 -12.90
C THR A 339 -6.45 1.05 -14.17
N ILE A 340 -5.45 0.87 -15.04
CA ILE A 340 -5.56 -0.04 -16.19
C ILE A 340 -4.66 -1.22 -15.85
N VAL A 341 -5.23 -2.41 -15.67
CA VAL A 341 -4.39 -3.56 -15.33
C VAL A 341 -4.29 -4.48 -16.56
N THR A 342 -3.06 -4.88 -16.93
CA THR A 342 -2.87 -5.56 -18.22
C THR A 342 -2.04 -6.82 -18.00
N CYS A 343 -2.47 -7.94 -18.61
CA CYS A 343 -1.69 -9.16 -18.52
C CYS A 343 -1.42 -9.76 -19.90
N ALA A 344 -1.58 -8.97 -20.98
CA ALA A 344 -1.49 -9.56 -22.32
C ALA A 344 -1.57 -8.47 -23.37
N SER A 345 -1.29 -8.88 -24.61
CA SER A 345 -1.47 -7.98 -25.79
C SER A 345 -1.81 -8.83 -27.01
N THR A 346 -3.03 -9.41 -27.04
CA THR A 346 -3.40 -10.35 -28.12
C THR A 346 -3.27 -9.72 -29.50
N SER A 347 -3.69 -8.45 -29.63
CA SER A 347 -3.74 -7.77 -30.94
C SER A 347 -2.41 -7.10 -31.29
N GLY A 348 -1.38 -7.21 -30.45
CA GLY A 348 -0.11 -6.55 -30.71
C GLY A 348 0.50 -5.96 -29.45
N TYR A 349 1.79 -6.21 -29.21
CA TYR A 349 2.39 -5.77 -27.95
C TYR A 349 3.05 -4.39 -28.01
N MET A 350 3.10 -3.72 -29.18
CA MET A 350 3.62 -2.34 -29.20
C MET A 350 2.47 -1.37 -28.93
N HIS A 351 2.31 -1.06 -27.65
CA HIS A 351 1.19 -0.23 -27.20
C HIS A 351 1.52 1.22 -27.47
N GLN A 352 0.50 2.00 -27.82
CA GLN A 352 0.61 3.45 -27.95
C GLN A 352 -0.51 4.10 -27.11
N TYR A 353 -0.19 5.14 -26.35
CA TYR A 353 -1.23 5.85 -25.60
C TYR A 353 -0.78 7.30 -25.38
N ASP A 354 -1.76 8.16 -25.09
CA ASP A 354 -1.54 9.58 -24.84
C ASP A 354 -1.21 9.82 -23.38
N ASN A 355 0.05 10.13 -23.08
CA ASN A 355 0.47 10.17 -21.69
C ASN A 355 -0.13 11.36 -20.94
N ARG A 356 -0.61 12.38 -21.65
CA ARG A 356 -1.33 13.47 -20.96
C ARG A 356 -2.47 12.93 -20.13
N TYR A 357 -3.23 11.97 -20.67
CA TYR A 357 -4.33 11.42 -19.87
C TYR A 357 -3.82 10.63 -18.66
N LEU A 358 -2.69 9.96 -18.78
CA LEU A 358 -2.18 9.22 -17.65
C LEU A 358 -1.63 10.15 -16.57
N TRP A 359 -0.77 11.09 -16.93
CA TRP A 359 -0.13 11.91 -15.85
C TRP A 359 -1.05 13.00 -15.32
N MET A 360 -1.80 13.67 -16.18
CA MET A 360 -2.67 14.77 -15.69
C MET A 360 -3.83 14.25 -14.84
N SER A 361 -4.28 13.01 -15.10
CA SER A 361 -5.38 12.39 -14.35
C SER A 361 -4.89 11.37 -13.30
N LEU A 362 -3.58 11.28 -13.10
CA LEU A 362 -3.00 10.50 -12.00
C LEU A 362 -3.42 9.04 -12.10
N LYS A 363 -3.42 8.51 -13.33
CA LYS A 363 -3.79 7.11 -13.54
C LYS A 363 -2.55 6.23 -13.50
N ARG A 364 -2.77 4.91 -13.45
CA ARG A 364 -1.63 4.00 -13.45
C ARG A 364 -1.93 2.79 -14.32
N ILE A 365 -0.89 2.26 -14.96
CA ILE A 365 -0.96 1.03 -15.75
C ILE A 365 -0.19 -0.03 -14.97
N VAL A 366 -0.87 -1.09 -14.56
CA VAL A 366 -0.24 -2.10 -13.72
C VAL A 366 -0.07 -3.36 -14.54
N GLY A 367 1.17 -3.82 -14.69
CA GLY A 367 1.42 -5.11 -15.33
C GLY A 367 1.20 -6.26 -14.37
N SER A 368 0.50 -7.30 -14.84
CA SER A 368 0.19 -8.44 -14.01
C SER A 368 0.51 -9.70 -14.82
N HIS A 369 0.95 -10.74 -14.15
CA HIS A 369 1.34 -11.96 -14.87
C HIS A 369 0.96 -13.12 -13.97
N PHE A 370 0.27 -14.12 -14.54
CA PHE A 370 -0.28 -15.28 -13.81
C PHE A 370 -0.65 -15.00 -12.35
N ALA A 371 -0.09 -15.76 -11.38
CA ALA A 371 -0.50 -15.67 -9.98
C ALA A 371 0.51 -16.46 -9.16
N ASN A 372 0.73 -16.03 -7.92
CA ASN A 372 1.53 -16.87 -7.03
C ASN A 372 0.66 -17.97 -6.40
N TYR A 373 1.31 -18.93 -5.72
CA TYR A 373 0.57 -20.10 -5.21
C TYR A 373 -0.56 -19.69 -4.27
N ARG A 374 -0.33 -18.66 -3.44
CA ARG A 374 -1.37 -18.24 -2.49
C ARG A 374 -2.58 -17.70 -3.23
N GLU A 375 -2.34 -16.88 -4.26
CA GLU A 375 -3.42 -16.40 -5.12
C GLU A 375 -4.12 -17.55 -5.85
N ALA A 376 -3.34 -18.52 -6.40
CA ALA A 376 -3.96 -19.63 -7.10
C ALA A 376 -4.79 -20.47 -6.13
N PHE A 377 -4.33 -20.60 -4.89
CA PHE A 377 -5.09 -21.34 -3.90
C PHE A 377 -6.42 -20.63 -3.58
N GLU A 378 -6.36 -19.30 -3.46
CA GLU A 378 -7.57 -18.54 -3.12
C GLU A 378 -8.58 -18.63 -4.26
N ALA A 379 -8.11 -18.55 -5.51
CA ALA A 379 -9.02 -18.65 -6.66
C ALA A 379 -9.66 -20.03 -6.73
N ASN A 380 -8.87 -21.07 -6.53
CA ASN A 380 -9.42 -22.42 -6.57
C ASN A 380 -10.34 -22.68 -5.38
N ARG A 381 -10.03 -22.08 -4.23
CA ARG A 381 -10.94 -22.15 -3.08
C ARG A 381 -12.33 -21.61 -3.41
N LEU A 382 -12.40 -20.47 -4.11
CA LEU A 382 -13.72 -19.92 -4.46
C LEU A 382 -14.47 -20.80 -5.45
N VAL A 383 -13.78 -21.54 -6.33
CA VAL A 383 -14.46 -22.54 -7.16
C VAL A 383 -14.98 -23.68 -6.28
N ALA A 384 -14.12 -24.22 -5.40
CA ALA A 384 -14.52 -25.31 -4.52
C ALA A 384 -15.69 -24.94 -3.63
N LYS A 385 -15.80 -23.67 -3.22
CA LYS A 385 -16.93 -23.24 -2.39
C LYS A 385 -18.21 -22.99 -3.19
N GLY A 386 -18.15 -23.11 -4.51
CA GLY A 386 -19.30 -22.82 -5.37
C GLY A 386 -19.60 -21.33 -5.51
N LYS A 387 -18.59 -20.47 -5.32
CA LYS A 387 -18.74 -19.02 -5.49
C LYS A 387 -18.33 -18.54 -6.87
N ILE A 388 -17.46 -19.30 -7.53
CA ILE A 388 -16.98 -19.03 -8.88
C ILE A 388 -17.18 -20.33 -9.66
N HIS A 389 -17.64 -20.24 -10.91
CA HIS A 389 -18.06 -21.45 -11.62
C HIS A 389 -17.25 -21.66 -12.89
N PRO A 390 -17.04 -22.92 -13.32
CA PRO A 390 -16.33 -23.17 -14.59
C PRO A 390 -17.16 -22.69 -15.78
N THR A 391 -16.46 -22.41 -16.88
CA THR A 391 -17.04 -21.74 -18.05
C THR A 391 -16.78 -22.56 -19.32
N LEU A 392 -16.85 -23.87 -19.18
CA LEU A 392 -16.60 -24.76 -20.31
C LEU A 392 -17.71 -24.66 -21.36
N SER A 393 -17.32 -24.47 -22.63
CA SER A 393 -18.30 -24.41 -23.70
C SER A 393 -18.32 -25.66 -24.57
N LYS A 394 -17.17 -26.31 -24.76
CA LYS A 394 -17.06 -27.41 -25.70
C LYS A 394 -15.85 -28.23 -25.27
N VAL A 395 -15.91 -29.56 -25.49
CA VAL A 395 -14.85 -30.50 -25.12
C VAL A 395 -14.44 -31.29 -26.36
N TYR A 396 -13.13 -31.35 -26.61
CA TYR A 396 -12.55 -32.16 -27.68
C TYR A 396 -11.78 -33.35 -27.13
N ALA A 397 -11.65 -34.40 -27.95
CA ALA A 397 -10.70 -35.47 -27.64
C ALA A 397 -9.26 -34.97 -27.76
N LEU A 398 -8.35 -35.64 -27.03
CA LEU A 398 -6.92 -35.32 -27.14
C LEU A 398 -6.44 -35.28 -28.58
N GLU A 399 -6.89 -36.27 -29.39
CA GLU A 399 -6.46 -36.36 -30.79
C GLU A 399 -6.86 -35.12 -31.60
N GLU A 400 -7.84 -34.35 -31.13
CA GLU A 400 -8.39 -33.19 -31.84
C GLU A 400 -7.95 -31.85 -31.22
N THR A 401 -6.84 -31.84 -30.48
CA THR A 401 -6.36 -30.62 -29.85
C THR A 401 -6.05 -29.54 -30.87
N GLY A 402 -5.62 -29.93 -32.07
CA GLY A 402 -5.33 -28.94 -33.11
C GLY A 402 -6.56 -28.13 -33.51
N GLN A 403 -7.70 -28.79 -33.72
CA GLN A 403 -8.94 -28.05 -33.99
C GLN A 403 -9.35 -27.17 -32.79
N ALA A 404 -9.18 -27.68 -31.57
CA ALA A 404 -9.49 -26.86 -30.41
C ALA A 404 -8.64 -25.59 -30.40
N ALA A 405 -7.34 -25.72 -30.70
CA ALA A 405 -6.48 -24.55 -30.76
C ALA A 405 -6.87 -23.62 -31.89
N LEU A 406 -7.31 -24.18 -33.03
CA LEU A 406 -7.73 -23.31 -34.11
C LEU A 406 -8.97 -22.49 -33.74
N ASP A 407 -9.93 -23.11 -33.03
CA ASP A 407 -11.11 -22.39 -32.54
C ASP A 407 -10.69 -21.11 -31.81
N VAL A 408 -9.76 -21.24 -30.85
CA VAL A 408 -9.35 -20.06 -30.08
C VAL A 408 -8.58 -19.07 -30.95
N HIS A 409 -7.66 -19.59 -31.76
CA HIS A 409 -6.84 -18.78 -32.66
C HIS A 409 -7.70 -17.84 -33.50
N HIS A 410 -8.85 -18.34 -33.96
CA HIS A 410 -9.72 -17.57 -34.84
C HIS A 410 -10.88 -16.93 -34.09
N ASN A 411 -10.87 -16.97 -32.75
CA ASN A 411 -11.92 -16.34 -31.94
C ASN A 411 -13.32 -16.89 -32.27
N LYS A 412 -13.43 -18.19 -32.50
CA LYS A 412 -14.71 -18.84 -32.81
C LYS A 412 -15.42 -19.40 -31.59
N HIS A 413 -14.81 -19.30 -30.41
CA HIS A 413 -15.24 -19.98 -29.20
C HIS A 413 -15.88 -18.98 -28.23
N GLN A 414 -16.42 -19.53 -27.13
CA GLN A 414 -16.77 -18.72 -25.95
C GLN A 414 -16.27 -19.47 -24.73
N GLY A 415 -16.04 -18.73 -23.63
CA GLY A 415 -15.57 -19.38 -22.40
C GLY A 415 -14.28 -20.17 -22.62
N LYS A 416 -14.23 -21.39 -22.05
CA LYS A 416 -13.08 -22.29 -22.14
C LYS A 416 -13.38 -23.49 -23.03
N VAL A 417 -12.38 -23.94 -23.79
CA VAL A 417 -12.46 -25.14 -24.63
C VAL A 417 -11.65 -26.22 -23.92
N GLY A 418 -12.31 -27.34 -23.59
CA GLY A 418 -11.65 -28.38 -22.82
C GLY A 418 -11.18 -29.54 -23.69
N VAL A 419 -10.30 -30.35 -23.10
CA VAL A 419 -9.71 -31.50 -23.78
C VAL A 419 -9.71 -32.71 -22.82
N LEU A 420 -10.29 -33.83 -23.25
CA LEU A 420 -10.17 -35.09 -22.51
C LEU A 420 -8.82 -35.72 -22.79
N CYS A 421 -8.14 -36.19 -21.73
CA CYS A 421 -6.83 -36.82 -21.88
C CYS A 421 -7.03 -38.30 -21.62
N LEU A 422 -6.84 -38.79 -20.39
CA LEU A 422 -7.18 -40.19 -20.10
C LEU A 422 -8.68 -40.42 -19.99
N ALA A 423 -9.46 -39.42 -19.58
CA ALA A 423 -10.89 -39.66 -19.35
C ALA A 423 -11.56 -40.16 -20.63
N PRO A 424 -12.29 -41.29 -20.58
CA PRO A 424 -12.84 -41.84 -21.84
C PRO A 424 -14.05 -41.11 -22.39
N ARG A 425 -14.73 -40.28 -21.59
CA ARG A 425 -15.90 -39.54 -22.02
C ARG A 425 -16.10 -38.39 -21.04
N GLU A 426 -17.01 -37.47 -21.39
CA GLU A 426 -17.40 -36.41 -20.46
C GLU A 426 -18.29 -36.95 -19.34
N GLY A 427 -18.37 -36.17 -18.26
CA GLY A 427 -19.34 -36.45 -17.20
C GLY A 427 -18.80 -37.22 -16.02
N LEU A 428 -17.53 -37.59 -16.01
CA LEU A 428 -16.97 -38.38 -14.92
C LEU A 428 -16.29 -37.49 -13.87
N GLY A 429 -16.18 -38.01 -12.66
CA GLY A 429 -15.33 -37.42 -11.64
C GLY A 429 -16.03 -36.61 -10.57
N VAL A 430 -17.36 -36.51 -10.60
CA VAL A 430 -18.08 -35.78 -9.56
C VAL A 430 -18.16 -36.67 -8.33
N THR A 431 -17.72 -36.17 -7.17
CA THR A 431 -17.97 -36.87 -5.92
C THR A 431 -18.71 -36.01 -4.87
N ASP A 432 -19.21 -34.81 -5.24
CA ASP A 432 -20.14 -34.02 -4.39
C ASP A 432 -21.39 -33.64 -5.18
N PRO A 433 -22.33 -34.57 -5.35
CA PRO A 433 -23.48 -34.30 -6.23
C PRO A 433 -24.44 -33.29 -5.65
N GLU A 434 -24.47 -33.11 -4.33
CA GLU A 434 -25.43 -32.17 -3.73
C GLU A 434 -25.03 -30.74 -4.05
N LEU A 435 -23.75 -30.42 -3.90
CA LEU A 435 -23.30 -29.07 -4.24
C LEU A 435 -23.39 -28.84 -5.75
N ARG A 436 -23.05 -29.85 -6.57
CA ARG A 436 -23.22 -29.72 -8.01
C ARG A 436 -24.65 -29.34 -8.38
N SER A 437 -25.65 -30.03 -7.80
N SER A 437 -25.63 -30.06 -7.81
CA SER A 437 -27.03 -29.74 -8.19
CA SER A 437 -27.01 -29.86 -8.23
C SER A 437 -27.44 -28.31 -7.83
C SER A 437 -27.52 -28.45 -7.89
N LYS A 438 -26.91 -27.78 -6.73
N LYS A 438 -27.01 -27.84 -6.81
CA LYS A 438 -27.22 -26.42 -6.32
CA LYS A 438 -27.40 -26.47 -6.50
C LYS A 438 -26.80 -25.39 -7.37
C LYS A 438 -26.98 -25.51 -7.61
N HIS A 439 -25.78 -25.71 -8.15
CA HIS A 439 -25.18 -24.73 -9.05
C HIS A 439 -25.22 -25.15 -10.52
N LEU A 440 -25.98 -26.18 -10.89
CA LEU A 440 -25.78 -26.81 -12.19
C LEU A 440 -26.14 -25.85 -13.33
N THR A 441 -27.17 -25.03 -13.15
CA THR A 441 -27.56 -24.10 -14.20
C THR A 441 -26.44 -23.10 -14.51
N LYS A 442 -25.81 -22.53 -13.47
CA LYS A 442 -24.67 -21.65 -13.72
C LYS A 442 -23.48 -22.41 -14.29
N ILE A 443 -23.24 -23.64 -13.82
CA ILE A 443 -22.08 -24.39 -14.31
C ILE A 443 -22.15 -24.61 -15.81
N ASN A 444 -23.37 -24.78 -16.35
CA ASN A 444 -23.56 -25.04 -17.77
C ASN A 444 -23.86 -23.79 -18.61
N ALA A 445 -23.67 -22.59 -18.05
CA ALA A 445 -24.08 -21.36 -18.76
C ALA A 445 -23.39 -21.17 -20.10
N PHE A 446 -22.15 -21.65 -20.25
CA PHE A 446 -21.40 -21.47 -21.50
C PHE A 446 -21.55 -22.63 -22.48
N ARG A 447 -22.27 -23.69 -22.10
CA ARG A 447 -22.33 -24.88 -22.95
C ARG A 447 -23.03 -24.57 -24.27
N ASN A 448 -22.41 -24.98 -25.38
CA ASN A 448 -23.04 -24.90 -26.72
C ASN A 448 -24.51 -25.37 -26.74
N GLU B 1 -44.59 26.18 18.55
CA GLU B 1 -44.61 26.10 17.10
C GLU B 1 -44.78 27.50 16.53
N GLY B 2 -43.65 28.15 16.21
CA GLY B 2 -43.69 29.48 15.65
C GLY B 2 -44.11 29.53 14.17
N ARG B 3 -44.58 30.73 13.78
CA ARG B 3 -45.12 30.90 12.42
C ARG B 3 -44.04 30.74 11.36
N HIS B 4 -42.83 31.29 11.60
CA HIS B 4 -41.83 31.19 10.54
C HIS B 4 -41.38 29.74 10.36
N MET B 5 -41.22 29.00 11.47
CA MET B 5 -40.87 27.58 11.36
C MET B 5 -41.99 26.81 10.68
N GLN B 6 -43.26 27.11 11.03
CA GLN B 6 -44.37 26.43 10.38
C GLN B 6 -44.39 26.70 8.88
N GLU B 7 -44.07 27.93 8.45
CA GLU B 7 -44.00 28.23 7.02
C GLU B 7 -42.89 27.45 6.30
N ILE B 8 -41.73 27.26 6.96
CA ILE B 8 -40.67 26.43 6.39
C ILE B 8 -41.14 25.00 6.19
N LEU B 9 -41.77 24.41 7.21
CA LEU B 9 -42.24 23.03 7.06
C LEU B 9 -43.31 22.93 5.97
N ASP B 10 -44.25 23.88 5.93
CA ASP B 10 -45.27 23.84 4.88
C ASP B 10 -44.62 23.83 3.49
N ALA B 11 -43.56 24.61 3.30
CA ALA B 11 -42.88 24.64 2.00
C ALA B 11 -42.29 23.27 1.66
N ILE B 12 -41.56 22.67 2.60
CA ILE B 12 -41.04 21.31 2.40
C ILE B 12 -42.16 20.34 2.05
N LEU B 13 -43.24 20.34 2.85
CA LEU B 13 -44.30 19.36 2.67
C LEU B 13 -45.06 19.57 1.36
N SER B 14 -45.02 20.78 0.78
CA SER B 14 -45.78 21.04 -0.44
C SER B 14 -45.19 20.29 -1.63
N GLY B 15 -43.91 19.93 -1.56
CA GLY B 15 -43.26 19.18 -2.62
C GLY B 15 -42.92 19.96 -3.88
N ASP B 16 -43.30 21.25 -3.97
CA ASP B 16 -43.09 22.01 -5.20
C ASP B 16 -42.50 23.41 -4.96
N ALA B 17 -41.81 23.62 -3.84
CA ALA B 17 -41.16 24.90 -3.61
C ALA B 17 -39.88 24.98 -4.43
N ALA B 18 -39.65 26.13 -5.06
CA ALA B 18 -38.45 26.33 -5.84
C ALA B 18 -37.32 26.91 -4.97
N SER B 19 -36.08 26.83 -5.48
CA SER B 19 -34.95 27.35 -4.72
C SER B 19 -35.21 28.80 -4.30
N ALA B 20 -35.75 29.62 -5.20
CA ALA B 20 -36.05 31.02 -4.87
C ALA B 20 -37.11 31.14 -3.77
N ASP B 21 -38.01 30.16 -3.67
CA ASP B 21 -39.00 30.20 -2.60
C ASP B 21 -38.36 30.01 -1.23
N TYR B 22 -37.40 29.08 -1.11
CA TYR B 22 -36.71 28.90 0.17
C TYR B 22 -35.85 30.12 0.51
N ALA B 23 -35.24 30.73 -0.52
CA ALA B 23 -34.42 31.91 -0.27
C ALA B 23 -35.26 33.05 0.28
N ALA B 24 -36.55 33.09 -0.06
CA ALA B 24 -37.45 34.16 0.35
C ALA B 24 -38.11 33.95 1.71
N LEU B 25 -38.02 32.75 2.30
CA LEU B 25 -38.69 32.51 3.56
C LEU B 25 -37.99 33.26 4.70
N ALA B 26 -38.78 33.90 5.57
CA ALA B 26 -38.22 34.50 6.78
C ALA B 26 -37.66 33.42 7.70
N LEU B 27 -36.47 33.71 8.32
CA LEU B 27 -35.98 32.70 9.26
C LEU B 27 -36.54 32.93 10.66
N PRO B 28 -36.78 31.86 11.41
CA PRO B 28 -37.23 32.03 12.80
C PRO B 28 -36.11 32.62 13.64
N GLU B 29 -36.48 33.16 14.81
CA GLU B 29 -35.42 33.66 15.67
C GLU B 29 -34.94 32.63 16.70
N SER B 30 -35.66 31.52 16.87
CA SER B 30 -35.27 30.44 17.78
C SER B 30 -35.68 29.12 17.15
N TYR B 31 -35.09 28.02 17.64
CA TYR B 31 -35.53 26.71 17.16
C TYR B 31 -35.49 25.74 18.34
N ARG B 32 -36.30 24.67 18.25
CA ARG B 32 -36.37 23.66 19.30
C ARG B 32 -35.23 22.65 19.13
N ALA B 33 -34.55 22.32 20.23
CA ALA B 33 -33.32 21.52 20.14
C ALA B 33 -33.14 20.68 21.40
N VAL B 34 -32.54 19.51 21.23
CA VAL B 34 -32.14 18.67 22.37
C VAL B 34 -30.77 19.14 22.85
N THR B 35 -30.67 19.54 24.13
CA THR B 35 -29.44 20.15 24.61
C THR B 35 -28.92 19.53 25.91
N LEU B 36 -27.62 19.70 26.14
CA LEU B 36 -27.05 19.56 27.49
C LEU B 36 -26.81 20.95 28.06
N HIS B 37 -26.77 21.06 29.40
CA HIS B 37 -26.49 22.31 30.11
C HIS B 37 -25.14 22.24 30.83
N LYS B 38 -24.28 23.25 30.66
CA LYS B 38 -22.93 23.23 31.25
C LYS B 38 -22.97 23.08 32.77
N GLY B 39 -23.92 23.75 33.43
CA GLY B 39 -24.00 23.66 34.89
C GLY B 39 -24.19 22.26 35.44
N GLU B 40 -24.59 21.31 34.60
CA GLU B 40 -24.93 19.97 35.04
C GLU B 40 -23.87 18.94 34.75
N GLU B 41 -22.69 19.33 34.24
CA GLU B 41 -21.77 18.32 33.72
C GLU B 41 -21.19 17.41 34.80
N ARG B 42 -21.32 17.78 36.08
N ARG B 42 -21.31 17.78 36.09
CA ARG B 42 -20.85 16.96 37.20
CA ARG B 42 -20.85 16.92 37.17
C ARG B 42 -21.96 16.11 37.82
C ARG B 42 -22.01 16.27 37.92
N MET B 43 -23.20 16.16 37.30
CA MET B 43 -24.36 15.63 38.05
C MET B 43 -24.27 14.13 38.29
N PHE B 44 -23.50 13.40 37.49
CA PHE B 44 -23.36 11.96 37.63
C PHE B 44 -22.07 11.54 38.33
N ASP B 45 -21.39 12.46 39.01
CA ASP B 45 -20.09 12.12 39.56
C ASP B 45 -20.23 11.03 40.62
N GLY B 46 -19.36 10.01 40.54
CA GLY B 46 -19.35 8.94 41.51
C GLY B 46 -20.27 7.78 41.19
N LEU B 47 -21.05 7.87 40.10
CA LEU B 47 -21.97 6.80 39.73
C LEU B 47 -21.32 5.86 38.72
N ALA B 48 -21.73 4.59 38.75
CA ALA B 48 -21.41 3.64 37.67
C ALA B 48 -22.13 4.07 36.39
N SER B 49 -21.46 3.86 35.24
N SER B 49 -21.47 3.85 35.23
CA SER B 49 -21.99 4.32 33.95
CA SER B 49 -22.03 4.39 33.98
C SER B 49 -23.42 3.85 33.73
C SER B 49 -23.42 3.84 33.68
N ARG B 50 -23.71 2.59 34.06
CA ARG B 50 -25.02 2.02 33.78
C ARG B 50 -26.13 2.78 34.51
N ASP B 51 -25.82 3.39 35.65
CA ASP B 51 -26.82 4.08 36.43
C ASP B 51 -27.03 5.53 36.03
N LYS B 52 -26.25 6.02 35.08
CA LYS B 52 -26.41 7.39 34.60
C LYS B 52 -27.56 7.39 33.60
N ASP B 53 -28.54 8.26 33.81
CA ASP B 53 -29.80 8.24 33.07
C ASP B 53 -29.84 9.42 32.08
N PRO B 54 -29.73 9.18 30.76
CA PRO B 54 -29.83 10.30 29.80
C PRO B 54 -31.12 11.09 29.91
N ARG B 55 -32.22 10.52 30.42
CA ARG B 55 -33.44 11.33 30.54
C ARG B 55 -33.28 12.48 31.52
N LYS B 56 -32.32 12.38 32.42
CA LYS B 56 -32.08 13.44 33.40
C LYS B 56 -31.23 14.59 32.86
N SER B 57 -30.40 14.35 31.85
CA SER B 57 -29.47 15.38 31.39
C SER B 57 -29.86 16.02 30.07
N LEU B 58 -30.72 15.38 29.28
CA LEU B 58 -31.14 15.91 27.99
C LEU B 58 -32.37 16.79 28.18
N HIS B 59 -32.30 17.99 27.66
CA HIS B 59 -33.35 19.00 27.79
C HIS B 59 -33.86 19.36 26.41
N LEU B 60 -35.16 19.68 26.29
CA LEU B 60 -35.72 20.24 25.06
C LEU B 60 -35.85 21.74 25.26
N ASP B 61 -35.05 22.51 24.53
CA ASP B 61 -34.94 23.95 24.76
C ASP B 61 -35.28 24.69 23.47
N ASP B 62 -35.64 25.98 23.59
CA ASP B 62 -35.64 26.89 22.43
C ASP B 62 -34.33 27.65 22.43
N VAL B 63 -33.56 27.51 21.36
N VAL B 63 -33.61 27.57 21.30
CA VAL B 63 -32.26 28.18 21.32
CA VAL B 63 -32.24 28.06 21.17
C VAL B 63 -32.21 29.17 20.16
C VAL B 63 -32.15 29.13 20.09
N PRO B 64 -31.41 30.23 20.28
CA PRO B 64 -31.28 31.22 19.18
C PRO B 64 -30.54 30.66 17.98
N LEU B 65 -30.87 31.21 16.80
CA LEU B 65 -30.16 30.78 15.61
C LEU B 65 -28.73 31.30 15.63
N PRO B 66 -27.73 30.47 15.33
CA PRO B 66 -26.36 30.98 15.20
C PRO B 66 -26.17 31.74 13.90
N GLU B 67 -25.14 32.61 13.89
CA GLU B 67 -24.79 33.36 12.69
C GLU B 67 -24.11 32.46 11.67
N LEU B 68 -24.58 32.53 10.41
CA LEU B 68 -24.05 31.68 9.34
C LEU B 68 -22.68 32.17 8.90
N GLY B 69 -21.73 31.27 8.74
CA GLY B 69 -20.38 31.66 8.35
C GLY B 69 -20.01 31.21 6.94
N PRO B 70 -18.82 31.61 6.49
CA PRO B 70 -18.35 31.16 5.17
C PRO B 70 -18.25 29.64 5.12
N GLY B 71 -18.62 29.08 3.99
CA GLY B 71 -18.52 27.64 3.79
C GLY B 71 -19.55 26.80 4.52
N GLU B 72 -20.59 27.43 5.08
CA GLU B 72 -21.58 26.73 5.88
C GLU B 72 -22.96 26.75 5.23
N ALA B 73 -23.83 25.88 5.75
CA ALA B 73 -25.24 25.88 5.37
C ALA B 73 -26.10 25.82 6.63
N LEU B 74 -27.23 26.52 6.60
CA LEU B 74 -28.30 26.35 7.59
C LEU B 74 -29.29 25.35 6.98
N VAL B 75 -29.62 24.31 7.73
CA VAL B 75 -30.43 23.21 7.19
C VAL B 75 -31.69 23.05 8.04
N ALA B 76 -32.82 22.85 7.37
CA ALA B 76 -34.08 22.52 8.05
C ALA B 76 -34.09 21.01 8.25
N VAL B 77 -34.13 20.54 9.51
CA VAL B 77 -33.94 19.12 9.79
C VAL B 77 -35.29 18.41 9.86
N MET B 78 -35.49 17.44 8.95
CA MET B 78 -36.74 16.68 9.01
C MET B 78 -36.63 15.52 9.99
N ALA B 79 -35.46 14.86 10.04
CA ALA B 79 -35.25 13.72 10.93
C ALA B 79 -33.75 13.59 11.24
N SER B 80 -33.44 12.85 12.33
CA SER B 80 -32.07 12.61 12.81
C SER B 80 -32.02 11.19 13.36
N SER B 81 -30.95 10.84 14.10
CA SER B 81 -30.95 9.55 14.78
C SER B 81 -30.15 9.66 16.07
N VAL B 82 -30.36 8.66 16.94
CA VAL B 82 -29.52 8.52 18.13
C VAL B 82 -28.27 7.74 17.72
N ASN B 83 -27.12 8.23 18.10
CA ASN B 83 -25.90 7.52 17.91
C ASN B 83 -25.33 7.27 19.28
N TYR B 84 -24.34 6.37 19.36
CA TYR B 84 -23.75 6.15 20.68
C TYR B 84 -23.05 7.41 21.19
N ASN B 85 -22.54 8.27 20.30
CA ASN B 85 -21.92 9.49 20.84
C ASN B 85 -22.96 10.41 21.48
N THR B 86 -24.24 10.26 21.10
CA THR B 86 -25.30 10.95 21.83
C THR B 86 -25.39 10.43 23.27
N VAL B 87 -25.29 9.12 23.43
CA VAL B 87 -25.25 8.52 24.76
C VAL B 87 -24.04 9.00 25.54
N TRP B 88 -22.84 8.88 24.95
CA TRP B 88 -21.62 9.33 25.64
C TRP B 88 -21.77 10.77 26.11
N SER B 89 -22.24 11.64 25.20
CA SER B 89 -22.46 13.06 25.55
C SER B 89 -23.38 13.20 26.74
N SER B 90 -24.51 12.49 26.71
CA SER B 90 -25.53 12.72 27.72
C SER B 90 -25.12 12.16 29.08
N ILE B 91 -24.13 11.26 29.17
CA ILE B 91 -23.65 10.86 30.49
C ILE B 91 -22.29 11.50 30.83
N PHE B 92 -21.86 12.44 30.02
CA PHE B 92 -20.59 13.17 30.23
C PHE B 92 -19.41 12.21 30.36
N GLU B 93 -19.38 11.15 29.54
CA GLU B 93 -18.30 10.15 29.52
C GLU B 93 -17.64 10.04 28.15
N PRO B 94 -16.31 9.78 28.08
CA PRO B 94 -15.35 9.73 29.19
C PRO B 94 -15.13 11.09 29.84
N VAL B 95 -15.38 12.17 29.07
CA VAL B 95 -15.25 13.53 29.57
C VAL B 95 -16.45 14.34 29.08
N SER B 96 -16.69 15.49 29.73
CA SER B 96 -17.76 16.41 29.28
C SER B 96 -17.47 16.99 27.90
N THR B 97 -18.51 17.04 27.03
CA THR B 97 -18.35 17.70 25.72
C THR B 97 -18.12 19.21 25.87
N PHE B 98 -18.43 19.80 27.03
CA PHE B 98 -18.18 21.24 27.14
C PHE B 98 -16.68 21.56 27.11
N GLY B 99 -15.83 20.62 27.53
CA GLY B 99 -14.39 20.78 27.33
C GLY B 99 -14.03 20.83 25.86
N PHE B 100 -14.71 20.03 25.04
CA PHE B 100 -14.44 20.05 23.60
C PHE B 100 -14.86 21.38 23.02
N LEU B 101 -15.99 21.92 23.47
CA LEU B 101 -16.48 23.16 22.87
C LEU B 101 -15.60 24.33 23.27
N GLU B 102 -15.12 24.31 24.50
CA GLU B 102 -14.21 25.33 25.00
C GLU B 102 -12.89 25.32 24.22
N ARG B 103 -12.30 24.13 24.01
CA ARG B 103 -11.08 24.05 23.23
C ARG B 103 -11.30 24.51 21.78
N TYR B 104 -12.41 24.10 21.16
CA TYR B 104 -12.68 24.48 19.77
C TYR B 104 -12.81 25.97 19.64
N GLY B 105 -13.50 26.58 20.61
CA GLY B 105 -13.78 28.01 20.63
C GLY B 105 -12.54 28.86 20.66
N ARG B 106 -11.38 28.30 21.02
CA ARG B 106 -10.19 29.14 21.05
C ARG B 106 -9.56 29.35 19.67
N LEU B 107 -9.96 28.59 18.65
CA LEU B 107 -9.25 28.71 17.36
C LEU B 107 -9.48 30.06 16.68
N SER B 108 -10.72 30.57 16.65
CA SER B 108 -11.00 31.79 15.90
C SER B 108 -12.33 32.36 16.35
N PRO B 109 -12.63 33.60 15.99
CA PRO B 109 -13.95 34.16 16.33
C PRO B 109 -15.11 33.38 15.69
N LEU B 110 -14.87 32.72 14.56
CA LEU B 110 -15.88 31.85 13.98
C LEU B 110 -16.11 30.59 14.83
N THR B 111 -15.03 29.91 15.23
CA THR B 111 -15.23 28.73 16.07
C THR B 111 -15.74 29.10 17.45
N ALA B 112 -15.51 30.35 17.89
CA ALA B 112 -16.02 30.76 19.20
C ALA B 112 -17.55 30.78 19.27
N ARG B 113 -18.26 30.83 18.13
CA ARG B 113 -19.72 30.72 18.18
C ARG B 113 -20.17 29.44 18.87
N HIS B 114 -19.33 28.40 18.89
CA HIS B 114 -19.74 27.10 19.41
C HIS B 114 -19.62 27.00 20.94
N ASP B 115 -18.86 27.92 21.56
CA ASP B 115 -18.54 27.86 23.00
C ASP B 115 -19.67 28.58 23.77
N LEU B 116 -20.72 27.82 24.09
CA LEU B 116 -21.96 28.29 24.67
C LEU B 116 -22.25 27.49 25.94
N PRO B 117 -23.10 28.01 26.83
CA PRO B 117 -23.46 27.23 28.04
C PRO B 117 -24.45 26.10 27.81
N TYR B 118 -24.81 25.82 26.55
CA TYR B 118 -25.62 24.65 26.21
C TYR B 118 -25.01 24.03 24.96
N HIS B 119 -25.27 22.74 24.77
CA HIS B 119 -24.72 21.98 23.65
C HIS B 119 -25.86 21.30 22.92
N VAL B 120 -26.11 21.72 21.68
CA VAL B 120 -27.11 21.06 20.83
C VAL B 120 -26.47 19.83 20.21
N LEU B 121 -27.02 18.66 20.52
CA LEU B 121 -26.43 17.38 20.12
C LEU B 121 -26.97 16.87 18.78
N GLY B 122 -26.34 15.79 18.29
CA GLY B 122 -26.90 15.03 17.13
C GLY B 122 -25.90 15.06 16.00
N SER B 123 -25.63 13.86 15.44
CA SER B 123 -24.57 13.70 14.45
C SER B 123 -25.07 13.12 13.13
N ASP B 124 -26.40 13.16 12.91
CA ASP B 124 -27.03 12.73 11.67
C ASP B 124 -28.12 13.74 11.31
N LEU B 125 -28.43 13.86 10.03
CA LEU B 125 -29.63 14.59 9.64
C LEU B 125 -30.05 14.19 8.24
N ALA B 126 -31.35 14.39 7.98
CA ALA B 126 -31.90 14.43 6.63
C ALA B 126 -32.79 15.68 6.60
N GLY B 127 -32.68 16.49 5.54
CA GLY B 127 -33.47 17.70 5.51
C GLY B 127 -33.27 18.52 4.24
N VAL B 128 -33.46 19.83 4.34
CA VAL B 128 -33.51 20.71 3.17
C VAL B 128 -32.63 21.93 3.47
N VAL B 129 -31.74 22.29 2.54
CA VAL B 129 -30.89 23.49 2.73
C VAL B 129 -31.76 24.75 2.71
N LEU B 130 -31.58 25.66 3.69
CA LEU B 130 -32.26 26.97 3.68
C LEU B 130 -31.37 28.13 3.24
N ARG B 131 -30.10 28.14 3.64
CA ARG B 131 -29.17 29.23 3.39
C ARG B 131 -27.76 28.67 3.26
N THR B 132 -26.93 29.33 2.46
CA THR B 132 -25.52 28.97 2.37
C THR B 132 -24.68 30.23 2.54
N GLY B 133 -23.49 30.04 3.13
CA GLY B 133 -22.56 31.14 3.38
C GLY B 133 -21.68 31.47 2.19
N ALA B 134 -20.74 32.41 2.43
CA ALA B 134 -19.82 32.84 1.39
C ALA B 134 -18.92 31.69 0.94
N GLY B 135 -18.58 31.68 -0.35
CA GLY B 135 -17.69 30.68 -0.91
C GLY B 135 -18.37 29.38 -1.33
N VAL B 136 -19.68 29.27 -1.14
CA VAL B 136 -20.41 28.03 -1.38
C VAL B 136 -20.99 28.10 -2.78
N ASN B 137 -20.57 27.19 -3.65
CA ASN B 137 -21.19 27.16 -4.96
C ASN B 137 -21.87 25.85 -5.30
N ALA B 138 -21.55 24.73 -4.62
CA ALA B 138 -22.06 23.42 -5.01
C ALA B 138 -23.45 23.15 -4.49
N TRP B 139 -23.93 23.91 -3.52
CA TRP B 139 -25.20 23.59 -2.86
C TRP B 139 -26.02 24.85 -2.81
N LYS B 140 -27.35 24.72 -2.85
CA LYS B 140 -28.20 25.90 -2.89
C LYS B 140 -29.47 25.64 -2.10
N PRO B 141 -30.17 26.72 -1.66
CA PRO B 141 -31.44 26.54 -0.94
C PRO B 141 -32.41 25.65 -1.69
N GLY B 142 -33.07 24.77 -0.93
CA GLY B 142 -33.96 23.79 -1.51
C GLY B 142 -33.35 22.42 -1.75
N ASP B 143 -32.02 22.27 -1.70
CA ASP B 143 -31.43 20.96 -2.01
C ASP B 143 -31.79 19.98 -0.89
N GLU B 144 -32.25 18.77 -1.26
CA GLU B 144 -32.52 17.75 -0.24
C GLU B 144 -31.24 17.02 0.11
N VAL B 145 -30.90 17.00 1.41
CA VAL B 145 -29.56 16.56 1.81
C VAL B 145 -29.63 15.59 2.98
N VAL B 146 -28.57 14.78 3.09
CA VAL B 146 -28.17 14.15 4.34
C VAL B 146 -26.79 14.72 4.68
N ALA B 147 -26.39 14.64 5.94
CA ALA B 147 -25.08 15.16 6.31
C ALA B 147 -24.20 14.09 6.92
N HIS B 148 -22.92 14.09 6.54
CA HIS B 148 -22.02 13.29 7.37
C HIS B 148 -21.44 14.17 8.48
N CYS B 149 -20.82 13.55 9.49
CA CYS B 149 -20.50 14.31 10.70
C CYS B 149 -19.03 14.74 10.78
N LEU B 150 -18.27 14.71 9.68
CA LEU B 150 -16.88 15.13 9.79
C LEU B 150 -16.81 16.65 9.72
N SER B 151 -16.13 17.27 10.69
CA SER B 151 -15.88 18.72 10.64
C SER B 151 -14.37 18.96 10.47
N VAL B 152 -13.92 19.33 9.27
CA VAL B 152 -12.50 19.61 9.05
C VAL B 152 -12.32 21.03 8.50
N GLU B 153 -11.27 21.73 8.98
CA GLU B 153 -10.98 23.10 8.55
C GLU B 153 -10.04 23.10 7.33
N LEU B 154 -9.15 22.11 7.24
CA LEU B 154 -8.26 21.92 6.09
C LEU B 154 -7.36 23.14 5.86
N GLU B 155 -7.10 23.90 6.93
CA GLU B 155 -6.06 24.92 6.87
C GLU B 155 -4.67 24.31 6.97
N SER B 156 -4.47 23.35 7.87
CA SER B 156 -3.19 22.64 8.00
C SER B 156 -2.91 21.74 6.81
N PRO B 157 -1.63 21.54 6.46
CA PRO B 157 -1.32 20.59 5.35
C PRO B 157 -1.62 19.15 5.69
N ASP B 158 -1.76 18.79 6.98
CA ASP B 158 -1.78 17.39 7.38
C ASP B 158 -2.92 16.60 6.75
N GLY B 159 -4.09 17.24 6.54
CA GLY B 159 -5.28 16.59 6.00
C GLY B 159 -5.38 16.57 4.50
N HIS B 160 -4.33 16.96 3.76
CA HIS B 160 -4.46 17.10 2.31
C HIS B 160 -4.08 15.82 1.55
N ASN B 161 -3.86 14.71 2.24
CA ASN B 161 -3.69 13.38 1.67
C ASN B 161 -4.59 12.31 2.33
N ASP B 162 -5.76 12.72 2.86
CA ASP B 162 -6.77 11.98 3.66
C ASP B 162 -7.21 12.96 4.75
N THR B 163 -8.43 13.55 4.65
CA THR B 163 -8.76 14.63 5.57
C THR B 163 -8.92 14.20 7.03
N MET B 164 -9.07 12.87 7.32
CA MET B 164 -9.14 12.46 8.71
C MET B 164 -7.88 12.88 9.46
N MET B 165 -6.77 13.08 8.76
CA MET B 165 -5.53 13.45 9.43
C MET B 165 -5.43 14.94 9.75
N ASP B 166 -6.44 15.76 9.41
CA ASP B 166 -6.39 17.17 9.80
C ASP B 166 -6.24 17.27 11.33
N PRO B 167 -5.29 18.06 11.86
CA PRO B 167 -5.18 18.15 13.34
C PRO B 167 -6.43 18.75 14.00
N GLU B 168 -7.20 19.55 13.27
CA GLU B 168 -8.39 20.15 13.87
C GLU B 168 -9.67 19.37 13.54
N GLN B 169 -9.53 18.15 13.05
CA GLN B 169 -10.68 17.34 12.67
C GLN B 169 -11.52 17.03 13.92
N ARG B 170 -12.85 17.19 13.79
CA ARG B 170 -13.79 16.97 14.89
C ARG B 170 -15.04 16.27 14.37
N ILE B 171 -15.88 15.80 15.30
CA ILE B 171 -17.16 15.17 14.93
C ILE B 171 -18.27 16.18 15.22
N TRP B 172 -18.99 16.58 14.17
CA TRP B 172 -20.13 17.51 14.28
C TRP B 172 -21.18 16.97 15.24
N GLY B 173 -21.65 17.84 16.16
CA GLY B 173 -22.65 17.51 17.13
C GLY B 173 -22.14 16.85 18.39
N PHE B 174 -20.84 16.53 18.43
CA PHE B 174 -20.20 15.89 19.59
C PHE B 174 -19.05 16.76 20.09
N GLU B 175 -18.12 17.10 19.20
CA GLU B 175 -17.06 18.05 19.50
C GLU B 175 -17.35 19.42 18.91
N THR B 176 -18.51 19.61 18.26
CA THR B 176 -18.99 20.93 17.85
C THR B 176 -20.44 21.11 18.27
N ASN B 177 -20.91 22.35 18.21
CA ASN B 177 -22.28 22.67 18.57
C ASN B 177 -23.19 22.61 17.33
N PHE B 178 -24.50 22.91 17.55
CA PHE B 178 -25.50 22.99 16.47
C PHE B 178 -25.69 21.65 15.75
N GLY B 179 -25.83 20.58 16.53
CA GLY B 179 -26.04 19.26 15.97
C GLY B 179 -27.46 19.05 15.43
N GLY B 180 -27.70 17.81 14.95
CA GLY B 180 -28.90 17.51 14.20
C GLY B 180 -30.15 17.11 14.98
N LEU B 181 -30.06 16.93 16.30
CA LEU B 181 -31.26 16.59 17.09
C LEU B 181 -31.98 17.89 17.46
N ALA B 182 -32.62 18.48 16.45
CA ALA B 182 -33.10 19.86 16.53
C ALA B 182 -33.86 20.16 15.25
N GLN B 183 -34.64 21.23 15.25
CA GLN B 183 -35.38 21.60 14.03
C GLN B 183 -34.51 22.21 12.94
N LEU B 184 -33.38 22.80 13.32
CA LEU B 184 -32.44 23.46 12.41
C LEU B 184 -31.05 23.00 12.81
N ALA B 185 -30.11 23.06 11.86
CA ALA B 185 -28.75 22.69 12.18
C ALA B 185 -27.83 23.53 11.33
N LEU B 186 -26.59 23.69 11.80
CA LEU B 186 -25.56 24.41 11.07
C LEU B 186 -24.45 23.43 10.73
N VAL B 187 -24.12 23.29 9.43
CA VAL B 187 -23.06 22.35 9.03
C VAL B 187 -22.16 23.03 8.01
N LYS B 188 -20.93 22.51 7.86
CA LYS B 188 -20.10 22.90 6.71
C LYS B 188 -20.72 22.30 5.44
N THR B 189 -20.63 23.02 4.31
CA THR B 189 -21.22 22.43 3.11
C THR B 189 -20.42 21.22 2.62
N ASN B 190 -19.16 21.06 3.05
CA ASN B 190 -18.46 19.82 2.72
C ASN B 190 -18.85 18.64 3.66
N GLN B 191 -19.96 18.79 4.41
CA GLN B 191 -20.65 17.69 5.08
C GLN B 191 -21.85 17.23 4.29
N LEU B 192 -22.22 17.94 3.24
CA LEU B 192 -23.52 17.65 2.60
C LEU B 192 -23.42 16.59 1.51
N LEU B 193 -24.45 15.74 1.46
CA LEU B 193 -24.60 14.67 0.46
C LEU B 193 -26.04 14.65 -0.04
N PRO B 194 -26.25 14.21 -1.28
CA PRO B 194 -27.64 14.14 -1.78
C PRO B 194 -28.46 13.09 -1.04
N LYS B 195 -29.69 13.47 -0.65
CA LYS B 195 -30.61 12.53 0.00
C LYS B 195 -30.96 11.40 -0.96
N PRO B 196 -30.86 10.13 -0.54
CA PRO B 196 -31.47 9.00 -1.30
C PRO B 196 -32.98 9.13 -1.47
N LYS B 197 -33.42 9.15 -2.73
CA LYS B 197 -34.79 9.53 -3.05
C LYS B 197 -35.80 8.42 -2.74
N HIS B 198 -35.37 7.17 -2.62
CA HIS B 198 -36.34 6.10 -2.33
C HIS B 198 -36.61 5.91 -0.84
N LEU B 199 -35.96 6.68 0.04
CA LEU B 199 -36.11 6.53 1.49
C LEU B 199 -36.95 7.65 2.10
N THR B 200 -37.58 7.36 3.23
CA THR B 200 -38.28 8.40 3.99
C THR B 200 -37.26 9.28 4.70
N TRP B 201 -37.72 10.44 5.22
CA TRP B 201 -36.78 11.30 5.95
C TRP B 201 -36.04 10.53 7.03
N GLU B 202 -36.78 9.76 7.86
CA GLU B 202 -36.13 9.10 9.00
C GLU B 202 -35.22 7.96 8.55
N GLU B 203 -35.62 7.24 7.51
CA GLU B 203 -34.71 6.24 6.96
C GLU B 203 -33.45 6.89 6.40
N ALA B 204 -33.59 8.03 5.68
CA ALA B 204 -32.43 8.64 5.06
C ALA B 204 -31.45 9.20 6.09
N ALA B 205 -31.95 9.62 7.24
CA ALA B 205 -31.09 10.13 8.31
C ALA B 205 -30.35 9.02 9.03
N SER B 206 -30.80 7.78 8.92
CA SER B 206 -30.27 6.77 9.84
C SER B 206 -28.90 6.20 9.47
N PRO B 207 -28.48 6.11 8.18
CA PRO B 207 -27.17 5.44 7.91
C PRO B 207 -25.97 6.31 8.15
N GLY B 208 -26.12 7.62 8.06
CA GLY B 208 -24.96 8.49 7.86
C GLY B 208 -23.75 8.16 8.70
N LEU B 209 -23.88 8.24 10.01
CA LEU B 209 -22.70 8.08 10.83
C LEU B 209 -22.18 6.64 10.77
N VAL B 210 -23.03 5.66 11.08
CA VAL B 210 -22.48 4.31 11.25
C VAL B 210 -22.14 3.67 9.89
N ASN B 211 -22.89 4.01 8.83
CA ASN B 211 -22.60 3.43 7.52
C ASN B 211 -21.27 3.94 6.99
N SER B 212 -21.01 5.25 7.11
CA SER B 212 -19.73 5.83 6.68
C SER B 212 -18.57 5.20 7.45
N THR B 213 -18.74 5.03 8.75
CA THR B 213 -17.68 4.48 9.59
C THR B 213 -17.36 3.05 9.20
N ALA B 214 -18.40 2.22 9.06
CA ALA B 214 -18.24 0.81 8.67
C ALA B 214 -17.57 0.67 7.29
N TYR B 215 -17.93 1.57 6.35
CA TYR B 215 -17.31 1.58 5.02
C TYR B 215 -15.80 1.84 5.11
N ARG B 216 -15.38 2.90 5.81
CA ARG B 216 -13.93 3.13 5.95
C ARG B 216 -13.25 1.97 6.66
N GLN B 217 -13.88 1.45 7.72
CA GLN B 217 -13.25 0.45 8.58
C GLN B 217 -13.08 -0.88 7.86
N LEU B 218 -14.09 -1.30 7.08
CA LEU B 218 -14.06 -2.62 6.44
C LEU B 218 -13.75 -2.63 4.95
N VAL B 219 -14.30 -1.69 4.16
CA VAL B 219 -14.22 -1.71 2.69
C VAL B 219 -12.98 -0.98 2.20
N SER B 220 -12.70 0.20 2.75
CA SER B 220 -11.70 1.07 2.14
C SER B 220 -10.27 0.62 2.45
N ARG B 221 -9.33 1.08 1.61
CA ARG B 221 -7.93 0.75 1.83
C ARG B 221 -7.36 1.43 3.06
N ASN B 222 -8.06 2.43 3.60
CA ASN B 222 -7.64 3.05 4.84
C ASN B 222 -7.99 2.25 6.08
N GLY B 223 -8.84 1.23 5.92
CA GLY B 223 -9.20 0.32 7.00
C GLY B 223 -8.71 -1.09 6.67
N ALA B 224 -9.61 -2.09 6.69
CA ALA B 224 -9.23 -3.50 6.52
C ALA B 224 -9.09 -3.92 5.07
N GLY B 225 -9.63 -3.18 4.11
CA GLY B 225 -9.47 -3.51 2.69
C GLY B 225 -10.01 -4.92 2.36
N LEU B 226 -11.27 -5.15 2.72
CA LEU B 226 -11.95 -6.44 2.50
C LEU B 226 -11.84 -6.91 1.05
N LYS B 227 -11.69 -8.24 0.84
CA LYS B 227 -11.83 -8.82 -0.50
C LYS B 227 -12.76 -10.04 -0.46
N GLN B 228 -13.35 -10.39 -1.61
CA GLN B 228 -14.26 -11.53 -1.63
C GLN B 228 -13.48 -12.79 -1.24
N GLY B 229 -14.14 -13.70 -0.51
CA GLY B 229 -13.45 -14.87 0.05
C GLY B 229 -13.01 -14.74 1.52
N ASP B 230 -12.79 -13.52 2.00
CA ASP B 230 -12.37 -13.29 3.39
C ASP B 230 -13.44 -13.81 4.35
N ASN B 231 -12.99 -14.29 5.51
CA ASN B 231 -13.86 -14.55 6.65
C ASN B 231 -13.69 -13.38 7.59
N VAL B 232 -14.81 -12.84 8.09
CA VAL B 232 -14.82 -11.57 8.86
C VAL B 232 -15.64 -11.80 10.13
N LEU B 233 -15.02 -11.59 11.31
CA LEU B 233 -15.74 -11.69 12.58
C LEU B 233 -16.33 -10.31 12.85
N ILE B 234 -17.65 -10.24 13.03
CA ILE B 234 -18.33 -8.96 13.19
C ILE B 234 -18.97 -8.95 14.58
N TRP B 235 -18.35 -8.24 15.52
CA TRP B 235 -19.01 -8.09 16.82
C TRP B 235 -20.25 -7.20 16.69
N GLY B 236 -21.21 -7.39 17.58
CA GLY B 236 -22.40 -6.52 17.58
C GLY B 236 -23.09 -6.39 16.24
N ALA B 237 -23.25 -7.52 15.54
CA ALA B 237 -23.64 -7.52 14.13
C ALA B 237 -25.04 -6.97 13.86
N SER B 238 -25.91 -6.90 14.88
N SER B 238 -25.90 -6.91 14.88
N SER B 238 -25.89 -6.89 14.87
CA SER B 238 -27.24 -6.35 14.69
CA SER B 238 -27.23 -6.34 14.75
CA SER B 238 -27.22 -6.34 14.69
C SER B 238 -27.41 -4.95 15.30
C SER B 238 -27.41 -5.04 15.54
C SER B 238 -27.39 -4.95 15.31
N GLY B 239 -26.31 -4.32 15.76
CA GLY B 239 -26.36 -2.95 16.26
C GLY B 239 -26.10 -1.97 15.13
N GLY B 240 -25.84 -0.72 15.51
CA GLY B 240 -25.64 0.32 14.50
C GLY B 240 -24.53 0.01 13.50
N LEU B 241 -23.27 -0.02 13.98
CA LEU B 241 -22.17 -0.31 13.07
C LEU B 241 -22.32 -1.69 12.43
N GLY B 242 -22.63 -2.69 13.26
CA GLY B 242 -22.65 -4.07 12.78
C GLY B 242 -23.66 -4.29 11.68
N SER B 243 -24.81 -3.58 11.74
CA SER B 243 -25.87 -3.75 10.73
C SER B 243 -25.43 -3.24 9.36
N TYR B 244 -24.40 -2.42 9.30
CA TYR B 244 -23.80 -2.04 8.01
C TYR B 244 -22.61 -2.91 7.68
N ALA B 245 -21.77 -3.20 8.66
CA ALA B 245 -20.62 -4.10 8.43
C ALA B 245 -21.09 -5.44 7.85
N THR B 246 -22.15 -6.03 8.42
CA THR B 246 -22.65 -7.28 7.88
C THR B 246 -23.07 -7.13 6.42
N GLN B 247 -23.72 -6.02 6.06
CA GLN B 247 -24.11 -5.84 4.66
C GLN B 247 -22.89 -5.73 3.75
N TYR B 248 -21.86 -5.00 4.20
CA TYR B 248 -20.67 -4.86 3.35
C TYR B 248 -19.96 -6.19 3.18
N ALA B 249 -19.89 -6.99 4.25
CA ALA B 249 -19.24 -8.30 4.10
C ALA B 249 -19.99 -9.16 3.09
N LEU B 250 -21.33 -9.19 3.15
CA LEU B 250 -22.08 -10.02 2.22
C LEU B 250 -22.02 -9.48 0.80
N ALA B 251 -22.25 -8.18 0.63
CA ALA B 251 -22.26 -7.62 -0.73
C ALA B 251 -20.86 -7.63 -1.37
N GLY B 252 -19.78 -7.66 -0.58
CA GLY B 252 -18.42 -7.74 -1.08
C GLY B 252 -17.95 -9.17 -1.33
N GLY B 253 -18.81 -10.15 -1.11
CA GLY B 253 -18.46 -11.54 -1.41
C GLY B 253 -17.65 -12.22 -0.33
N ALA B 254 -17.66 -11.69 0.90
CA ALA B 254 -17.00 -12.30 2.04
C ALA B 254 -18.01 -13.04 2.89
N THR B 255 -17.51 -13.72 3.92
CA THR B 255 -18.35 -14.54 4.79
C THR B 255 -18.33 -13.88 6.16
N PRO B 256 -19.42 -13.28 6.62
CA PRO B 256 -19.43 -12.74 7.98
C PRO B 256 -19.72 -13.85 9.00
N ILE B 257 -19.00 -13.82 10.12
N ILE B 257 -19.01 -13.80 10.12
CA ILE B 257 -19.37 -14.53 11.33
CA ILE B 257 -19.36 -14.53 11.33
C ILE B 257 -19.96 -13.48 12.28
C ILE B 257 -19.95 -13.49 12.29
N CYS B 258 -21.27 -13.51 12.46
CA CYS B 258 -21.99 -12.44 13.18
C CYS B 258 -22.10 -12.80 14.64
N VAL B 259 -21.75 -11.86 15.53
CA VAL B 259 -21.96 -12.07 16.97
C VAL B 259 -23.10 -11.18 17.40
N VAL B 260 -24.09 -11.77 18.11
CA VAL B 260 -25.24 -11.07 18.70
C VAL B 260 -25.47 -11.63 20.10
N SER B 261 -26.42 -11.04 20.82
CA SER B 261 -26.74 -11.54 22.16
C SER B 261 -28.18 -11.99 22.34
N SER B 262 -28.93 -12.26 21.27
CA SER B 262 -30.28 -12.80 21.43
C SER B 262 -30.68 -13.57 20.16
N PRO B 263 -31.62 -14.51 20.28
CA PRO B 263 -32.13 -15.20 19.08
C PRO B 263 -32.89 -14.28 18.15
N ARG B 264 -33.57 -13.24 18.67
CA ARG B 264 -34.23 -12.27 17.79
C ARG B 264 -33.22 -11.59 16.89
N LYS B 265 -32.08 -11.17 17.44
CA LYS B 265 -31.07 -10.56 16.57
C LYS B 265 -30.46 -11.60 15.63
N ALA B 266 -30.31 -12.84 16.07
CA ALA B 266 -29.85 -13.89 15.15
C ALA B 266 -30.76 -13.99 13.93
N ASP B 267 -32.08 -13.91 14.14
CA ASP B 267 -33.01 -14.01 13.02
C ASP B 267 -32.86 -12.84 12.04
N ILE B 268 -32.59 -11.63 12.53
CA ILE B 268 -32.34 -10.51 11.61
C ILE B 268 -31.08 -10.77 10.79
N CYS B 269 -30.01 -11.25 11.45
CA CYS B 269 -28.79 -11.59 10.70
C CYS B 269 -29.07 -12.58 9.58
N ARG B 270 -29.88 -13.61 9.86
CA ARG B 270 -30.25 -14.56 8.83
C ARG B 270 -31.07 -13.89 7.72
N ALA B 271 -31.98 -12.98 8.09
CA ALA B 271 -32.74 -12.24 7.10
C ALA B 271 -31.84 -11.36 6.23
N MET B 272 -30.70 -10.87 6.77
CA MET B 272 -29.74 -10.11 5.96
C MET B 272 -28.97 -11.00 4.99
N GLY B 273 -28.94 -12.30 5.22
CA GLY B 273 -28.24 -13.24 4.36
C GLY B 273 -27.07 -13.94 5.02
N ALA B 274 -26.80 -13.69 6.31
CA ALA B 274 -25.72 -14.35 7.02
C ALA B 274 -26.18 -15.73 7.49
N GLU B 275 -25.24 -16.65 7.56
CA GLU B 275 -25.50 -18.01 8.00
C GLU B 275 -24.76 -18.36 9.29
N ALA B 276 -23.59 -17.78 9.49
CA ALA B 276 -22.73 -18.11 10.62
C ALA B 276 -22.98 -17.08 11.71
N ILE B 277 -23.73 -17.47 12.72
CA ILE B 277 -24.13 -16.56 13.80
C ILE B 277 -23.82 -17.19 15.15
N ILE B 278 -23.13 -16.43 16.00
CA ILE B 278 -22.79 -16.81 17.37
C ILE B 278 -23.58 -15.92 18.33
N ASP B 279 -24.28 -16.56 19.30
CA ASP B 279 -25.00 -15.83 20.36
C ASP B 279 -24.08 -15.83 21.59
N ARG B 280 -23.41 -14.70 21.84
CA ARG B 280 -22.43 -14.65 22.93
C ARG B 280 -23.08 -14.84 24.29
N SER B 281 -24.39 -14.61 24.39
N SER B 281 -24.39 -14.60 24.40
CA SER B 281 -25.08 -14.81 25.66
CA SER B 281 -25.07 -14.81 25.66
C SER B 281 -25.39 -16.28 25.89
C SER B 281 -25.33 -16.30 25.87
N ALA B 282 -25.81 -16.98 24.83
CA ALA B 282 -26.00 -18.43 24.93
C ALA B 282 -24.67 -19.14 25.12
N GLU B 283 -23.61 -18.68 24.44
CA GLU B 283 -22.31 -19.34 24.67
C GLU B 283 -21.71 -19.03 26.04
N GLY B 284 -22.09 -17.91 26.66
CA GLY B 284 -21.57 -17.55 27.96
C GLY B 284 -20.08 -17.28 28.06
N TYR B 285 -19.49 -16.59 27.06
CA TYR B 285 -18.06 -16.35 27.10
C TYR B 285 -17.70 -15.45 28.28
N ARG B 286 -16.67 -15.84 29.02
CA ARG B 286 -16.14 -15.01 30.11
C ARG B 286 -14.68 -14.77 29.81
N PHE B 287 -14.40 -13.81 28.92
CA PHE B 287 -13.00 -13.62 28.53
C PHE B 287 -12.14 -13.07 29.66
N TRP B 288 -12.74 -12.47 30.67
CA TRP B 288 -11.99 -11.96 31.81
C TRP B 288 -12.34 -12.80 33.03
N LYS B 289 -11.32 -13.29 33.72
CA LYS B 289 -11.63 -14.14 34.88
C LYS B 289 -11.70 -13.34 36.16
N ASP B 290 -11.06 -12.18 36.22
CA ASP B 290 -11.31 -11.21 37.27
C ASP B 290 -11.01 -9.83 36.73
N GLU B 291 -10.85 -8.87 37.64
CA GLU B 291 -10.69 -7.48 37.22
C GLU B 291 -9.45 -7.27 36.35
N HIS B 292 -8.37 -8.03 36.60
CA HIS B 292 -7.06 -7.75 36.01
C HIS B 292 -6.52 -8.84 35.09
N HIS B 293 -7.19 -9.99 34.96
CA HIS B 293 -6.63 -11.12 34.23
C HIS B 293 -7.66 -11.73 33.28
N GLN B 294 -7.21 -12.04 32.06
CA GLN B 294 -8.05 -12.72 31.08
C GLN B 294 -7.87 -14.23 31.16
N ASP B 295 -8.76 -14.94 30.46
CA ASP B 295 -8.80 -16.42 30.43
C ASP B 295 -8.57 -16.89 29.00
N PRO B 296 -7.32 -17.24 28.64
CA PRO B 296 -7.01 -17.81 27.30
C PRO B 296 -7.82 -19.05 26.92
N ARG B 297 -8.34 -19.81 27.87
CA ARG B 297 -9.20 -20.92 27.50
C ARG B 297 -10.48 -20.45 26.83
N GLU B 298 -10.99 -19.27 27.22
CA GLU B 298 -12.19 -18.75 26.61
C GLU B 298 -11.88 -18.12 25.27
N TRP B 299 -10.71 -17.48 25.12
CA TRP B 299 -10.30 -17.08 23.78
C TRP B 299 -10.33 -18.28 22.86
N LYS B 300 -9.79 -19.42 23.32
N LYS B 300 -9.78 -19.41 23.33
CA LYS B 300 -9.72 -20.61 22.48
CA LYS B 300 -9.72 -20.62 22.50
C LYS B 300 -11.11 -21.18 22.21
C LYS B 300 -11.11 -21.15 22.20
N ARG B 301 -12.02 -21.08 23.16
CA ARG B 301 -13.38 -21.58 22.93
C ARG B 301 -14.07 -20.78 21.84
N LEU B 302 -13.91 -19.45 21.85
CA LEU B 302 -14.44 -18.65 20.75
C LEU B 302 -13.79 -19.05 19.43
N GLY B 303 -12.47 -19.22 19.43
CA GLY B 303 -11.78 -19.59 18.20
C GLY B 303 -12.26 -20.92 17.63
N GLY B 304 -12.54 -21.88 18.52
CA GLY B 304 -13.05 -23.18 18.07
C GLY B 304 -14.45 -23.09 17.49
N LYS B 305 -15.31 -22.26 18.10
CA LYS B 305 -16.65 -22.05 17.57
C LYS B 305 -16.60 -21.41 16.18
N ILE B 306 -15.73 -20.40 16.00
CA ILE B 306 -15.59 -19.82 14.66
C ILE B 306 -15.21 -20.89 13.65
N ARG B 307 -14.27 -21.76 14.02
CA ARG B 307 -13.78 -22.77 13.07
C ARG B 307 -14.86 -23.80 12.69
N GLU B 308 -15.85 -24.01 13.56
CA GLU B 308 -16.97 -24.87 13.21
C GLU B 308 -17.74 -24.30 12.02
N PHE B 309 -17.80 -22.97 11.90
CA PHE B 309 -18.56 -22.36 10.82
C PHE B 309 -17.76 -22.25 9.53
N THR B 310 -16.44 -22.13 9.62
CA THR B 310 -15.63 -21.84 8.44
C THR B 310 -15.00 -23.10 7.86
N GLY B 311 -15.24 -24.27 8.44
CA GLY B 311 -14.53 -25.42 7.96
C GLY B 311 -13.07 -25.44 8.39
N GLY B 312 -12.77 -24.89 9.55
CA GLY B 312 -11.42 -24.91 10.05
C GLY B 312 -10.57 -23.68 9.80
N GLU B 313 -11.13 -22.63 9.19
CA GLU B 313 -10.36 -21.44 8.87
C GLU B 313 -10.51 -20.37 9.97
N ASP B 314 -9.42 -19.61 10.20
CA ASP B 314 -9.46 -18.46 11.12
C ASP B 314 -9.77 -17.18 10.34
N VAL B 315 -10.35 -16.18 11.01
CA VAL B 315 -10.85 -15.01 10.27
C VAL B 315 -9.71 -14.11 9.80
N ASP B 316 -9.88 -13.58 8.57
CA ASP B 316 -8.92 -12.64 8.02
C ASP B 316 -9.02 -11.28 8.69
N ILE B 317 -10.22 -10.90 9.13
CA ILE B 317 -10.47 -9.57 9.68
C ILE B 317 -11.34 -9.74 10.92
N VAL B 318 -11.06 -8.98 11.97
CA VAL B 318 -12.02 -8.78 13.05
C VAL B 318 -12.47 -7.32 13.04
N PHE B 319 -13.80 -7.12 13.03
CA PHE B 319 -14.44 -5.81 13.08
C PHE B 319 -14.72 -5.54 14.56
N GLU B 320 -13.84 -4.77 15.21
CA GLU B 320 -13.88 -4.51 16.64
C GLU B 320 -14.57 -3.19 16.94
N HIS B 321 -15.12 -3.13 18.15
CA HIS B 321 -15.64 -1.90 18.73
C HIS B 321 -16.08 -2.15 20.18
N PRO B 322 -16.36 -3.40 20.63
CA PRO B 322 -16.70 -3.56 22.05
C PRO B 322 -15.57 -3.21 23.00
N GLY B 323 -14.31 -3.38 22.59
CA GLY B 323 -13.22 -2.88 23.40
C GLY B 323 -12.71 -3.90 24.41
N ARG B 324 -12.42 -3.43 25.63
CA ARG B 324 -11.68 -4.21 26.62
C ARG B 324 -12.18 -5.65 26.75
N GLU B 325 -13.52 -5.84 26.83
CA GLU B 325 -14.03 -7.17 27.14
C GLU B 325 -13.62 -8.20 26.09
N THR B 326 -13.66 -7.81 24.81
CA THR B 326 -13.48 -8.74 23.70
C THR B 326 -12.12 -8.68 23.03
N PHE B 327 -11.32 -7.64 23.30
CA PHE B 327 -10.19 -7.32 22.44
C PHE B 327 -9.09 -8.36 22.53
N GLY B 328 -8.79 -8.88 23.74
CA GLY B 328 -7.81 -9.96 23.82
C GLY B 328 -8.20 -11.15 22.94
N ALA B 329 -9.48 -11.52 22.97
CA ALA B 329 -9.96 -12.65 22.16
C ALA B 329 -9.86 -12.32 20.67
N SER B 330 -10.25 -11.10 20.28
CA SER B 330 -10.16 -10.69 18.88
C SER B 330 -8.74 -10.85 18.34
N VAL B 331 -7.74 -10.41 19.10
CA VAL B 331 -6.36 -10.56 18.62
C VAL B 331 -5.97 -12.02 18.50
N TYR B 332 -6.35 -12.83 19.51
CA TYR B 332 -6.03 -14.26 19.49
C TYR B 332 -6.64 -15.00 18.30
N VAL B 333 -7.92 -14.74 17.98
CA VAL B 333 -8.54 -15.62 16.99
C VAL B 333 -8.19 -15.25 15.55
N THR B 334 -7.59 -14.09 15.32
CA THR B 334 -7.32 -13.66 13.96
C THR B 334 -6.30 -14.59 13.29
N ARG B 335 -6.48 -14.84 11.98
CA ARG B 335 -5.55 -15.63 11.18
C ARG B 335 -4.13 -15.00 11.17
N LYS B 336 -3.09 -15.84 10.92
CA LYS B 336 -1.75 -15.32 10.70
C LYS B 336 -1.77 -14.31 9.55
N GLY B 337 -1.20 -13.09 9.79
CA GLY B 337 -1.20 -12.06 8.77
C GLY B 337 -2.46 -11.22 8.72
N GLY B 338 -3.43 -11.49 9.58
CA GLY B 338 -4.74 -10.85 9.50
C GLY B 338 -4.77 -9.52 10.22
N THR B 339 -5.96 -8.91 10.26
CA THR B 339 -6.10 -7.53 10.74
C THR B 339 -7.26 -7.42 11.74
N ILE B 340 -7.04 -6.67 12.83
CA ILE B 340 -8.10 -6.33 13.78
C ILE B 340 -8.31 -4.83 13.58
N VAL B 341 -9.49 -4.42 13.11
CA VAL B 341 -9.72 -2.98 12.87
C VAL B 341 -10.68 -2.49 13.94
N THR B 342 -10.30 -1.40 14.61
CA THR B 342 -11.05 -0.92 15.78
C THR B 342 -11.38 0.57 15.64
N CYS B 343 -12.65 0.91 15.93
CA CYS B 343 -13.06 2.31 15.90
C CYS B 343 -13.72 2.72 17.21
N ALA B 344 -13.58 1.92 18.28
CA ALA B 344 -14.29 2.21 19.54
C ALA B 344 -13.88 1.24 20.64
N SER B 345 -14.35 1.55 21.88
CA SER B 345 -14.13 0.70 23.06
C SER B 345 -15.35 0.82 23.99
N THR B 346 -16.50 0.28 23.57
CA THR B 346 -17.73 0.49 24.35
C THR B 346 -17.57 0.01 25.79
N SER B 347 -16.94 -1.16 25.99
CA SER B 347 -16.84 -1.79 27.31
C SER B 347 -15.63 -1.32 28.12
N GLY B 348 -14.84 -0.37 27.61
CA GLY B 348 -13.66 0.10 28.32
C GLY B 348 -12.49 0.29 27.38
N TYR B 349 -11.80 1.42 27.49
CA TYR B 349 -10.77 1.73 26.50
C TYR B 349 -9.37 1.28 26.92
N MET B 350 -9.18 0.74 28.13
CA MET B 350 -7.85 0.22 28.50
C MET B 350 -7.77 -1.23 28.01
N HIS B 351 -7.29 -1.39 26.79
CA HIS B 351 -7.21 -2.69 26.15
C HIS B 351 -6.02 -3.47 26.71
N GLN B 352 -6.18 -4.78 26.80
CA GLN B 352 -5.10 -5.71 27.15
C GLN B 352 -5.09 -6.84 26.13
N TYR B 353 -3.91 -7.20 25.62
CA TYR B 353 -3.80 -8.33 24.69
C TYR B 353 -2.41 -8.96 24.82
N ASP B 354 -2.29 -10.19 24.32
CA ASP B 354 -1.05 -10.97 24.37
C ASP B 354 -0.25 -10.70 23.08
N ASN B 355 0.83 -9.91 23.23
CA ASN B 355 1.57 -9.46 22.03
C ASN B 355 2.26 -10.61 21.31
N ARG B 356 2.46 -11.76 21.97
CA ARG B 356 3.06 -12.89 21.23
C ARG B 356 2.19 -13.28 20.04
N TYR B 357 0.87 -13.26 20.20
CA TYR B 357 0.02 -13.57 19.05
C TYR B 357 0.12 -12.51 17.96
N LEU B 358 0.36 -11.25 18.34
CA LEU B 358 0.43 -10.23 17.31
C LEU B 358 1.75 -10.29 16.55
N TRP B 359 2.87 -10.32 17.25
CA TRP B 359 4.18 -10.28 16.54
C TRP B 359 4.55 -11.63 15.90
N MET B 360 4.32 -12.73 16.59
CA MET B 360 4.73 -14.04 16.03
C MET B 360 3.88 -14.45 14.83
N SER B 361 2.66 -13.95 14.77
CA SER B 361 1.72 -14.28 13.67
C SER B 361 1.57 -13.10 12.71
N LEU B 362 2.40 -12.07 12.85
CA LEU B 362 2.44 -10.93 11.90
C LEU B 362 1.04 -10.30 11.74
N LYS B 363 0.32 -10.11 12.82
CA LYS B 363 -1.01 -9.48 12.73
C LYS B 363 -0.88 -7.96 12.87
N ARG B 364 -1.95 -7.24 12.58
CA ARG B 364 -1.87 -5.81 12.82
C ARG B 364 -3.19 -5.31 13.42
N ILE B 365 -3.11 -4.26 14.24
CA ILE B 365 -4.29 -3.61 14.82
C ILE B 365 -4.38 -2.25 14.16
N VAL B 366 -5.48 -1.98 13.45
CA VAL B 366 -5.58 -0.73 12.68
C VAL B 366 -6.64 0.11 13.36
N GLY B 367 -6.27 1.29 13.84
CA GLY B 367 -7.27 2.26 14.37
C GLY B 367 -7.98 3.00 13.23
N SER B 368 -9.31 3.10 13.33
CA SER B 368 -10.10 3.76 12.31
C SER B 368 -11.01 4.76 13.00
N HIS B 369 -11.33 5.85 12.33
CA HIS B 369 -12.19 6.86 12.95
C HIS B 369 -13.02 7.48 11.84
N PHE B 370 -14.34 7.56 12.07
CA PHE B 370 -15.33 8.02 11.08
C PHE B 370 -14.90 7.74 9.61
N ALA B 371 -14.79 8.77 8.78
CA ALA B 371 -14.64 8.62 7.33
C ALA B 371 -14.34 9.98 6.73
N ASN B 372 -13.50 10.02 5.68
CA ASN B 372 -13.36 11.28 4.94
C ASN B 372 -14.52 11.46 3.95
N TYR B 373 -14.63 12.68 3.38
CA TYR B 373 -15.80 12.99 2.53
C TYR B 373 -15.91 12.03 1.37
N ARG B 374 -14.79 11.60 0.80
CA ARG B 374 -14.88 10.68 -0.33
C ARG B 374 -15.45 9.34 0.09
N GLU B 375 -15.03 8.84 1.26
CA GLU B 375 -15.55 7.60 1.77
C GLU B 375 -17.04 7.75 2.11
N ALA B 376 -17.40 8.87 2.74
CA ALA B 376 -18.81 9.09 3.06
C ALA B 376 -19.64 9.16 1.78
N PHE B 377 -19.10 9.79 0.74
CA PHE B 377 -19.81 9.86 -0.54
C PHE B 377 -20.03 8.47 -1.12
N GLU B 378 -18.98 7.63 -1.07
CA GLU B 378 -19.08 6.25 -1.60
C GLU B 378 -20.09 5.41 -0.80
N ALA B 379 -20.12 5.57 0.53
CA ALA B 379 -21.06 4.82 1.34
C ALA B 379 -22.50 5.26 1.04
N ASN B 380 -22.71 6.57 0.91
CA ASN B 380 -24.05 7.10 0.61
C ASN B 380 -24.47 6.74 -0.81
N ARG B 381 -23.52 6.71 -1.74
CA ARG B 381 -23.82 6.29 -3.10
C ARG B 381 -24.34 4.85 -3.14
N LEU B 382 -23.77 3.95 -2.32
CA LEU B 382 -24.27 2.56 -2.32
C LEU B 382 -25.69 2.47 -1.73
N VAL B 383 -26.04 3.31 -0.75
CA VAL B 383 -27.43 3.38 -0.31
C VAL B 383 -28.33 3.90 -1.43
N ALA B 384 -27.89 4.97 -2.09
CA ALA B 384 -28.73 5.55 -3.15
C ALA B 384 -28.94 4.56 -4.28
N LYS B 385 -27.96 3.69 -4.54
CA LYS B 385 -28.13 2.69 -5.61
C LYS B 385 -28.94 1.46 -5.17
N GLY B 386 -29.40 1.41 -3.92
CA GLY B 386 -30.11 0.27 -3.36
C GLY B 386 -29.23 -0.95 -3.14
N LYS B 387 -27.90 -0.76 -3.01
CA LYS B 387 -26.97 -1.87 -2.71
C LYS B 387 -26.79 -2.08 -1.21
N ILE B 388 -27.00 -1.04 -0.42
CA ILE B 388 -26.93 -1.06 1.03
C ILE B 388 -28.23 -0.44 1.54
N HIS B 389 -28.81 -1.01 2.60
CA HIS B 389 -30.15 -0.57 3.01
C HIS B 389 -30.14 0.02 4.42
N PRO B 390 -31.03 0.97 4.72
CA PRO B 390 -31.16 1.45 6.10
C PRO B 390 -31.64 0.34 7.04
N THR B 391 -31.36 0.52 8.34
CA THR B 391 -31.58 -0.50 9.37
C THR B 391 -32.40 0.08 10.54
N LEU B 392 -33.35 0.95 10.23
CA LEU B 392 -34.15 1.59 11.27
C LEU B 392 -35.10 0.59 11.94
N SER B 393 -35.10 0.54 13.28
CA SER B 393 -36.00 -0.34 14.02
C SER B 393 -37.20 0.38 14.64
N LYS B 394 -37.00 1.62 15.10
CA LYS B 394 -37.99 2.29 15.93
C LYS B 394 -37.75 3.78 15.75
N VAL B 395 -38.82 4.57 15.78
CA VAL B 395 -38.71 6.02 15.62
C VAL B 395 -39.38 6.71 16.81
N TYR B 396 -38.71 7.70 17.39
CA TYR B 396 -39.20 8.49 18.49
C TYR B 396 -39.43 9.93 18.05
N ALA B 397 -40.35 10.62 18.72
CA ALA B 397 -40.44 12.07 18.52
C ALA B 397 -39.24 12.78 19.16
N LEU B 398 -38.94 13.99 18.66
CA LEU B 398 -37.84 14.79 19.20
C LEU B 398 -37.95 14.94 20.72
N GLU B 399 -39.17 15.16 21.24
CA GLU B 399 -39.35 15.34 22.68
C GLU B 399 -39.04 14.07 23.48
N GLU B 400 -38.96 12.91 22.85
CA GLU B 400 -38.64 11.67 23.55
C GLU B 400 -37.19 11.23 23.30
N THR B 401 -36.30 12.15 22.92
CA THR B 401 -34.93 11.74 22.62
C THR B 401 -34.26 11.12 23.84
N GLY B 402 -34.61 11.55 25.05
CA GLY B 402 -34.05 10.95 26.26
C GLY B 402 -34.28 9.45 26.38
N GLN B 403 -35.52 9.01 26.14
CA GLN B 403 -35.81 7.56 26.15
C GLN B 403 -35.09 6.84 25.01
N ALA B 404 -35.02 7.47 23.84
CA ALA B 404 -34.31 6.84 22.74
C ALA B 404 -32.85 6.59 23.13
N ALA B 405 -32.21 7.58 23.76
CA ALA B 405 -30.82 7.44 24.18
C ALA B 405 -30.68 6.39 25.28
N LEU B 406 -31.67 6.28 26.16
CA LEU B 406 -31.61 5.25 27.20
C LEU B 406 -31.71 3.85 26.62
N ASP B 407 -32.59 3.64 25.61
CA ASP B 407 -32.64 2.37 24.87
C ASP B 407 -31.24 1.91 24.44
N VAL B 408 -30.48 2.82 23.81
CA VAL B 408 -29.15 2.44 23.29
C VAL B 408 -28.17 2.22 24.45
N HIS B 409 -28.18 3.12 25.42
CA HIS B 409 -27.32 3.03 26.61
C HIS B 409 -27.45 1.68 27.31
N HIS B 410 -28.67 1.13 27.38
CA HIS B 410 -28.92 -0.16 28.03
C HIS B 410 -29.02 -1.31 27.03
N ASN B 411 -28.62 -1.10 25.78
CA ASN B 411 -28.50 -2.17 24.79
C ASN B 411 -29.83 -2.89 24.59
N LYS B 412 -30.94 -2.14 24.61
CA LYS B 412 -32.28 -2.69 24.42
C LYS B 412 -32.80 -2.61 22.98
N HIS B 413 -32.02 -2.03 22.06
CA HIS B 413 -32.43 -1.74 20.70
C HIS B 413 -31.83 -2.77 19.72
N GLN B 414 -32.25 -2.68 18.46
CA GLN B 414 -31.54 -3.33 17.37
C GLN B 414 -31.43 -2.35 16.21
N GLY B 415 -30.40 -2.50 15.37
CA GLY B 415 -30.25 -1.57 14.26
C GLY B 415 -30.10 -0.13 14.73
N LYS B 416 -30.76 0.80 14.05
CA LYS B 416 -30.69 2.23 14.36
C LYS B 416 -32.01 2.71 14.96
N VAL B 417 -31.93 3.66 15.89
CA VAL B 417 -33.11 4.29 16.47
C VAL B 417 -33.19 5.70 15.90
N GLY B 418 -34.32 6.02 15.27
CA GLY B 418 -34.48 7.27 14.58
C GLY B 418 -35.30 8.26 15.38
N VAL B 419 -35.19 9.53 15.00
CA VAL B 419 -35.87 10.62 15.70
C VAL B 419 -36.48 11.58 14.66
N LEU B 420 -37.78 11.88 14.79
CA LEU B 420 -38.42 12.89 13.95
C LEU B 420 -38.10 14.27 14.51
N CYS B 421 -37.66 15.17 13.64
CA CYS B 421 -37.42 16.54 14.04
C CYS B 421 -38.55 17.41 13.51
N LEU B 422 -38.39 18.07 12.36
CA LEU B 422 -39.55 18.83 11.82
C LEU B 422 -40.64 17.91 11.23
N ALA B 423 -40.29 16.68 10.79
CA ALA B 423 -41.27 15.86 10.12
C ALA B 423 -42.41 15.54 11.07
N PRO B 424 -43.67 15.72 10.65
CA PRO B 424 -44.79 15.56 11.60
C PRO B 424 -45.16 14.11 11.87
N ARG B 425 -44.80 13.20 10.97
CA ARG B 425 -45.11 11.79 11.14
C ARG B 425 -44.12 10.99 10.30
N GLU B 426 -44.08 9.69 10.57
CA GLU B 426 -43.27 8.80 9.74
C GLU B 426 -43.86 8.66 8.34
N GLY B 427 -43.01 8.24 7.41
CA GLY B 427 -43.44 7.83 6.10
C GLY B 427 -43.36 8.86 5.00
N LEU B 428 -42.87 10.08 5.28
CA LEU B 428 -42.79 11.15 4.29
C LEU B 428 -41.41 11.21 3.66
N GLY B 429 -41.33 11.85 2.48
CA GLY B 429 -40.06 12.20 1.85
C GLY B 429 -39.63 11.32 0.69
N VAL B 430 -40.37 10.26 0.36
CA VAL B 430 -40.00 9.42 -0.77
C VAL B 430 -40.33 10.13 -2.07
N THR B 431 -39.34 10.26 -2.96
CA THR B 431 -39.61 10.72 -4.32
C THR B 431 -39.15 9.73 -5.41
N ASP B 432 -38.69 8.50 -5.06
CA ASP B 432 -38.43 7.39 -6.02
C ASP B 432 -39.21 6.14 -5.60
N PRO B 433 -40.52 6.13 -5.82
CA PRO B 433 -41.33 5.03 -5.28
C PRO B 433 -41.01 3.67 -5.90
N GLU B 434 -40.55 3.62 -7.15
CA GLU B 434 -40.35 2.32 -7.78
C GLU B 434 -39.09 1.63 -7.25
N LEU B 435 -38.02 2.41 -6.98
CA LEU B 435 -36.85 1.82 -6.35
C LEU B 435 -37.19 1.37 -4.92
N ARG B 436 -37.95 2.17 -4.18
CA ARG B 436 -38.38 1.74 -2.85
C ARG B 436 -39.13 0.43 -2.92
N SER B 437 -40.11 0.33 -3.82
CA SER B 437 -40.90 -0.89 -3.95
C SER B 437 -40.03 -2.11 -4.20
N LYS B 438 -39.02 -1.97 -5.06
CA LYS B 438 -38.12 -3.07 -5.36
C LYS B 438 -37.41 -3.57 -4.09
N HIS B 439 -37.13 -2.68 -3.14
CA HIS B 439 -36.29 -3.06 -2.01
C HIS B 439 -37.02 -3.06 -0.67
N LEU B 440 -38.36 -2.99 -0.66
CA LEU B 440 -39.05 -2.65 0.59
C LEU B 440 -38.85 -3.71 1.65
N THR B 441 -38.89 -5.01 1.27
CA THR B 441 -38.74 -6.06 2.27
C THR B 441 -37.41 -5.91 3.03
N LYS B 442 -36.31 -5.67 2.31
CA LYS B 442 -35.03 -5.51 3.01
C LYS B 442 -34.99 -4.20 3.81
N ILE B 443 -35.52 -3.11 3.23
CA ILE B 443 -35.55 -1.82 3.94
C ILE B 443 -36.18 -1.98 5.34
N ASN B 444 -37.20 -2.84 5.47
CA ASN B 444 -37.93 -2.99 6.73
C ASN B 444 -37.44 -4.16 7.60
N ALA B 445 -36.26 -4.72 7.30
CA ALA B 445 -35.82 -5.94 7.98
C ALA B 445 -35.64 -5.75 9.49
N PHE B 446 -35.25 -4.54 9.94
CA PHE B 446 -35.03 -4.30 11.37
C PHE B 446 -36.26 -3.76 12.13
N ARG B 447 -37.38 -3.53 11.45
CA ARG B 447 -38.51 -2.85 12.09
C ARG B 447 -39.12 -3.72 13.18
N ASN B 448 -39.43 -3.11 14.33
CA ASN B 448 -40.25 -3.82 15.35
C ASN B 448 -41.57 -4.32 14.75
N GLY C 2 6.33 55.04 -2.11
CA GLY C 2 5.17 55.11 -1.24
C GLY C 2 5.54 54.98 0.23
N ARG C 3 5.03 55.89 1.06
CA ARG C 3 5.47 55.93 2.47
C ARG C 3 5.06 54.66 3.23
N HIS C 4 3.82 54.21 3.05
CA HIS C 4 3.38 53.02 3.77
C HIS C 4 4.18 51.78 3.36
N MET C 5 4.43 51.63 2.05
CA MET C 5 5.20 50.48 1.59
C MET C 5 6.62 50.52 2.15
N GLN C 6 7.22 51.72 2.21
CA GLN C 6 8.58 51.83 2.73
C GLN C 6 8.63 51.46 4.22
N GLU C 7 7.60 51.81 4.99
CA GLU C 7 7.58 51.45 6.41
C GLU C 7 7.43 49.94 6.60
N ILE C 8 6.69 49.27 5.72
CA ILE C 8 6.61 47.80 5.79
C ILE C 8 7.97 47.18 5.53
N LEU C 9 8.66 47.63 4.47
CA LEU C 9 10.02 47.11 4.18
C LEU C 9 10.96 47.38 5.34
N ASP C 10 10.95 48.60 5.88
CA ASP C 10 11.78 48.92 7.04
C ASP C 10 11.52 47.98 8.21
N ALA C 11 10.24 47.67 8.50
CA ALA C 11 9.93 46.71 9.55
C ALA C 11 10.59 45.36 9.28
N ILE C 12 10.49 44.87 8.04
CA ILE C 12 11.08 43.56 7.72
C ILE C 12 12.60 43.59 7.88
N LEU C 13 13.23 44.63 7.35
CA LEU C 13 14.69 44.69 7.39
C LEU C 13 15.22 44.89 8.80
N SER C 14 14.40 45.38 9.73
CA SER C 14 14.90 45.64 11.08
C SER C 14 15.23 44.33 11.80
N GLY C 15 14.57 43.23 11.43
CA GLY C 15 14.75 41.95 12.04
C GLY C 15 14.10 41.74 13.39
N ASP C 16 13.46 42.77 13.96
CA ASP C 16 12.91 42.59 15.31
C ASP C 16 11.50 43.17 15.46
N ALA C 17 10.73 43.24 14.38
CA ALA C 17 9.35 43.64 14.51
C ALA C 17 8.51 42.47 15.04
N ALA C 18 7.61 42.75 15.99
CA ALA C 18 6.69 41.74 16.51
C ALA C 18 5.43 41.65 15.66
N SER C 19 4.64 40.59 15.90
CA SER C 19 3.38 40.42 15.18
C SER C 19 2.48 41.65 15.36
N ALA C 20 2.39 42.16 16.60
CA ALA C 20 1.60 43.37 16.85
C ALA C 20 2.07 44.56 16.03
N ASP C 21 3.38 44.66 15.77
CA ASP C 21 3.91 45.78 14.98
C ASP C 21 3.42 45.70 13.53
N TYR C 22 3.46 44.51 12.93
CA TYR C 22 2.92 44.35 11.58
C TYR C 22 1.43 44.64 11.54
N ALA C 23 0.69 44.17 12.56
CA ALA C 23 -0.74 44.43 12.59
C ALA C 23 -1.05 45.92 12.66
N ALA C 24 -0.15 46.71 13.27
CA ALA C 24 -0.34 48.16 13.40
C ALA C 24 0.13 48.97 12.19
N LEU C 25 0.85 48.37 11.22
CA LEU C 25 1.37 49.13 10.08
C LEU C 25 0.22 49.46 9.13
N ALA C 26 0.15 50.71 8.69
CA ALA C 26 -0.89 51.09 7.74
C ALA C 26 -0.65 50.44 6.39
N LEU C 27 -1.70 49.84 5.81
CA LEU C 27 -1.56 49.25 4.47
C LEU C 27 -1.39 50.33 3.41
N PRO C 28 -0.54 50.09 2.40
CA PRO C 28 -0.53 50.96 1.21
C PRO C 28 -1.82 50.83 0.41
N GLU C 29 -2.07 51.84 -0.41
CA GLU C 29 -3.28 51.76 -1.21
C GLU C 29 -3.00 51.39 -2.66
N SER C 30 -1.73 51.16 -3.01
CA SER C 30 -1.37 50.60 -4.29
C SER C 30 -0.09 49.79 -4.08
N TYR C 31 0.21 48.92 -5.03
CA TYR C 31 1.51 48.24 -4.96
C TYR C 31 2.04 48.03 -6.39
N ARG C 32 3.35 47.95 -6.52
CA ARG C 32 3.98 47.75 -7.83
C ARG C 32 3.96 46.27 -8.21
N ALA C 33 3.60 46.00 -9.46
CA ALA C 33 3.36 44.62 -9.91
C ALA C 33 3.71 44.46 -11.38
N VAL C 34 4.14 43.25 -11.73
CA VAL C 34 4.37 42.85 -13.13
C VAL C 34 3.05 42.31 -13.68
N THR C 35 2.57 42.90 -14.78
CA THR C 35 1.23 42.55 -15.25
C THR C 35 1.21 42.33 -16.75
N LEU C 36 0.20 41.58 -17.18
CA LEU C 36 -0.24 41.57 -18.58
C LEU C 36 -1.47 42.45 -18.70
N HIS C 37 -1.73 42.95 -19.92
CA HIS C 37 -2.88 43.81 -20.20
C HIS C 37 -3.83 43.13 -21.17
N LYS C 38 -5.11 43.06 -20.78
CA LYS C 38 -6.13 42.37 -21.57
C LYS C 38 -6.14 42.81 -23.05
N GLY C 39 -5.90 44.09 -23.31
CA GLY C 39 -5.94 44.57 -24.69
C GLY C 39 -4.88 44.00 -25.60
N GLU C 40 -3.85 43.37 -25.05
CA GLU C 40 -2.69 42.98 -25.84
C GLU C 40 -2.61 41.48 -26.12
N GLU C 41 -3.65 40.71 -25.78
CA GLU C 41 -3.49 39.26 -25.82
C GLU C 41 -3.27 38.70 -27.22
N ARG C 42 -3.42 39.49 -28.29
CA ARG C 42 -3.19 38.98 -29.63
C ARG C 42 -1.93 39.56 -30.28
N MET C 43 -1.09 40.27 -29.52
CA MET C 43 0.08 40.93 -30.11
C MET C 43 1.09 39.96 -30.69
N PHE C 44 1.03 38.68 -30.34
CA PHE C 44 1.98 37.70 -30.85
C PHE C 44 1.40 36.79 -31.93
N ASP C 45 0.12 36.94 -32.28
CA ASP C 45 -0.50 36.06 -33.27
C ASP C 45 0.31 36.01 -34.57
N GLY C 46 0.47 34.80 -35.10
CA GLY C 46 1.27 34.58 -36.28
C GLY C 46 2.70 34.14 -36.02
N LEU C 47 3.30 34.62 -34.93
CA LEU C 47 4.71 34.33 -34.66
C LEU C 47 4.88 32.91 -34.11
N ALA C 48 6.09 32.37 -34.29
CA ALA C 48 6.47 31.13 -33.64
C ALA C 48 6.71 31.39 -32.15
N SER C 49 6.49 30.36 -31.32
CA SER C 49 6.69 30.53 -29.88
C SER C 49 8.05 31.13 -29.56
N ARG C 50 9.10 30.62 -30.22
CA ARG C 50 10.47 31.02 -29.94
C ARG C 50 10.69 32.52 -30.11
N ASP C 51 9.96 33.15 -31.03
CA ASP C 51 10.19 34.56 -31.34
C ASP C 51 9.25 35.51 -30.62
N LYS C 52 8.45 35.01 -29.68
CA LYS C 52 7.61 35.87 -28.85
C LYS C 52 8.44 36.35 -27.67
N ASP C 53 8.50 37.68 -27.49
CA ASP C 53 9.42 38.35 -26.57
C ASP C 53 8.68 38.87 -25.32
N PRO C 54 8.89 38.26 -24.14
CA PRO C 54 8.16 38.72 -22.94
C PRO C 54 8.45 40.17 -22.56
N ARG C 55 9.57 40.75 -23.00
CA ARG C 55 9.85 42.15 -22.71
C ARG C 55 8.83 43.08 -23.35
N LYS C 56 8.10 42.60 -24.35
CA LYS C 56 7.11 43.42 -25.04
C LYS C 56 5.74 43.35 -24.41
N SER C 57 5.44 42.29 -23.66
CA SER C 57 4.12 42.10 -23.09
C SER C 57 4.05 42.37 -21.60
N LEU C 58 5.17 42.38 -20.90
CA LEU C 58 5.14 42.51 -19.44
C LEU C 58 5.29 43.98 -19.05
N HIS C 59 4.39 44.44 -18.20
CA HIS C 59 4.31 45.84 -17.79
C HIS C 59 4.60 45.95 -16.30
N LEU C 60 5.25 47.05 -15.88
CA LEU C 60 5.40 47.37 -14.46
C LEU C 60 4.38 48.44 -14.08
N ASP C 61 3.37 48.08 -13.30
CA ASP C 61 2.20 48.90 -13.02
C ASP C 61 2.05 49.09 -11.51
N ASP C 62 1.32 50.16 -11.14
CA ASP C 62 0.87 50.34 -9.77
C ASP C 62 -0.60 49.95 -9.71
N VAL C 63 -0.93 48.92 -8.93
CA VAL C 63 -2.29 48.38 -8.91
C VAL C 63 -2.89 48.50 -7.51
N PRO C 64 -4.23 48.59 -7.37
CA PRO C 64 -4.85 48.67 -6.04
C PRO C 64 -4.84 47.32 -5.33
N LEU C 65 -4.97 47.39 -3.97
CA LEU C 65 -5.00 46.11 -3.25
C LEU C 65 -6.37 45.43 -3.40
N PRO C 66 -6.39 44.12 -3.56
CA PRO C 66 -7.66 43.38 -3.57
C PRO C 66 -8.25 43.26 -2.15
N GLU C 67 -9.55 43.01 -2.09
CA GLU C 67 -10.21 42.76 -0.81
C GLU C 67 -9.89 41.37 -0.28
N LEU C 68 -9.50 41.29 0.98
CA LEU C 68 -9.11 40.03 1.61
C LEU C 68 -10.35 39.22 2.03
N GLY C 69 -10.47 37.98 1.55
CA GLY C 69 -11.62 37.15 1.86
C GLY C 69 -11.36 36.12 2.93
N PRO C 70 -12.37 35.31 3.25
CA PRO C 70 -12.18 34.22 4.23
C PRO C 70 -11.05 33.29 3.82
N GLY C 71 -10.23 32.91 4.80
CA GLY C 71 -9.22 31.90 4.58
C GLY C 71 -8.08 32.34 3.70
N GLU C 72 -7.83 33.64 3.60
CA GLU C 72 -6.78 34.19 2.76
C GLU C 72 -5.78 34.99 3.58
N ALA C 73 -4.62 35.25 2.96
CA ALA C 73 -3.61 36.11 3.58
C ALA C 73 -3.08 37.10 2.56
N LEU C 74 -2.78 38.30 3.02
CA LEU C 74 -2.04 39.30 2.26
C LEU C 74 -0.57 39.20 2.69
N VAL C 75 0.33 39.07 1.71
CA VAL C 75 1.75 38.82 1.97
C VAL C 75 2.60 39.95 1.39
N ALA C 76 3.55 40.47 2.19
CA ALA C 76 4.56 41.37 1.66
C ALA C 76 5.65 40.53 1.01
N VAL C 77 5.86 40.69 -0.30
CA VAL C 77 6.72 39.78 -1.07
C VAL C 77 8.16 40.29 -1.11
N MET C 78 9.10 39.53 -0.55
CA MET C 78 10.50 39.94 -0.63
C MET C 78 11.18 39.44 -1.91
N ALA C 79 10.80 38.24 -2.40
CA ALA C 79 11.35 37.71 -3.64
C ALA C 79 10.37 36.75 -4.27
N SER C 80 10.61 36.47 -5.55
CA SER C 80 9.77 35.54 -6.33
C SER C 80 10.66 34.83 -7.36
N SER C 81 10.03 34.24 -8.39
CA SER C 81 10.76 33.38 -9.32
C SER C 81 10.07 33.47 -10.67
N VAL C 82 10.79 33.13 -11.75
CA VAL C 82 10.19 33.06 -13.08
C VAL C 82 10.35 31.63 -13.56
N ASN C 83 9.23 30.93 -13.73
N ASN C 83 9.24 30.95 -13.78
CA ASN C 83 9.19 29.54 -14.18
CA ASN C 83 9.30 29.58 -14.28
C ASN C 83 8.52 29.46 -15.55
C ASN C 83 8.48 29.47 -15.56
N TYR C 84 8.42 28.23 -16.08
CA TYR C 84 7.82 28.04 -17.41
C TYR C 84 6.38 28.52 -17.45
N ASN C 85 5.60 28.27 -16.39
CA ASN C 85 4.22 28.78 -16.38
C ASN C 85 4.19 30.29 -16.53
N THR C 86 5.12 30.98 -15.88
CA THR C 86 5.16 32.43 -16.00
C THR C 86 5.50 32.85 -17.42
N VAL C 87 6.47 32.18 -18.03
CA VAL C 87 6.84 32.49 -19.41
C VAL C 87 5.66 32.24 -20.36
N TRP C 88 5.01 31.07 -20.27
CA TRP C 88 3.89 30.81 -21.18
C TRP C 88 2.80 31.88 -21.03
N SER C 89 2.45 32.24 -19.79
CA SER C 89 1.47 33.31 -19.57
C SER C 89 1.89 34.57 -20.29
N SER C 90 3.17 34.93 -20.18
CA SER C 90 3.62 36.18 -20.72
C SER C 90 3.59 36.21 -22.24
N ILE C 91 3.48 35.05 -22.91
CA ILE C 91 3.35 35.06 -24.37
C ILE C 91 1.97 34.54 -24.78
N PHE C 92 1.02 34.52 -23.83
CA PHE C 92 -0.39 34.17 -24.07
C PHE C 92 -0.53 32.77 -24.67
N GLU C 93 0.29 31.84 -24.17
CA GLU C 93 0.29 30.45 -24.59
C GLU C 93 -0.07 29.54 -23.42
N PRO C 94 -0.79 28.42 -23.66
CA PRO C 94 -1.37 28.01 -24.95
C PRO C 94 -2.49 28.94 -25.41
N VAL C 95 -3.24 29.52 -24.46
CA VAL C 95 -4.23 30.57 -24.70
C VAL C 95 -4.00 31.68 -23.68
N SER C 96 -4.64 32.83 -23.92
CA SER C 96 -4.58 33.94 -22.97
C SER C 96 -5.13 33.54 -21.61
N THR C 97 -4.42 33.96 -20.53
CA THR C 97 -4.90 33.67 -19.18
C THR C 97 -6.21 34.38 -18.86
N PHE C 98 -6.53 35.47 -19.57
CA PHE C 98 -7.72 36.25 -19.26
C PHE C 98 -8.99 35.44 -19.48
N GLY C 99 -8.95 34.44 -20.37
CA GLY C 99 -10.13 33.64 -20.64
C GLY C 99 -10.66 32.95 -19.40
N PHE C 100 -9.78 32.25 -18.68
CA PHE C 100 -10.24 31.57 -17.47
C PHE C 100 -10.60 32.56 -16.36
N LEU C 101 -9.81 33.63 -16.17
CA LEU C 101 -10.15 34.62 -15.16
C LEU C 101 -11.57 35.17 -15.36
N GLU C 102 -11.97 35.37 -16.61
CA GLU C 102 -13.31 35.88 -16.91
C GLU C 102 -14.39 34.84 -16.62
N ARG C 103 -14.22 33.60 -17.10
CA ARG C 103 -15.22 32.56 -16.87
C ARG C 103 -15.38 32.26 -15.39
N TYR C 104 -14.28 31.97 -14.71
CA TYR C 104 -14.39 31.64 -13.29
C TYR C 104 -14.96 32.82 -12.51
N GLY C 105 -14.67 34.05 -12.95
CA GLY C 105 -15.20 35.24 -12.30
C GLY C 105 -16.71 35.39 -12.39
N ARG C 106 -17.40 34.54 -13.17
CA ARG C 106 -18.85 34.62 -13.20
C ARG C 106 -19.52 33.97 -12.00
N LEU C 107 -18.77 33.17 -11.22
CA LEU C 107 -19.39 32.33 -10.19
C LEU C 107 -19.96 33.15 -9.03
N SER C 108 -19.23 34.14 -8.54
CA SER C 108 -19.56 34.78 -7.28
C SER C 108 -18.83 36.09 -7.19
N PRO C 109 -19.24 36.99 -6.31
CA PRO C 109 -18.43 38.18 -6.07
C PRO C 109 -17.00 37.86 -5.63
N LEU C 110 -16.76 36.73 -4.95
CA LEU C 110 -15.38 36.44 -4.55
C LEU C 110 -14.53 36.05 -5.74
N THR C 111 -15.04 35.19 -6.65
CA THR C 111 -14.24 34.81 -7.80
C THR C 111 -14.09 35.97 -8.77
N ALA C 112 -15.06 36.89 -8.79
CA ALA C 112 -14.98 38.03 -9.70
C ALA C 112 -13.88 39.02 -9.33
N ARG C 113 -13.33 38.95 -8.10
CA ARG C 113 -12.22 39.86 -7.77
C ARG C 113 -11.04 39.64 -8.71
N HIS C 114 -10.86 38.40 -9.22
CA HIS C 114 -9.72 38.11 -10.09
C HIS C 114 -9.90 38.60 -11.52
N ASP C 115 -11.14 38.87 -11.93
CA ASP C 115 -11.45 39.26 -13.32
C ASP C 115 -11.22 40.75 -13.48
N LEU C 116 -10.05 41.12 -13.95
CA LEU C 116 -9.64 42.50 -14.10
C LEU C 116 -9.03 42.72 -15.48
N PRO C 117 -8.88 43.97 -15.91
CA PRO C 117 -8.21 44.23 -17.19
C PRO C 117 -6.69 43.99 -17.17
N TYR C 118 -6.11 43.64 -16.02
CA TYR C 118 -4.70 43.32 -15.93
C TYR C 118 -4.54 42.04 -15.11
N HIS C 119 -3.41 41.36 -15.30
CA HIS C 119 -3.15 40.08 -14.64
C HIS C 119 -1.78 40.16 -14.00
N VAL C 120 -1.74 40.14 -12.66
CA VAL C 120 -0.47 40.11 -11.91
C VAL C 120 0.03 38.68 -11.88
N LEU C 121 1.20 38.45 -12.51
CA LEU C 121 1.72 37.09 -12.71
C LEU C 121 2.57 36.63 -11.51
N GLY C 122 2.98 35.35 -11.57
CA GLY C 122 3.97 34.83 -10.63
C GLY C 122 3.41 33.77 -9.72
N SER C 123 4.08 32.60 -9.64
CA SER C 123 3.55 31.47 -8.88
C SER C 123 4.51 31.02 -7.78
N ASP C 124 5.41 31.90 -7.36
CA ASP C 124 6.29 31.67 -6.21
C ASP C 124 6.34 32.92 -5.35
N LEU C 125 6.59 32.74 -4.05
CA LEU C 125 6.98 33.92 -3.28
C LEU C 125 7.76 33.46 -2.06
N ALA C 126 8.52 34.40 -1.50
CA ALA C 126 9.03 34.34 -0.14
C ALA C 126 8.79 35.71 0.47
N GLY C 127 8.25 35.76 1.67
CA GLY C 127 7.95 37.08 2.26
C GLY C 127 7.31 36.98 3.62
N VAL C 128 6.54 38.00 4.02
CA VAL C 128 6.06 38.10 5.41
C VAL C 128 4.55 38.32 5.40
N VAL C 129 3.84 37.56 6.22
CA VAL C 129 2.39 37.76 6.29
C VAL C 129 2.08 39.13 6.87
N LEU C 130 1.18 39.88 6.21
CA LEU C 130 0.75 41.20 6.71
C LEU C 130 -0.64 41.18 7.36
N ARG C 131 -1.59 40.47 6.77
CA ARG C 131 -2.98 40.42 7.24
C ARG C 131 -3.54 39.06 6.92
N THR C 132 -4.51 38.61 7.73
CA THR C 132 -5.26 37.38 7.44
C THR C 132 -6.76 37.65 7.45
N GLY C 133 -7.50 36.90 6.63
CA GLY C 133 -8.95 37.02 6.55
C GLY C 133 -9.67 36.19 7.61
N ALA C 134 -11.00 36.14 7.47
CA ALA C 134 -11.85 35.53 8.48
C ALA C 134 -11.54 34.04 8.64
N GLY C 135 -11.57 33.58 9.89
CA GLY C 135 -11.44 32.17 10.20
C GLY C 135 -10.02 31.65 10.27
N VAL C 136 -9.03 32.46 9.87
CA VAL C 136 -7.65 31.97 9.86
C VAL C 136 -7.17 31.71 11.27
N ASN C 137 -6.56 30.53 11.48
CA ASN C 137 -5.99 30.20 12.78
C ASN C 137 -4.47 30.06 12.79
N ALA C 138 -3.90 29.40 11.79
CA ALA C 138 -2.54 28.90 11.90
C ALA C 138 -1.47 29.90 11.47
N TRP C 139 -1.86 31.10 11.01
CA TRP C 139 -0.90 32.07 10.52
C TRP C 139 -1.23 33.43 11.11
N LYS C 140 -0.21 34.24 11.35
CA LYS C 140 -0.43 35.56 11.92
C LYS C 140 0.52 36.56 11.28
N PRO C 141 0.17 37.86 11.33
CA PRO C 141 1.09 38.90 10.84
C PRO C 141 2.52 38.73 11.37
N GLY C 142 3.50 38.87 10.48
CA GLY C 142 4.89 38.68 10.82
C GLY C 142 5.45 37.31 10.44
N ASP C 143 4.60 36.32 10.20
CA ASP C 143 5.13 34.98 9.93
C ASP C 143 5.87 35.00 8.58
N GLU C 144 7.06 34.38 8.52
CA GLU C 144 7.85 34.32 7.28
C GLU C 144 7.44 33.09 6.51
N VAL C 145 7.11 33.28 5.21
CA VAL C 145 6.45 32.22 4.44
C VAL C 145 7.01 32.09 3.04
N VAL C 146 6.82 30.90 2.48
CA VAL C 146 6.86 30.64 1.03
C VAL C 146 5.49 30.06 0.65
N ALA C 147 5.27 29.84 -0.67
CA ALA C 147 3.93 29.40 -1.06
C ALA C 147 3.95 28.14 -1.92
N HIS C 148 2.96 27.26 -1.70
CA HIS C 148 2.63 26.18 -2.64
C HIS C 148 1.61 26.76 -3.63
N CYS C 149 1.81 26.55 -4.93
CA CYS C 149 0.96 27.33 -5.84
C CYS C 149 -0.35 26.65 -6.21
N LEU C 150 -0.62 25.44 -5.73
CA LEU C 150 -1.85 24.76 -6.13
C LEU C 150 -2.98 25.15 -5.19
N SER C 151 -4.05 25.67 -5.77
CA SER C 151 -5.21 26.14 -5.04
C SER C 151 -6.35 25.17 -5.33
N VAL C 152 -6.96 24.59 -4.28
CA VAL C 152 -8.12 23.73 -4.44
C VAL C 152 -9.27 24.22 -3.56
N GLU C 153 -10.52 24.19 -4.08
CA GLU C 153 -11.65 24.58 -3.24
C GLU C 153 -12.26 23.39 -2.50
N LEU C 154 -12.13 22.18 -3.05
CA LEU C 154 -12.47 20.96 -2.30
C LEU C 154 -13.97 20.87 -2.01
N GLU C 155 -14.80 21.49 -2.85
CA GLU C 155 -16.25 21.25 -2.71
C GLU C 155 -16.67 19.85 -3.15
N SER C 156 -16.01 19.28 -4.16
CA SER C 156 -16.30 17.89 -4.55
C SER C 156 -15.71 16.94 -3.51
N PRO C 157 -16.34 15.77 -3.25
CA PRO C 157 -15.68 14.77 -2.39
C PRO C 157 -14.41 14.19 -2.99
N ASP C 158 -14.19 14.33 -4.31
CA ASP C 158 -13.18 13.53 -4.99
C ASP C 158 -11.78 13.68 -4.37
N GLY C 159 -11.45 14.88 -3.93
CA GLY C 159 -10.12 15.22 -3.46
C GLY C 159 -9.87 15.01 -1.99
N HIS C 160 -10.82 14.39 -1.27
CA HIS C 160 -10.69 14.30 0.18
C HIS C 160 -9.95 13.05 0.65
N ASN C 161 -9.39 12.24 -0.27
CA ASN C 161 -8.39 11.23 0.08
C ASN C 161 -7.01 11.47 -0.53
N ASP C 162 -6.75 12.64 -1.15
CA ASP C 162 -5.55 13.08 -1.89
C ASP C 162 -6.03 14.22 -2.79
N THR C 163 -5.66 15.49 -2.50
CA THR C 163 -6.32 16.59 -3.19
C THR C 163 -5.95 16.70 -4.67
N MET C 164 -4.93 15.97 -5.16
CA MET C 164 -4.69 16.02 -6.60
C MET C 164 -5.86 15.42 -7.38
N MET C 165 -6.79 14.70 -6.72
CA MET C 165 -7.95 14.17 -7.41
C MET C 165 -9.07 15.19 -7.48
N ASP C 166 -8.92 16.33 -6.81
CA ASP C 166 -9.91 17.40 -6.96
C ASP C 166 -10.05 17.81 -8.42
N PRO C 167 -11.29 17.99 -8.92
CA PRO C 167 -11.48 18.35 -10.34
C PRO C 167 -11.35 19.84 -10.67
N GLU C 168 -11.13 20.72 -9.70
CA GLU C 168 -11.23 22.18 -9.90
C GLU C 168 -10.01 22.92 -9.36
N GLN C 169 -8.82 22.47 -9.76
CA GLN C 169 -7.57 23.09 -9.29
C GLN C 169 -7.27 24.38 -10.03
N ARG C 170 -6.66 25.34 -9.32
CA ARG C 170 -6.13 26.56 -9.97
C ARG C 170 -4.66 26.76 -9.57
N ILE C 171 -3.78 27.03 -10.55
CA ILE C 171 -2.41 27.42 -10.23
C ILE C 171 -2.41 28.90 -9.89
N TRP C 172 -2.03 29.25 -8.65
CA TRP C 172 -1.99 30.64 -8.22
C TRP C 172 -1.03 31.44 -9.10
N GLY C 173 -1.49 32.63 -9.52
CA GLY C 173 -0.71 33.50 -10.40
C GLY C 173 -0.81 33.16 -11.87
N PHE C 174 -1.56 32.13 -12.22
CA PHE C 174 -1.69 31.68 -13.60
C PHE C 174 -3.17 31.55 -13.94
N GLU C 175 -3.89 30.79 -13.11
CA GLU C 175 -5.35 30.72 -13.15
C GLU C 175 -6.01 31.52 -12.03
N THR C 176 -5.23 32.34 -11.32
CA THR C 176 -5.73 33.35 -10.37
C THR C 176 -4.94 34.61 -10.61
N ASN C 177 -5.47 35.73 -10.08
CA ASN C 177 -4.80 37.00 -10.15
C ASN C 177 -3.92 37.16 -8.89
N PHE C 178 -3.27 38.32 -8.77
CA PHE C 178 -2.53 38.69 -7.54
C PHE C 178 -1.38 37.70 -7.25
N GLY C 179 -0.60 37.41 -8.30
CA GLY C 179 0.52 36.50 -8.19
C GLY C 179 1.74 37.16 -7.52
N GLY C 180 2.84 36.39 -7.45
CA GLY C 180 3.95 36.78 -6.63
C GLY C 180 4.99 37.73 -7.22
N LEU C 181 4.91 38.08 -8.51
CA LEU C 181 5.88 39.00 -9.11
C LEU C 181 5.41 40.43 -8.89
N ALA C 182 5.46 40.83 -7.63
CA ALA C 182 4.86 42.08 -7.17
C ALA C 182 5.34 42.30 -5.74
N GLN C 183 5.09 43.50 -5.22
CA GLN C 183 5.44 43.83 -3.83
C GLN C 183 4.50 43.20 -2.80
N LEU C 184 3.26 42.91 -3.19
CA LEU C 184 2.26 42.27 -2.34
C LEU C 184 1.61 41.16 -3.13
N ALA C 185 1.07 40.16 -2.42
CA ALA C 185 0.33 39.08 -3.06
C ALA C 185 -0.79 38.63 -2.14
N LEU C 186 -1.80 38.01 -2.75
CA LEU C 186 -2.93 37.40 -2.03
C LEU C 186 -2.94 35.90 -2.28
N VAL C 187 -2.95 35.08 -1.21
CA VAL C 187 -2.98 33.62 -1.34
C VAL C 187 -3.97 33.03 -0.34
N LYS C 188 -4.40 31.79 -0.59
CA LYS C 188 -5.13 31.06 0.46
C LYS C 188 -4.17 30.66 1.58
N THR C 189 -4.67 30.65 2.82
CA THR C 189 -3.76 30.25 3.90
C THR C 189 -3.36 28.77 3.79
N ASN C 190 -4.14 27.91 3.11
CA ASN C 190 -3.65 26.55 2.84
C ASN C 190 -2.80 26.47 1.57
N GLN C 191 -2.14 27.57 1.24
CA GLN C 191 -0.99 27.56 0.37
C GLN C 191 0.29 27.92 1.12
N LEU C 192 0.19 28.44 2.35
CA LEU C 192 1.39 28.96 3.02
C LEU C 192 2.26 27.86 3.62
N LEU C 193 3.58 28.08 3.56
CA LEU C 193 4.58 27.16 4.12
C LEU C 193 5.61 27.97 4.87
N PRO C 194 6.18 27.45 5.96
CA PRO C 194 7.20 28.23 6.69
C PRO C 194 8.48 28.40 5.88
N LYS C 195 9.03 29.62 5.90
CA LYS C 195 10.29 29.89 5.20
C LYS C 195 11.47 29.13 5.84
N PRO C 196 12.30 28.43 5.04
CA PRO C 196 13.60 27.93 5.55
C PRO C 196 14.53 29.05 6.01
N LYS C 197 14.98 28.93 7.27
CA LYS C 197 15.68 30.02 7.94
C LYS C 197 17.12 30.17 7.48
N HIS C 198 17.74 29.11 6.94
CA HIS C 198 19.13 29.23 6.49
C HIS C 198 19.27 29.76 5.07
N LEU C 199 18.16 30.06 4.37
CA LEU C 199 18.22 30.51 2.98
C LEU C 199 17.89 32.00 2.88
N THR C 200 18.39 32.65 1.82
CA THR C 200 17.99 34.03 1.51
C THR C 200 16.55 34.05 0.97
N TRP C 201 15.97 35.25 0.83
CA TRP C 201 14.60 35.32 0.32
C TRP C 201 14.52 34.69 -1.06
N GLU C 202 15.48 35.03 -1.93
CA GLU C 202 15.41 34.57 -3.32
C GLU C 202 15.67 33.06 -3.43
N GLU C 203 16.54 32.53 -2.54
CA GLU C 203 16.74 31.09 -2.51
C GLU C 203 15.50 30.37 -2.03
N ALA C 204 14.84 30.94 -1.01
CA ALA C 204 13.66 30.25 -0.43
C ALA C 204 12.49 30.22 -1.40
N ALA C 205 12.40 31.22 -2.29
CA ALA C 205 11.34 31.21 -3.30
C ALA C 205 11.63 30.27 -4.46
N SER C 206 12.80 29.62 -4.50
N SER C 206 12.81 29.66 -4.51
CA SER C 206 13.22 29.00 -5.75
CA SER C 206 13.21 28.94 -5.72
C SER C 206 12.87 27.51 -5.93
C SER C 206 12.63 27.54 -5.86
N PRO C 207 12.77 26.65 -4.86
CA PRO C 207 12.41 25.22 -5.11
C PRO C 207 11.00 25.03 -5.65
N GLY C 208 10.01 25.62 -4.99
CA GLY C 208 8.66 25.76 -5.52
C GLY C 208 8.08 24.48 -6.07
N LEU C 209 7.38 24.61 -7.20
CA LEU C 209 6.57 23.47 -7.70
C LEU C 209 7.45 22.33 -8.23
N VAL C 210 8.61 22.60 -8.86
CA VAL C 210 9.36 21.44 -9.36
C VAL C 210 9.87 20.59 -8.19
N ASN C 211 10.21 21.22 -7.06
CA ASN C 211 10.68 20.45 -5.92
C ASN C 211 9.58 19.56 -5.33
N SER C 212 8.38 20.13 -5.10
N SER C 212 8.39 20.14 -5.11
CA SER C 212 7.29 19.31 -4.55
CA SER C 212 7.26 19.36 -4.59
C SER C 212 6.82 18.25 -5.56
C SER C 212 6.86 18.25 -5.57
N THR C 213 6.84 18.57 -6.86
CA THR C 213 6.49 17.56 -7.87
C THR C 213 7.47 16.39 -7.82
N ALA C 214 8.78 16.67 -7.72
CA ALA C 214 9.76 15.59 -7.63
C ALA C 214 9.55 14.76 -6.35
N TYR C 215 9.23 15.45 -5.25
CA TYR C 215 9.00 14.74 -3.99
C TYR C 215 7.82 13.78 -4.13
N ARG C 216 6.72 14.27 -4.69
CA ARG C 216 5.56 13.37 -4.81
C ARG C 216 5.90 12.20 -5.70
N GLN C 217 6.56 12.49 -6.82
CA GLN C 217 6.84 11.46 -7.81
C GLN C 217 7.79 10.38 -7.26
N LEU C 218 8.83 10.78 -6.53
CA LEU C 218 9.87 9.83 -6.15
C LEU C 218 9.73 9.31 -4.73
N VAL C 219 9.43 10.18 -3.76
CA VAL C 219 9.49 9.83 -2.34
C VAL C 219 8.14 9.34 -1.81
N SER C 220 7.05 10.02 -2.17
CA SER C 220 5.78 9.73 -1.52
C SER C 220 5.20 8.39 -1.97
N ARG C 221 4.27 7.86 -1.15
CA ARG C 221 3.56 6.63 -1.51
C ARG C 221 2.58 6.81 -2.66
N ASN C 222 2.22 8.06 -3.01
CA ASN C 222 1.46 8.33 -4.22
C ASN C 222 2.29 8.23 -5.48
N GLY C 223 3.62 8.13 -5.37
CA GLY C 223 4.45 7.96 -6.54
C GLY C 223 5.25 6.66 -6.43
N ALA C 224 6.57 6.74 -6.41
CA ALA C 224 7.40 5.53 -6.44
C ALA C 224 7.72 4.96 -5.05
N GLY C 225 7.53 5.71 -3.96
CA GLY C 225 7.80 5.13 -2.64
C GLY C 225 9.25 4.64 -2.44
N LEU C 226 10.19 5.50 -2.81
CA LEU C 226 11.64 5.25 -2.68
C LEU C 226 12.01 4.65 -1.32
N LYS C 227 12.92 3.68 -1.32
CA LYS C 227 13.54 3.27 -0.05
C LYS C 227 15.05 3.23 -0.17
N GLN C 228 15.74 3.29 0.97
CA GLN C 228 17.19 3.25 0.90
C GLN C 228 17.65 1.97 0.23
N GLY C 229 18.75 2.07 -0.50
CA GLY C 229 19.27 0.93 -1.27
C GLY C 229 18.75 0.85 -2.70
N ASP C 230 17.66 1.55 -3.02
CA ASP C 230 17.12 1.50 -4.39
C ASP C 230 18.12 2.11 -5.37
N ASN C 231 18.12 1.58 -6.61
CA ASN C 231 18.77 2.23 -7.75
C ASN C 231 17.71 2.97 -8.56
N VAL C 232 17.97 4.25 -8.89
CA VAL C 232 16.97 5.12 -9.53
C VAL C 232 17.56 5.73 -10.80
N LEU C 233 16.95 5.49 -11.97
CA LEU C 233 17.39 6.15 -13.21
C LEU C 233 16.71 7.52 -13.27
N ILE C 234 17.50 8.60 -13.35
CA ILE C 234 16.94 9.97 -13.34
C ILE C 234 17.26 10.63 -14.67
N TRP C 235 16.24 10.74 -15.53
CA TRP C 235 16.44 11.52 -16.76
C TRP C 235 16.57 13.02 -16.44
N GLY C 236 17.31 13.74 -17.27
CA GLY C 236 17.43 15.20 -17.12
C GLY C 236 17.89 15.61 -15.74
N ALA C 237 18.94 14.96 -15.23
CA ALA C 237 19.25 15.06 -13.81
C ALA C 237 19.75 16.45 -13.38
N SER C 238 20.16 17.33 -14.32
CA SER C 238 20.47 18.72 -13.91
C SER C 238 19.37 19.71 -14.21
N GLY C 239 18.24 19.27 -14.79
CA GLY C 239 17.13 20.18 -15.04
C GLY C 239 16.32 20.36 -13.78
N GLY C 240 15.16 21.02 -13.93
CA GLY C 240 14.32 21.32 -12.77
C GLY C 240 13.91 20.11 -11.98
N LEU C 241 13.08 19.27 -12.60
CA LEU C 241 12.63 18.07 -11.90
C LEU C 241 13.80 17.19 -11.48
N GLY C 242 14.73 16.94 -12.40
CA GLY C 242 15.72 15.91 -12.13
C GLY C 242 16.71 16.34 -11.10
N SER C 243 16.97 17.67 -11.00
CA SER C 243 17.89 18.13 -9.96
C SER C 243 17.35 17.83 -8.56
N TYR C 244 16.06 18.07 -8.33
CA TYR C 244 15.51 17.70 -7.03
C TYR C 244 15.41 16.18 -6.86
N ALA C 245 15.07 15.45 -7.93
CA ALA C 245 14.98 13.98 -7.80
C ALA C 245 16.35 13.41 -7.42
N THR C 246 17.42 13.93 -8.04
CA THR C 246 18.77 13.46 -7.68
C THR C 246 19.02 13.68 -6.20
N GLN C 247 18.60 14.83 -5.66
CA GLN C 247 18.87 15.10 -4.24
C GLN C 247 18.04 14.19 -3.35
N TYR C 248 16.76 13.96 -3.71
CA TYR C 248 15.92 13.06 -2.90
C TYR C 248 16.48 11.66 -2.89
N ALA C 249 17.00 11.19 -4.04
CA ALA C 249 17.60 9.85 -4.09
C ALA C 249 18.77 9.77 -3.12
N LEU C 250 19.65 10.76 -3.18
CA LEU C 250 20.79 10.74 -2.27
C LEU C 250 20.37 10.89 -0.80
N ALA C 251 19.47 11.82 -0.52
CA ALA C 251 19.03 12.05 0.86
C ALA C 251 18.35 10.83 1.44
N GLY C 252 17.69 10.03 0.60
CA GLY C 252 16.97 8.84 1.06
C GLY C 252 17.80 7.59 1.10
N GLY C 253 19.10 7.69 0.84
CA GLY C 253 19.95 6.51 0.93
C GLY C 253 19.95 5.64 -0.30
N ALA C 254 19.46 6.16 -1.42
CA ALA C 254 19.38 5.42 -2.68
C ALA C 254 20.53 5.87 -3.61
N THR C 255 20.68 5.17 -4.75
CA THR C 255 21.72 5.54 -5.72
C THR C 255 21.08 6.13 -6.96
N PRO C 256 21.27 7.41 -7.27
CA PRO C 256 20.78 7.93 -8.55
C PRO C 256 21.78 7.59 -9.65
N ILE C 257 21.25 7.14 -10.78
CA ILE C 257 21.98 7.05 -12.05
C ILE C 257 21.50 8.24 -12.86
N CYS C 258 22.32 9.32 -12.91
CA CYS C 258 21.92 10.61 -13.47
C CYS C 258 22.16 10.60 -14.98
N VAL C 259 21.18 11.04 -15.76
CA VAL C 259 21.41 11.21 -17.21
C VAL C 259 21.43 12.70 -17.54
N VAL C 260 22.44 13.13 -18.32
CA VAL C 260 22.57 14.52 -18.76
C VAL C 260 23.06 14.48 -20.20
N SER C 261 23.13 15.66 -20.85
CA SER C 261 23.57 15.73 -22.23
C SER C 261 24.84 16.55 -22.45
N SER C 262 25.56 16.97 -21.41
CA SER C 262 26.82 17.69 -21.63
C SER C 262 27.77 17.46 -20.46
N PRO C 263 29.08 17.66 -20.67
CA PRO C 263 30.02 17.57 -19.54
C PRO C 263 29.81 18.65 -18.50
N ARG C 264 29.40 19.86 -18.88
CA ARG C 264 29.12 20.88 -17.87
C ARG C 264 28.01 20.41 -16.93
N LYS C 265 26.97 19.80 -17.49
CA LYS C 265 25.88 19.29 -16.66
C LYS C 265 26.35 18.15 -15.76
N ALA C 266 27.20 17.26 -16.27
CA ALA C 266 27.75 16.20 -15.43
C ALA C 266 28.47 16.77 -14.23
N ASP C 267 29.20 17.88 -14.41
CA ASP C 267 29.90 18.49 -13.27
C ASP C 267 28.92 19.01 -12.23
N ILE C 268 27.79 19.58 -12.67
CA ILE C 268 26.78 20.00 -11.70
C ILE C 268 26.25 18.80 -10.92
N CYS C 269 26.02 17.68 -11.60
CA CYS C 269 25.53 16.50 -10.89
C CYS C 269 26.52 16.06 -9.81
N ARG C 270 27.83 16.04 -10.15
CA ARG C 270 28.85 15.69 -9.15
C ARG C 270 28.84 16.68 -7.98
N ALA C 271 28.58 17.96 -8.27
CA ALA C 271 28.52 18.94 -7.19
C ALA C 271 27.35 18.68 -6.25
N MET C 272 26.22 18.20 -6.78
CA MET C 272 25.09 17.85 -5.92
C MET C 272 25.35 16.60 -5.08
N GLY C 273 26.40 15.83 -5.39
CA GLY C 273 26.73 14.63 -4.64
C GLY C 273 26.59 13.34 -5.44
N ALA C 274 26.22 13.41 -6.72
CA ALA C 274 26.01 12.18 -7.47
C ALA C 274 27.33 11.68 -8.02
N GLU C 275 27.41 10.38 -8.26
CA GLU C 275 28.62 9.80 -8.84
C GLU C 275 28.39 9.05 -10.15
N ALA C 276 27.24 8.39 -10.31
CA ALA C 276 26.92 7.56 -11.49
C ALA C 276 26.23 8.45 -12.52
N ILE C 277 26.96 8.88 -13.56
CA ILE C 277 26.46 9.89 -14.48
C ILE C 277 26.63 9.35 -15.90
N ILE C 278 25.53 9.29 -16.66
CA ILE C 278 25.55 8.91 -18.09
C ILE C 278 25.33 10.17 -18.93
N ASP C 279 26.22 10.41 -19.90
CA ASP C 279 25.98 11.50 -20.86
C ASP C 279 25.30 10.90 -22.09
N ARG C 280 23.98 11.17 -22.25
CA ARG C 280 23.24 10.50 -23.31
C ARG C 280 23.73 10.93 -24.70
N SER C 281 24.29 12.13 -24.81
N SER C 281 24.30 12.13 -24.80
CA SER C 281 24.78 12.59 -26.10
CA SER C 281 24.78 12.60 -26.09
C SER C 281 26.11 11.93 -26.45
C SER C 281 26.11 11.94 -26.45
N ALA C 282 27.00 11.81 -25.46
CA ALA C 282 28.27 11.11 -25.70
C ALA C 282 28.05 9.65 -26.04
N GLU C 283 27.05 9.02 -25.40
CA GLU C 283 26.78 7.61 -25.73
C GLU C 283 26.08 7.48 -27.08
N GLY C 284 25.43 8.53 -27.55
CA GLY C 284 24.79 8.51 -28.85
C GLY C 284 23.58 7.61 -28.95
N TYR C 285 22.76 7.52 -27.89
CA TYR C 285 21.58 6.64 -27.95
C TYR C 285 20.62 7.11 -29.02
N ARG C 286 20.13 6.13 -29.81
CA ARG C 286 19.17 6.38 -30.89
C ARG C 286 17.97 5.45 -30.67
N PHE C 287 17.14 5.77 -29.68
CA PHE C 287 16.07 4.83 -29.29
C PHE C 287 15.03 4.65 -30.41
N TRP C 288 14.86 5.66 -31.27
CA TRP C 288 13.95 5.54 -32.41
C TRP C 288 14.76 5.39 -33.69
N LYS C 289 14.48 4.34 -34.46
CA LYS C 289 15.13 4.15 -35.77
C LYS C 289 14.58 5.09 -36.81
N ASP C 290 13.30 5.40 -36.73
CA ASP C 290 12.66 6.29 -37.68
C ASP C 290 11.42 6.85 -36.99
N GLU C 291 10.54 7.48 -37.77
CA GLU C 291 9.42 8.18 -37.17
C GLU C 291 8.48 7.25 -36.41
N HIS C 292 8.38 5.97 -36.81
CA HIS C 292 7.37 5.09 -36.24
C HIS C 292 7.90 3.85 -35.54
N HIS C 293 9.22 3.58 -35.56
CA HIS C 293 9.72 2.32 -35.00
C HIS C 293 10.90 2.57 -34.09
N GLN C 294 10.92 1.89 -32.95
CA GLN C 294 12.05 1.97 -32.03
C GLN C 294 13.10 0.91 -32.31
N ASP C 295 14.26 1.06 -31.66
CA ASP C 295 15.38 0.13 -31.80
C ASP C 295 15.67 -0.56 -30.47
N PRO C 296 15.18 -1.78 -30.26
CA PRO C 296 15.44 -2.46 -28.98
C PRO C 296 16.92 -2.70 -28.69
N ARG C 297 17.78 -2.70 -29.70
N ARG C 297 17.77 -2.74 -29.73
CA ARG C 297 19.20 -2.88 -29.37
CA ARG C 297 19.20 -2.82 -29.46
C ARG C 297 19.76 -1.64 -28.67
C ARG C 297 19.66 -1.66 -28.60
N GLU C 298 19.17 -0.46 -28.90
CA GLU C 298 19.56 0.74 -28.16
C GLU C 298 18.99 0.74 -26.74
N TRP C 299 17.75 0.24 -26.56
CA TRP C 299 17.26 0.04 -25.19
C TRP C 299 18.25 -0.81 -24.40
N LYS C 300 18.69 -1.92 -25.00
CA LYS C 300 19.59 -2.82 -24.30
C LYS C 300 20.98 -2.17 -24.09
N ARG C 301 21.42 -1.30 -25.00
CA ARG C 301 22.71 -0.64 -24.77
C ARG C 301 22.65 0.28 -23.56
N LEU C 302 21.54 0.99 -23.38
CA LEU C 302 21.36 1.80 -22.19
C LEU C 302 21.37 0.89 -20.96
N GLY C 303 20.61 -0.21 -21.03
CA GLY C 303 20.56 -1.14 -19.91
C GLY C 303 21.93 -1.64 -19.49
N GLY C 304 22.78 -1.96 -20.47
CA GLY C 304 24.14 -2.42 -20.15
C GLY C 304 24.99 -1.33 -19.53
N LYS C 305 24.82 -0.07 -19.95
CA LYS C 305 25.57 1.03 -19.33
C LYS C 305 25.14 1.24 -17.88
N ILE C 306 23.85 1.14 -17.60
CA ILE C 306 23.38 1.25 -16.22
C ILE C 306 24.02 0.17 -15.35
N ARG C 307 24.04 -1.06 -15.86
CA ARG C 307 24.59 -2.16 -15.08
C ARG C 307 26.07 -1.96 -14.76
N GLU C 308 26.79 -1.14 -15.54
CA GLU C 308 28.19 -0.86 -15.20
C GLU C 308 28.32 -0.09 -13.90
N PHE C 309 27.30 0.71 -13.56
CA PHE C 309 27.38 1.52 -12.36
C PHE C 309 26.79 0.83 -11.15
N THR C 310 25.91 -0.14 -11.35
CA THR C 310 25.18 -0.77 -10.25
C THR C 310 25.74 -2.13 -9.87
N GLY C 311 26.84 -2.54 -10.46
CA GLY C 311 27.32 -3.91 -10.27
C GLY C 311 26.40 -4.98 -10.81
N GLY C 312 25.72 -4.73 -11.93
CA GLY C 312 24.91 -5.74 -12.60
C GLY C 312 23.44 -5.74 -12.27
N GLU C 313 22.98 -4.75 -11.49
CA GLU C 313 21.59 -4.68 -11.08
C GLU C 313 20.82 -3.72 -12.00
N ASP C 314 19.53 -3.99 -12.19
CA ASP C 314 18.65 -3.09 -12.93
C ASP C 314 17.92 -2.17 -11.96
N VAL C 315 17.50 -1.00 -12.47
CA VAL C 315 16.97 0.04 -11.57
C VAL C 315 15.61 -0.36 -11.01
N ASP C 316 15.39 -0.03 -9.73
CA ASP C 316 14.10 -0.24 -9.09
C ASP C 316 13.05 0.75 -9.60
N ILE C 317 13.49 1.96 -9.97
CA ILE C 317 12.60 3.08 -10.30
C ILE C 317 13.20 3.83 -11.48
N VAL C 318 12.37 4.19 -12.47
CA VAL C 318 12.75 5.19 -13.47
C VAL C 318 11.95 6.46 -13.23
N PHE C 319 12.66 7.59 -13.10
CA PHE C 319 12.05 8.92 -12.92
C PHE C 319 11.91 9.52 -14.33
N GLU C 320 10.72 9.36 -14.91
CA GLU C 320 10.47 9.81 -16.28
C GLU C 320 9.87 11.21 -16.35
N HIS C 321 10.02 11.82 -17.51
CA HIS C 321 9.44 13.11 -17.85
C HIS C 321 9.80 13.46 -19.28
N PRO C 322 10.91 12.94 -19.89
CA PRO C 322 11.11 13.28 -21.31
C PRO C 322 10.06 12.72 -22.25
N GLY C 323 9.43 11.59 -21.95
CA GLY C 323 8.29 11.15 -22.75
C GLY C 323 8.69 10.25 -23.94
N ARG C 324 8.14 10.55 -25.12
N ARG C 324 8.15 10.55 -25.13
CA ARG C 324 8.18 9.61 -26.24
CA ARG C 324 8.18 9.60 -26.24
C ARG C 324 9.58 9.11 -26.57
C ARG C 324 9.58 9.11 -26.58
N GLU C 325 10.57 10.01 -26.63
CA GLU C 325 11.89 9.59 -27.07
C GLU C 325 12.48 8.48 -26.18
N THR C 326 12.29 8.58 -24.83
CA THR C 326 12.96 7.71 -23.85
C THR C 326 12.04 6.63 -23.26
N PHE C 327 10.71 6.77 -23.41
CA PHE C 327 9.77 5.95 -22.64
C PHE C 327 9.89 4.43 -22.94
N GLY C 328 10.14 4.04 -24.21
CA GLY C 328 10.33 2.62 -24.51
C GLY C 328 11.52 2.05 -23.75
N ALA C 329 12.62 2.79 -23.74
CA ALA C 329 13.81 2.37 -23.02
C ALA C 329 13.56 2.33 -21.53
N SER C 330 12.83 3.33 -21.00
CA SER C 330 12.52 3.35 -19.56
C SER C 330 11.77 2.10 -19.13
N VAL C 331 10.77 1.67 -19.90
CA VAL C 331 10.05 0.45 -19.53
C VAL C 331 10.96 -0.78 -19.64
N TYR C 332 11.80 -0.83 -20.67
CA TYR C 332 12.69 -1.99 -20.86
C TYR C 332 13.69 -2.15 -19.71
N VAL C 333 14.35 -1.06 -19.30
CA VAL C 333 15.48 -1.23 -18.36
C VAL C 333 15.05 -1.47 -16.92
N THR C 334 13.80 -1.20 -16.56
CA THR C 334 13.36 -1.33 -15.18
C THR C 334 13.42 -2.78 -14.70
N ARG C 335 13.81 -2.99 -13.44
CA ARG C 335 13.87 -4.31 -12.83
C ARG C 335 12.49 -4.98 -12.78
N LYS C 336 12.51 -6.31 -12.64
CA LYS C 336 11.26 -7.06 -12.43
C LYS C 336 10.55 -6.55 -11.16
N GLY C 337 9.28 -6.16 -11.30
CA GLY C 337 8.56 -5.62 -10.14
C GLY C 337 8.77 -4.13 -9.89
N GLY C 338 9.52 -3.44 -10.78
CA GLY C 338 9.88 -2.04 -10.61
C GLY C 338 8.82 -1.08 -11.12
N THR C 339 9.11 0.21 -10.96
CA THR C 339 8.11 1.23 -11.24
C THR C 339 8.71 2.28 -12.18
N ILE C 340 7.91 2.74 -13.15
CA ILE C 340 8.27 3.87 -13.99
C ILE C 340 7.28 4.97 -13.61
N VAL C 341 7.75 6.10 -13.05
CA VAL C 341 6.83 7.16 -12.63
C VAL C 341 6.98 8.31 -13.61
N THR C 342 5.86 8.87 -14.08
CA THR C 342 5.92 9.88 -15.15
C THR C 342 5.07 11.10 -14.78
N CYS C 343 5.62 12.32 -14.95
CA CYS C 343 4.82 13.51 -14.64
C CYS C 343 4.88 14.55 -15.75
N ALA C 344 5.28 14.14 -16.94
CA ALA C 344 5.40 15.04 -18.10
C ALA C 344 5.83 14.22 -19.33
N SER C 345 5.83 14.86 -20.50
CA SER C 345 6.24 14.23 -21.77
C SER C 345 6.90 15.27 -22.67
N THR C 346 8.06 15.78 -22.26
CA THR C 346 8.64 16.94 -22.95
C THR C 346 8.81 16.69 -24.46
N SER C 347 9.29 15.50 -24.83
CA SER C 347 9.61 15.19 -26.23
C SER C 347 8.40 14.72 -27.04
N GLY C 348 7.22 14.60 -26.44
CA GLY C 348 6.06 14.11 -27.18
C GLY C 348 5.22 13.20 -26.29
N TYR C 349 3.89 13.38 -26.30
CA TYR C 349 3.03 12.67 -25.34
C TYR C 349 2.44 11.37 -25.91
N MET C 350 2.69 11.04 -27.18
CA MET C 350 2.22 9.75 -27.69
C MET C 350 3.30 8.70 -27.39
N HIS C 351 3.19 8.07 -26.22
CA HIS C 351 4.17 7.07 -25.78
C HIS C 351 3.98 5.75 -26.52
N GLN C 352 5.08 5.07 -26.83
CA GLN C 352 5.05 3.71 -27.41
C GLN C 352 5.98 2.84 -26.57
N TYR C 353 5.51 1.66 -26.15
CA TYR C 353 6.38 0.75 -25.42
C TYR C 353 5.94 -0.69 -25.70
N ASP C 354 6.88 -1.61 -25.42
CA ASP C 354 6.66 -3.06 -25.61
C ASP C 354 6.04 -3.64 -24.34
N ASN C 355 4.74 -3.92 -24.41
CA ASN C 355 4.01 -4.35 -23.21
C ASN C 355 4.46 -5.72 -22.69
N ARG C 356 5.11 -6.54 -23.51
CA ARG C 356 5.60 -7.81 -22.98
C ARG C 356 6.53 -7.56 -21.81
N TYR C 357 7.37 -6.51 -21.89
CA TYR C 357 8.26 -6.23 -20.75
C TYR C 357 7.47 -5.80 -19.52
N LEU C 358 6.38 -5.07 -19.73
CA LEU C 358 5.58 -4.62 -18.62
C LEU C 358 4.85 -5.78 -17.93
N TRP C 359 4.14 -6.63 -18.70
CA TRP C 359 3.36 -7.63 -17.95
C TRP C 359 4.21 -8.82 -17.52
N MET C 360 5.16 -9.29 -18.37
N MET C 360 5.14 -9.30 -18.38
CA MET C 360 5.90 -10.48 -18.00
CA MET C 360 5.92 -10.48 -18.02
C MET C 360 6.88 -10.25 -16.86
C MET C 360 6.81 -10.23 -16.82
N SER C 361 7.28 -8.99 -16.64
CA SER C 361 8.13 -8.65 -15.49
C SER C 361 7.38 -7.83 -14.43
N LEU C 362 6.03 -7.81 -14.49
CA LEU C 362 5.15 -7.26 -13.44
C LEU C 362 5.56 -5.84 -13.06
N LYS C 363 5.87 -5.02 -14.08
CA LYS C 363 6.23 -3.63 -13.83
C LYS C 363 4.96 -2.75 -13.81
N ARG C 364 5.11 -1.50 -13.39
CA ARG C 364 3.96 -0.59 -13.44
C ARG C 364 4.42 0.79 -13.86
N ILE C 365 3.49 1.52 -14.52
CA ILE C 365 3.69 2.91 -14.93
C ILE C 365 2.75 3.77 -14.09
N VAL C 366 3.30 4.68 -13.28
CA VAL C 366 2.49 5.46 -12.34
C VAL C 366 2.48 6.90 -12.81
N GLY C 367 1.28 7.45 -13.09
CA GLY C 367 1.18 8.85 -13.48
C GLY C 367 1.13 9.70 -12.21
N SER C 368 1.87 10.80 -12.23
CA SER C 368 1.85 11.74 -11.10
C SER C 368 1.76 13.14 -11.68
N HIS C 369 1.27 14.08 -10.89
CA HIS C 369 1.09 15.44 -11.39
C HIS C 369 1.22 16.38 -10.21
N PHE C 370 2.12 17.37 -10.30
CA PHE C 370 2.31 18.34 -9.21
C PHE C 370 2.41 17.66 -7.84
N ALA C 371 1.72 18.20 -6.83
CA ALA C 371 1.80 17.69 -5.45
C ALA C 371 0.62 18.25 -4.67
N ASN C 372 0.05 17.43 -3.78
CA ASN C 372 -0.90 18.02 -2.83
C ASN C 372 -0.17 18.80 -1.72
N TYR C 373 -0.95 19.52 -0.89
CA TYR C 373 -0.32 20.43 0.07
C TYR C 373 0.46 19.68 1.16
N ARG C 374 0.07 18.44 1.50
CA ARG C 374 0.89 17.70 2.46
C ARG C 374 2.25 17.35 1.86
N GLU C 375 2.25 16.96 0.58
CA GLU C 375 3.52 16.67 -0.10
C GLU C 375 4.39 17.93 -0.22
N ALA C 376 3.76 19.06 -0.53
CA ALA C 376 4.51 20.30 -0.62
C ALA C 376 5.10 20.68 0.74
N PHE C 377 4.31 20.51 1.83
CA PHE C 377 4.86 20.76 3.17
C PHE C 377 6.07 19.86 3.46
N GLU C 378 5.96 18.57 3.15
CA GLU C 378 7.06 17.62 3.40
C GLU C 378 8.29 17.97 2.57
N ALA C 379 8.09 18.33 1.28
CA ALA C 379 9.23 18.70 0.44
C ALA C 379 9.91 19.95 0.98
N ASN C 380 9.12 20.96 1.36
CA ASN C 380 9.70 22.19 1.92
C ASN C 380 10.40 21.93 3.26
N ARG C 381 9.84 21.05 4.06
CA ARG C 381 10.46 20.68 5.35
C ARG C 381 11.84 20.03 5.16
N LEU C 382 12.00 19.23 4.10
CA LEU C 382 13.33 18.66 3.82
C LEU C 382 14.32 19.73 3.35
N VAL C 383 13.86 20.77 2.64
CA VAL C 383 14.74 21.91 2.38
C VAL C 383 15.13 22.58 3.70
N ALA C 384 14.15 22.81 4.57
CA ALA C 384 14.41 23.49 5.84
C ALA C 384 15.34 22.69 6.75
N LYS C 385 15.34 21.36 6.64
CA LYS C 385 16.27 20.53 7.38
C LYS C 385 17.67 20.53 6.78
N GLY C 386 17.87 21.13 5.60
CA GLY C 386 19.17 21.09 4.98
C GLY C 386 19.47 19.80 4.24
N LYS C 387 18.46 18.94 4.02
CA LYS C 387 18.69 17.74 3.24
C LYS C 387 18.63 17.99 1.73
N ILE C 388 17.90 19.02 1.32
CA ILE C 388 17.60 19.35 -0.07
C ILE C 388 17.94 20.83 -0.24
N HIS C 389 18.65 21.17 -1.35
CA HIS C 389 19.12 22.54 -1.52
C HIS C 389 18.52 23.21 -2.74
N PRO C 390 18.35 24.52 -2.68
CA PRO C 390 17.86 25.28 -3.84
C PRO C 390 18.91 25.32 -4.94
N THR C 391 18.44 25.66 -6.15
CA THR C 391 19.24 25.54 -7.38
C THR C 391 19.30 26.86 -8.15
N LEU C 392 19.40 27.99 -7.44
CA LEU C 392 19.34 29.30 -8.09
C LEU C 392 20.60 29.56 -8.91
N SER C 393 20.43 30.09 -10.13
CA SER C 393 21.55 30.52 -10.98
C SER C 393 21.74 32.04 -11.03
N LYS C 394 20.64 32.79 -11.11
CA LYS C 394 20.76 34.21 -11.44
C LYS C 394 19.54 34.92 -10.87
N VAL C 395 19.73 36.15 -10.41
CA VAL C 395 18.67 36.94 -9.79
C VAL C 395 18.55 38.27 -10.54
N TYR C 396 17.31 38.70 -10.78
CA TYR C 396 16.98 39.97 -11.42
C TYR C 396 16.15 40.83 -10.46
N ALA C 397 16.23 42.15 -10.65
CA ALA C 397 15.31 43.05 -9.96
C ALA C 397 13.91 43.00 -10.59
N LEU C 398 12.89 43.32 -9.79
CA LEU C 398 11.51 43.28 -10.27
C LEU C 398 11.33 44.07 -11.57
N GLU C 399 12.01 45.21 -11.67
CA GLU C 399 11.91 46.04 -12.87
C GLU C 399 12.40 45.32 -14.12
N GLU C 400 13.23 44.29 -13.97
CA GLU C 400 13.80 43.56 -15.10
C GLU C 400 13.14 42.20 -15.30
N THR C 401 11.89 42.03 -14.86
CA THR C 401 11.27 40.72 -14.99
C THR C 401 11.11 40.34 -16.46
N GLY C 402 10.95 41.33 -17.34
CA GLY C 402 10.86 41.01 -18.76
C GLY C 402 12.09 40.24 -19.26
N GLN C 403 13.30 40.71 -18.89
CA GLN C 403 14.53 40.03 -19.29
C GLN C 403 14.68 38.68 -18.58
N ALA C 404 14.30 38.60 -17.31
CA ALA C 404 14.30 37.31 -16.63
C ALA C 404 13.47 36.29 -17.38
N ALA C 405 12.28 36.72 -17.86
CA ALA C 405 11.39 35.82 -18.58
C ALA C 405 11.98 35.39 -19.91
N LEU C 406 12.61 36.33 -20.63
CA LEU C 406 13.29 35.94 -21.86
C LEU C 406 14.42 34.94 -21.58
N ASP C 407 15.21 35.16 -20.53
CA ASP C 407 16.27 34.22 -20.15
C ASP C 407 15.71 32.81 -19.92
N VAL C 408 14.57 32.70 -19.24
CA VAL C 408 14.00 31.37 -19.04
C VAL C 408 13.49 30.80 -20.35
N HIS C 409 12.82 31.64 -21.14
CA HIS C 409 12.23 31.21 -22.42
C HIS C 409 13.28 30.65 -23.36
N HIS C 410 14.49 31.22 -23.35
CA HIS C 410 15.59 30.80 -24.20
C HIS C 410 16.60 29.91 -23.49
N ASN C 411 16.28 29.42 -22.29
CA ASN C 411 17.12 28.47 -21.57
C ASN C 411 18.55 28.98 -21.41
N LYS C 412 18.70 30.24 -20.96
CA LYS C 412 20.05 30.79 -20.84
C LYS C 412 20.84 30.25 -19.63
N HIS C 413 20.18 29.74 -18.59
CA HIS C 413 20.90 29.35 -17.37
C HIS C 413 20.69 27.87 -17.05
N GLN C 414 21.64 27.33 -16.30
CA GLN C 414 21.55 25.91 -15.97
C GLN C 414 20.58 25.64 -14.85
N GLY C 415 20.36 26.61 -13.95
CA GLY C 415 19.44 26.49 -12.82
C GLY C 415 18.34 27.53 -12.87
N LYS C 416 17.75 27.89 -11.73
CA LYS C 416 16.55 28.72 -11.67
C LYS C 416 16.88 30.20 -11.76
N VAL C 417 15.87 31.01 -12.14
CA VAL C 417 16.01 32.46 -12.21
C VAL C 417 15.11 33.05 -11.14
N GLY C 418 15.69 33.84 -10.23
CA GLY C 418 14.91 34.48 -9.17
C GLY C 418 14.73 35.96 -9.41
N VAL C 419 13.78 36.58 -8.69
CA VAL C 419 13.44 37.99 -8.87
C VAL C 419 13.33 38.63 -7.49
N LEU C 420 14.00 39.78 -7.28
CA LEU C 420 13.83 40.54 -6.04
C LEU C 420 12.55 41.36 -6.15
N CYS C 421 11.69 41.32 -5.13
CA CYS C 421 10.47 42.13 -5.17
C CYS C 421 10.65 43.30 -4.23
N LEU C 422 10.29 43.20 -2.95
CA LEU C 422 10.64 44.26 -2.00
C LEU C 422 12.10 44.23 -1.59
N ALA C 423 12.77 43.07 -1.67
CA ALA C 423 14.13 43.02 -1.15
C ALA C 423 15.04 43.95 -1.94
N PRO C 424 15.84 44.80 -1.27
CA PRO C 424 16.63 45.79 -2.00
C PRO C 424 17.89 45.23 -2.64
N ARG C 425 18.36 44.05 -2.22
CA ARG C 425 19.56 43.45 -2.77
C ARG C 425 19.52 41.95 -2.49
N GLU C 426 20.40 41.23 -3.17
CA GLU C 426 20.56 39.81 -2.93
C GLU C 426 21.23 39.58 -1.57
N GLY C 427 20.99 38.40 -0.99
CA GLY C 427 21.71 37.96 0.18
C GLY C 427 21.07 38.24 1.53
N LEU C 428 19.82 38.71 1.56
CA LEU C 428 19.15 39.01 2.83
C LEU C 428 18.20 37.89 3.24
N GLY C 429 17.81 37.90 4.52
CA GLY C 429 16.78 36.99 5.01
C GLY C 429 17.26 35.73 5.71
N VAL C 430 18.58 35.53 5.84
CA VAL C 430 19.08 34.36 6.59
C VAL C 430 18.98 34.64 8.08
N THR C 431 18.28 33.76 8.81
CA THR C 431 18.30 33.81 10.27
C THR C 431 18.88 32.55 10.94
N ASP C 432 19.43 31.59 10.16
CA ASP C 432 20.17 30.41 10.67
C ASP C 432 21.51 30.26 9.94
N PRO C 433 22.48 31.11 10.26
CA PRO C 433 23.76 31.10 9.53
C PRO C 433 24.56 29.83 9.77
N GLU C 434 24.44 29.22 10.96
CA GLU C 434 25.19 28.01 11.25
C GLU C 434 24.81 26.89 10.29
N LEU C 435 23.51 26.67 10.09
CA LEU C 435 23.11 25.64 9.14
C LEU C 435 23.50 26.04 7.71
N ARG C 436 23.37 27.32 7.37
CA ARG C 436 23.77 27.71 6.02
C ARG C 436 25.25 27.39 5.79
N SER C 437 26.08 27.67 6.79
CA SER C 437 27.52 27.44 6.63
C SER C 437 27.84 25.97 6.35
N LYS C 438 27.07 25.03 6.91
CA LYS C 438 27.32 23.61 6.66
C LYS C 438 27.06 23.19 5.22
N HIS C 439 26.22 23.91 4.49
CA HIS C 439 25.73 23.48 3.19
C HIS C 439 26.05 24.45 2.07
N LEU C 440 26.91 25.45 2.33
CA LEU C 440 27.05 26.59 1.42
C LEU C 440 27.47 26.14 0.01
N THR C 441 28.41 25.20 -0.08
CA THR C 441 28.88 24.79 -1.39
C THR C 441 27.77 24.20 -2.25
N LYS C 442 26.94 23.32 -1.68
CA LYS C 442 25.85 22.74 -2.45
C LYS C 442 24.79 23.77 -2.74
N ILE C 443 24.53 24.65 -1.79
CA ILE C 443 23.53 25.70 -2.01
C ILE C 443 23.88 26.52 -3.25
N ASN C 444 25.18 26.77 -3.49
CA ASN C 444 25.63 27.55 -4.63
C ASN C 444 26.06 26.72 -5.85
N ALA C 445 25.67 25.44 -5.92
CA ALA C 445 26.15 24.58 -7.01
C ALA C 445 25.74 25.06 -8.40
N PHE C 446 24.60 25.79 -8.52
CA PHE C 446 24.14 26.24 -9.83
C PHE C 446 24.53 27.70 -10.13
N ARG C 447 25.30 28.35 -9.27
CA ARG C 447 25.78 29.71 -9.54
C ARG C 447 27.07 29.63 -10.36
N ASN C 448 27.25 30.60 -11.25
CA ASN C 448 28.46 30.62 -12.09
C ASN C 448 29.65 31.31 -11.42
N ARG D 3 46.69 -33.12 6.54
CA ARG D 3 45.35 -32.80 7.03
C ARG D 3 44.55 -32.13 5.91
N HIS D 4 43.42 -32.74 5.60
CA HIS D 4 42.57 -32.19 4.56
C HIS D 4 41.97 -30.85 4.98
N MET D 5 41.64 -30.72 6.27
CA MET D 5 41.15 -29.43 6.77
C MET D 5 42.23 -28.35 6.68
N GLN D 6 43.47 -28.67 7.02
CA GLN D 6 44.53 -27.67 6.88
C GLN D 6 44.64 -27.17 5.45
N GLU D 7 44.52 -28.06 4.46
CA GLU D 7 44.67 -27.61 3.09
C GLU D 7 43.50 -26.75 2.64
N ILE D 8 42.30 -26.99 3.18
CA ILE D 8 41.17 -26.11 2.90
C ILE D 8 41.46 -24.71 3.42
N LEU D 9 41.96 -24.61 4.66
CA LEU D 9 42.30 -23.31 5.21
C LEU D 9 43.41 -22.63 4.41
N ASP D 10 44.46 -23.38 4.02
CA ASP D 10 45.52 -22.76 3.22
C ASP D 10 44.99 -22.21 1.90
N ALA D 11 44.07 -22.93 1.24
CA ALA D 11 43.45 -22.42 0.02
C ALA D 11 42.75 -21.09 0.28
N ILE D 12 41.95 -21.03 1.35
CA ILE D 12 41.25 -19.78 1.68
C ILE D 12 42.25 -18.66 1.94
N LEU D 13 43.24 -18.93 2.78
CA LEU D 13 44.18 -17.88 3.17
C LEU D 13 45.07 -17.43 2.02
N SER D 14 45.27 -18.28 1.00
CA SER D 14 46.08 -17.90 -0.13
C SER D 14 45.46 -16.74 -0.91
N GLY D 15 44.14 -16.60 -0.85
CA GLY D 15 43.47 -15.48 -1.48
C GLY D 15 43.30 -15.59 -2.98
N ASP D 16 43.89 -16.60 -3.63
CA ASP D 16 43.76 -16.69 -5.08
C ASP D 16 43.42 -18.11 -5.57
N ALA D 17 42.78 -18.93 -4.75
CA ALA D 17 42.30 -20.21 -5.24
C ALA D 17 41.09 -20.00 -6.14
N ALA D 18 41.01 -20.75 -7.24
CA ALA D 18 39.86 -20.67 -8.13
C ALA D 18 38.78 -21.67 -7.71
N SER D 19 37.59 -21.52 -8.29
CA SER D 19 36.51 -22.44 -7.98
C SER D 19 36.94 -23.89 -8.24
N ALA D 20 37.67 -24.11 -9.34
CA ALA D 20 38.13 -25.46 -9.67
C ALA D 20 39.07 -26.00 -8.60
N ASP D 21 39.90 -25.13 -8.00
CA ASP D 21 40.77 -25.55 -6.89
C ASP D 21 39.97 -26.03 -5.69
N TYR D 22 38.90 -25.30 -5.32
CA TYR D 22 38.06 -25.75 -4.22
C TYR D 22 37.35 -27.05 -4.55
N ALA D 23 36.91 -27.20 -5.82
CA ALA D 23 36.19 -28.42 -6.15
C ALA D 23 37.11 -29.64 -6.08
N ALA D 24 38.43 -29.45 -6.24
CA ALA D 24 39.41 -30.53 -6.27
C ALA D 24 39.94 -30.91 -4.89
N LEU D 25 39.69 -30.08 -3.87
CA LEU D 25 40.17 -30.39 -2.52
C LEU D 25 39.47 -31.62 -1.95
N ALA D 26 40.23 -32.46 -1.26
CA ALA D 26 39.62 -33.62 -0.61
C ALA D 26 38.87 -33.18 0.64
N LEU D 27 37.69 -33.74 0.83
CA LEU D 27 36.96 -33.37 2.05
C LEU D 27 37.55 -34.08 3.26
N PRO D 28 37.53 -33.44 4.44
CA PRO D 28 37.91 -34.15 5.67
C PRO D 28 36.86 -35.18 6.06
N GLU D 29 37.28 -36.14 6.88
CA GLU D 29 36.35 -37.14 7.39
C GLU D 29 35.60 -36.67 8.63
N SER D 30 36.12 -35.65 9.31
CA SER D 30 35.50 -35.12 10.51
C SER D 30 35.77 -33.62 10.59
N TYR D 31 34.99 -32.92 11.40
CA TYR D 31 35.27 -31.52 11.65
C TYR D 31 35.07 -31.21 13.12
N ARG D 32 35.77 -30.19 13.60
CA ARG D 32 35.66 -29.72 14.98
C ARG D 32 34.40 -28.85 15.15
N ALA D 33 33.62 -29.13 16.20
CA ALA D 33 32.31 -28.49 16.33
C ALA D 33 31.96 -28.27 17.80
N VAL D 34 31.20 -27.21 18.06
CA VAL D 34 30.68 -26.96 19.41
C VAL D 34 29.32 -27.64 19.54
N THR D 35 29.16 -28.53 20.54
CA THR D 35 27.98 -29.39 20.57
C THR D 35 27.32 -29.47 21.95
N LEU D 36 26.02 -29.76 21.95
CA LEU D 36 25.29 -30.24 23.11
C LEU D 36 25.17 -31.77 23.01
N HIS D 37 25.06 -32.44 24.19
CA HIS D 37 24.95 -33.90 24.24
C HIS D 37 23.59 -34.30 24.78
N LYS D 38 22.92 -35.24 24.09
CA LYS D 38 21.53 -35.59 24.41
C LYS D 38 21.36 -36.01 25.88
N GLY D 39 22.34 -36.72 26.42
CA GLY D 39 22.18 -37.23 27.78
C GLY D 39 22.18 -36.17 28.86
N GLU D 40 22.61 -34.95 28.55
CA GLU D 40 22.82 -33.94 29.58
C GLU D 40 21.70 -32.92 29.66
N GLU D 41 20.60 -33.12 28.92
CA GLU D 41 19.58 -32.10 28.79
C GLU D 41 18.87 -31.76 30.09
N ARG D 42 19.03 -32.58 31.13
CA ARG D 42 18.40 -32.29 32.42
C ARG D 42 19.37 -31.72 33.46
N MET D 43 20.62 -31.41 33.05
CA MET D 43 21.65 -31.07 34.03
C MET D 43 21.37 -29.77 34.79
N PHE D 44 20.61 -28.84 34.24
CA PHE D 44 20.31 -27.58 34.93
C PHE D 44 18.94 -27.58 35.58
N ASP D 45 18.33 -28.76 35.74
CA ASP D 45 17.03 -28.82 36.40
C ASP D 45 17.15 -28.25 37.81
N GLY D 46 16.24 -27.32 38.13
CA GLY D 46 16.15 -26.74 39.46
C GLY D 46 16.74 -25.35 39.61
N LEU D 47 17.58 -24.90 38.67
CA LEU D 47 18.30 -23.65 38.80
C LEU D 47 17.54 -22.50 38.16
N ALA D 48 17.76 -21.28 38.68
CA ALA D 48 17.30 -20.10 37.98
C ALA D 48 18.12 -19.96 36.70
N SER D 49 17.51 -19.34 35.68
CA SER D 49 18.21 -19.19 34.39
C SER D 49 19.59 -18.58 34.55
N ARG D 50 19.73 -17.54 35.38
CA ARG D 50 21.02 -16.85 35.46
C ARG D 50 22.12 -17.77 36.00
N ASP D 51 21.76 -18.80 36.77
CA ASP D 51 22.72 -19.71 37.37
C ASP D 51 23.09 -20.91 36.49
N LYS D 52 22.49 -21.04 35.30
CA LYS D 52 22.90 -22.09 34.37
C LYS D 52 24.12 -21.61 33.59
N ASP D 53 25.18 -22.42 33.63
CA ASP D 53 26.49 -22.05 33.09
C ASP D 53 26.75 -22.76 31.76
N PRO D 54 26.72 -22.05 30.62
CA PRO D 54 27.00 -22.73 29.33
C PRO D 54 28.34 -23.40 29.26
N ARG D 55 29.31 -23.00 30.10
CA ARG D 55 30.59 -23.70 30.08
C ARG D 55 30.46 -25.15 30.52
N LYS D 56 29.36 -25.49 31.17
CA LYS D 56 29.20 -26.87 31.65
C LYS D 56 28.49 -27.77 30.65
N SER D 57 27.84 -27.20 29.63
CA SER D 57 27.06 -27.98 28.69
C SER D 57 27.64 -28.02 27.28
N LEU D 58 28.49 -27.06 26.91
CA LEU D 58 29.05 -27.01 25.56
C LEU D 58 30.32 -27.84 25.48
N HIS D 59 30.38 -28.71 24.47
CA HIS D 59 31.52 -29.59 24.26
C HIS D 59 32.17 -29.27 22.92
N LEU D 60 33.47 -29.50 22.85
CA LEU D 60 34.22 -29.39 21.60
C LEU D 60 34.48 -30.81 21.10
N ASP D 61 33.74 -31.25 20.07
CA ASP D 61 33.83 -32.61 19.55
C ASP D 61 34.35 -32.63 18.11
N ASP D 62 34.88 -33.77 17.69
CA ASP D 62 35.07 -34.04 16.28
C ASP D 62 33.87 -34.85 15.78
N VAL D 63 33.21 -34.37 14.74
CA VAL D 63 31.98 -35.01 14.27
C VAL D 63 32.10 -35.34 12.79
N PRO D 64 31.42 -36.37 12.29
CA PRO D 64 31.49 -36.69 10.86
C PRO D 64 30.68 -35.72 10.02
N LEU D 65 31.00 -35.70 8.68
CA LEU D 65 30.26 -34.80 7.81
C LEU D 65 28.90 -35.40 7.47
N PRO D 66 27.85 -34.58 7.48
CA PRO D 66 26.55 -35.03 7.01
C PRO D 66 26.57 -35.24 5.51
N GLU D 67 25.52 -35.91 5.01
CA GLU D 67 25.40 -36.11 3.58
C GLU D 67 24.63 -34.96 2.97
N LEU D 68 25.11 -34.51 1.81
CA LEU D 68 24.64 -33.30 1.16
C LEU D 68 23.40 -33.61 0.32
N GLY D 69 22.29 -32.92 0.59
CA GLY D 69 21.05 -33.18 -0.11
C GLY D 69 20.76 -32.19 -1.23
N PRO D 70 19.62 -32.37 -1.91
CA PRO D 70 19.22 -31.40 -2.95
C PRO D 70 19.09 -29.98 -2.38
N GLY D 71 19.65 -29.02 -3.12
CA GLY D 71 19.49 -27.63 -2.75
C GLY D 71 20.22 -27.20 -1.50
N GLU D 72 21.26 -27.93 -1.11
CA GLU D 72 22.05 -27.60 0.07
C GLU D 72 23.50 -27.30 -0.31
N ALA D 73 24.22 -26.64 0.61
CA ALA D 73 25.63 -26.32 0.45
C ALA D 73 26.41 -26.72 1.69
N LEU D 74 27.64 -27.17 1.49
CA LEU D 74 28.59 -27.42 2.56
C LEU D 74 29.55 -26.24 2.57
N VAL D 75 29.67 -25.57 3.71
CA VAL D 75 30.43 -24.32 3.82
C VAL D 75 31.62 -24.52 4.76
N ALA D 76 32.80 -24.02 4.36
CA ALA D 76 33.94 -23.94 5.28
C ALA D 76 33.80 -22.65 6.08
N VAL D 77 33.70 -22.76 7.41
CA VAL D 77 33.31 -21.62 8.24
C VAL D 77 34.55 -20.90 8.75
N MET D 78 34.70 -19.61 8.42
CA MET D 78 35.82 -18.87 8.97
C MET D 78 35.49 -18.23 10.32
N ALA D 79 34.25 -17.82 10.53
CA ALA D 79 33.84 -17.19 11.78
C ALA D 79 32.35 -17.39 11.97
N SER D 80 31.91 -17.23 13.22
CA SER D 80 30.51 -17.33 13.59
C SER D 80 30.23 -16.30 14.69
N SER D 81 29.13 -16.50 15.42
CA SER D 81 28.66 -15.53 16.41
C SER D 81 27.97 -16.30 17.52
N VAL D 82 27.80 -15.66 18.68
CA VAL D 82 26.98 -16.22 19.76
C VAL D 82 25.89 -15.19 20.06
N ASN D 83 24.62 -15.56 19.80
CA ASN D 83 23.44 -14.71 20.04
C ASN D 83 22.53 -15.39 21.08
N TYR D 84 21.38 -14.77 21.36
CA TYR D 84 20.52 -15.27 22.44
C TYR D 84 19.97 -16.67 22.15
N ASN D 85 19.64 -16.96 20.89
CA ASN D 85 19.21 -18.32 20.56
C ASN D 85 20.27 -19.33 20.96
N THR D 86 21.54 -19.04 20.66
CA THR D 86 22.61 -19.97 21.00
C THR D 86 22.69 -20.16 22.51
N VAL D 87 22.59 -19.06 23.26
CA VAL D 87 22.64 -19.16 24.72
C VAL D 87 21.48 -20.01 25.25
N TRP D 88 20.24 -19.69 24.83
CA TRP D 88 19.09 -20.50 25.26
C TRP D 88 19.29 -21.99 24.98
N SER D 89 19.69 -22.34 23.76
N SER D 89 19.71 -22.33 23.76
CA SER D 89 19.93 -23.76 23.47
CA SER D 89 19.91 -23.76 23.47
C SER D 89 20.96 -24.34 24.44
C SER D 89 20.98 -24.36 24.39
N SER D 90 22.01 -23.59 24.71
CA SER D 90 23.07 -24.13 25.56
C SER D 90 22.60 -24.38 26.99
N ILE D 91 21.51 -23.75 27.43
CA ILE D 91 20.98 -24.03 28.77
C ILE D 91 19.64 -24.77 28.70
N PHE D 92 19.27 -25.30 27.53
CA PHE D 92 18.08 -26.13 27.36
C PHE D 92 16.79 -25.39 27.70
N GLU D 93 16.75 -24.10 27.38
CA GLU D 93 15.56 -23.29 27.53
C GLU D 93 15.04 -22.85 26.16
N PRO D 94 13.71 -22.72 26.00
CA PRO D 94 12.70 -23.04 27.02
C PRO D 94 12.57 -24.55 27.21
N VAL D 95 12.95 -25.32 26.19
CA VAL D 95 13.04 -26.77 26.27
C VAL D 95 14.31 -27.20 25.56
N SER D 96 14.67 -28.47 25.74
CA SER D 96 15.82 -29.01 25.04
C SER D 96 15.59 -28.98 23.53
N THR D 97 16.63 -28.60 22.77
CA THR D 97 16.51 -28.57 21.31
C THR D 97 16.34 -29.96 20.71
N PHE D 98 16.71 -31.02 21.44
CA PHE D 98 16.64 -32.37 20.90
C PHE D 98 15.21 -32.84 20.68
N GLY D 99 14.24 -32.25 21.39
CA GLY D 99 12.86 -32.64 21.18
C GLY D 99 12.41 -32.41 19.75
N PHE D 100 12.62 -31.18 19.25
CA PHE D 100 12.20 -30.90 17.88
C PHE D 100 12.98 -31.70 16.86
N LEU D 101 14.30 -31.87 17.05
CA LEU D 101 15.09 -32.61 16.08
C LEU D 101 14.58 -34.05 15.94
N GLU D 102 14.16 -34.66 17.06
CA GLU D 102 13.60 -36.01 17.01
C GLU D 102 12.26 -36.04 16.27
N ARG D 103 11.34 -35.13 16.64
CA ARG D 103 10.02 -35.17 16.02
C ARG D 103 10.09 -34.87 14.53
N TYR D 104 10.87 -33.87 14.14
CA TYR D 104 10.97 -33.53 12.72
C TYR D 104 11.66 -34.64 11.94
N GLY D 105 12.64 -35.30 12.56
CA GLY D 105 13.38 -36.39 11.93
C GLY D 105 12.58 -37.65 11.65
N ARG D 106 11.34 -37.73 12.14
CA ARG D 106 10.44 -38.81 11.74
C ARG D 106 9.85 -38.62 10.34
N LEU D 107 9.98 -37.44 9.75
CA LEU D 107 9.23 -37.13 8.54
C LEU D 107 9.74 -37.90 7.33
N SER D 108 11.06 -38.02 7.19
CA SER D 108 11.69 -38.56 5.99
C SER D 108 13.14 -38.90 6.27
N PRO D 109 13.81 -39.63 5.40
CA PRO D 109 15.25 -39.83 5.57
C PRO D 109 16.05 -38.54 5.54
N LEU D 110 15.60 -37.55 4.77
CA LEU D 110 16.31 -36.27 4.73
C LEU D 110 16.26 -35.60 6.09
N THR D 111 15.06 -35.48 6.68
CA THR D 111 14.94 -34.77 7.95
C THR D 111 15.56 -35.57 9.09
N ALA D 112 15.69 -36.88 8.94
CA ALA D 112 16.33 -37.70 9.96
C ALA D 112 17.83 -37.51 10.04
N ARG D 113 18.48 -36.90 9.03
CA ARG D 113 19.91 -36.62 9.18
C ARG D 113 20.17 -35.77 10.43
N HIS D 114 19.21 -34.92 10.82
CA HIS D 114 19.45 -33.95 11.90
C HIS D 114 19.29 -34.57 13.29
N ASP D 115 18.67 -35.75 13.38
CA ASP D 115 18.31 -36.39 14.66
C ASP D 115 19.48 -37.27 15.08
N LEU D 116 20.43 -36.67 15.80
CA LEU D 116 21.66 -37.29 16.25
C LEU D 116 21.77 -37.12 17.76
N PRO D 117 22.66 -37.87 18.43
CA PRO D 117 22.82 -37.72 19.89
C PRO D 117 23.57 -36.45 20.30
N TYR D 118 24.05 -35.66 19.35
CA TYR D 118 24.69 -34.38 19.62
C TYR D 118 24.06 -33.33 18.71
N HIS D 119 24.20 -32.06 19.09
CA HIS D 119 23.61 -30.96 18.36
C HIS D 119 24.70 -29.92 18.15
N VAL D 120 25.09 -29.68 16.89
CA VAL D 120 26.07 -28.63 16.55
C VAL D 120 25.33 -27.30 16.47
N LEU D 121 25.69 -26.36 17.34
CA LEU D 121 24.93 -25.12 17.48
C LEU D 121 25.46 -24.03 16.53
N GLY D 122 24.79 -22.88 16.53
CA GLY D 122 25.27 -21.71 15.83
C GLY D 122 24.37 -21.31 14.67
N SER D 123 23.91 -20.06 14.64
CA SER D 123 22.96 -19.60 13.62
C SER D 123 23.53 -18.47 12.78
N ASP D 124 24.87 -18.33 12.76
CA ASP D 124 25.55 -17.33 11.94
C ASP D 124 26.75 -17.98 11.29
N LEU D 125 27.15 -17.49 10.11
CA LEU D 125 28.45 -17.90 9.61
C LEU D 125 28.98 -16.85 8.65
N ALA D 126 30.29 -16.88 8.45
CA ALA D 126 30.95 -16.24 7.33
C ALA D 126 32.01 -17.22 6.84
N GLY D 127 32.04 -17.49 5.53
CA GLY D 127 32.94 -18.55 5.06
C GLY D 127 32.89 -18.73 3.57
N VAL D 128 33.29 -19.93 3.12
CA VAL D 128 33.51 -20.20 1.70
C VAL D 128 32.78 -21.49 1.32
N VAL D 129 31.98 -21.43 0.25
CA VAL D 129 31.28 -22.63 -0.22
C VAL D 129 32.30 -23.68 -0.67
N LEU D 130 32.11 -24.93 -0.21
CA LEU D 130 32.98 -26.05 -0.65
C LEU D 130 32.29 -26.97 -1.65
N ARG D 131 31.00 -27.27 -1.46
CA ARG D 131 30.24 -28.23 -2.26
C ARG D 131 28.79 -27.80 -2.31
N THR D 132 28.12 -28.10 -3.42
CA THR D 132 26.68 -27.86 -3.51
C THR D 132 25.98 -29.13 -3.92
N GLY D 133 24.73 -29.27 -3.46
CA GLY D 133 23.88 -30.39 -3.79
C GLY D 133 23.26 -30.20 -5.17
N ALA D 134 22.41 -31.17 -5.54
CA ALA D 134 21.75 -31.17 -6.83
C ALA D 134 20.77 -30.01 -6.98
N GLY D 135 20.66 -29.52 -8.21
CA GLY D 135 19.72 -28.49 -8.58
C GLY D 135 20.23 -27.09 -8.34
N VAL D 136 21.30 -26.96 -7.56
CA VAL D 136 21.84 -25.66 -7.20
C VAL D 136 22.33 -24.96 -8.45
N ASN D 137 21.84 -23.74 -8.66
CA ASN D 137 22.30 -22.91 -9.77
C ASN D 137 23.18 -21.74 -9.33
N ALA D 138 22.81 -21.03 -8.28
CA ALA D 138 23.31 -19.68 -8.07
C ALA D 138 24.62 -19.60 -7.28
N TRP D 139 25.15 -20.74 -6.80
CA TRP D 139 26.31 -20.76 -5.91
C TRP D 139 27.26 -21.83 -6.39
N LYS D 140 28.55 -21.61 -6.20
CA LYS D 140 29.56 -22.55 -6.63
C LYS D 140 30.72 -22.59 -5.64
N PRO D 141 31.51 -23.65 -5.65
CA PRO D 141 32.69 -23.73 -4.78
C PRO D 141 33.58 -22.49 -4.90
N GLY D 142 33.94 -21.94 -3.76
CA GLY D 142 34.76 -20.75 -3.72
C GLY D 142 34.02 -19.46 -3.38
N ASP D 143 32.69 -19.45 -3.53
CA ASP D 143 31.92 -18.25 -3.25
C ASP D 143 32.02 -17.87 -1.77
N GLU D 144 32.30 -16.58 -1.47
CA GLU D 144 32.34 -16.09 -0.07
C GLU D 144 30.93 -15.72 0.37
N VAL D 145 30.50 -16.25 1.52
CA VAL D 145 29.09 -16.19 1.92
C VAL D 145 28.91 -15.88 3.40
N VAL D 146 27.74 -15.32 3.70
CA VAL D 146 27.16 -15.31 5.04
C VAL D 146 25.81 -16.00 4.92
N ALA D 147 25.09 -16.22 6.05
CA ALA D 147 23.86 -16.96 5.97
C ALA D 147 22.70 -16.22 6.63
N HIS D 148 21.52 -16.39 6.04
CA HIS D 148 20.25 -16.02 6.68
C HIS D 148 19.75 -17.26 7.44
N CYS D 149 19.44 -17.12 8.72
CA CYS D 149 19.26 -18.36 9.46
C CYS D 149 17.87 -18.99 9.35
N LEU D 150 16.91 -18.35 8.69
CA LEU D 150 15.54 -18.87 8.73
C LEU D 150 15.26 -19.65 7.46
N SER D 151 14.98 -20.95 7.59
CA SER D 151 14.66 -21.76 6.44
C SER D 151 13.17 -22.06 6.39
N VAL D 152 12.63 -22.15 5.17
CA VAL D 152 11.22 -22.43 4.95
C VAL D 152 11.08 -23.54 3.92
N GLU D 153 10.06 -24.38 4.11
CA GLU D 153 9.80 -25.46 3.16
C GLU D 153 8.87 -25.00 2.04
N LEU D 154 7.92 -24.14 2.38
CA LEU D 154 7.04 -23.51 1.37
C LEU D 154 6.16 -24.53 0.65
N GLU D 155 5.85 -25.65 1.32
CA GLU D 155 4.88 -26.58 0.74
C GLU D 155 3.46 -26.03 0.82
N SER D 156 3.14 -25.31 1.90
CA SER D 156 1.84 -24.64 2.01
C SER D 156 1.80 -23.45 1.05
N PRO D 157 0.63 -23.11 0.50
CA PRO D 157 0.55 -21.83 -0.24
C PRO D 157 0.73 -20.58 0.62
N ASP D 158 0.59 -20.67 1.95
CA ASP D 158 0.42 -19.46 2.76
C ASP D 158 1.58 -18.48 2.61
N GLY D 159 2.80 -18.99 2.46
CA GLY D 159 4.00 -18.17 2.42
C GLY D 159 4.43 -17.69 1.03
N HIS D 160 3.60 -17.87 0.00
CA HIS D 160 4.03 -17.54 -1.36
C HIS D 160 3.74 -16.07 -1.74
N ASN D 161 3.29 -15.23 -0.80
CA ASN D 161 3.26 -13.78 -1.02
C ASN D 161 4.10 -13.00 0.00
N ASP D 162 4.88 -13.70 0.86
CA ASP D 162 5.72 -13.18 1.96
C ASP D 162 6.02 -14.41 2.80
N THR D 163 7.25 -14.94 2.75
CA THR D 163 7.47 -16.25 3.35
C THR D 163 7.37 -16.24 4.88
N MET D 164 7.39 -15.08 5.55
CA MET D 164 7.13 -15.12 7.00
C MET D 164 5.76 -15.70 7.34
N MET D 165 4.81 -15.74 6.38
CA MET D 165 3.50 -16.36 6.62
C MET D 165 3.55 -17.88 6.54
N ASP D 166 4.70 -18.46 6.20
CA ASP D 166 4.81 -19.91 6.12
C ASP D 166 4.63 -20.52 7.50
N PRO D 167 3.87 -21.61 7.60
CA PRO D 167 3.59 -22.18 8.93
C PRO D 167 4.70 -23.08 9.50
N GLU D 168 5.78 -23.36 8.78
CA GLU D 168 6.75 -24.40 9.17
C GLU D 168 8.20 -23.90 9.02
N GLN D 169 8.52 -22.85 9.77
CA GLN D 169 9.87 -22.29 9.71
C GLN D 169 10.80 -23.01 10.67
N ARG D 170 12.08 -23.07 10.29
CA ARG D 170 13.11 -23.60 11.18
C ARG D 170 14.29 -22.62 11.24
N ILE D 171 14.78 -22.32 12.45
CA ILE D 171 15.99 -21.52 12.62
C ILE D 171 17.18 -22.46 12.53
N TRP D 172 18.04 -22.23 11.53
CA TRP D 172 19.22 -23.08 11.31
C TRP D 172 20.12 -23.00 12.54
N GLY D 173 20.60 -24.17 13.00
CA GLY D 173 21.48 -24.29 14.14
C GLY D 173 20.75 -24.33 15.47
N PHE D 174 19.43 -24.14 15.45
CA PHE D 174 18.58 -24.18 16.64
C PHE D 174 17.52 -25.24 16.51
N GLU D 175 16.73 -25.19 15.43
CA GLU D 175 15.80 -26.25 15.06
C GLU D 175 16.31 -27.11 13.91
N THR D 176 17.59 -26.99 13.56
CA THR D 176 18.29 -27.90 12.66
C THR D 176 19.64 -28.18 13.28
N ASN D 177 20.30 -29.24 12.78
CA ASN D 177 21.65 -29.56 13.18
C ASN D 177 22.64 -28.86 12.22
N PHE D 178 23.93 -29.14 12.44
CA PHE D 178 25.03 -28.69 11.56
C PHE D 178 25.08 -27.16 11.50
N GLY D 179 25.03 -26.53 12.68
CA GLY D 179 25.08 -25.08 12.81
C GLY D 179 26.50 -24.54 12.61
N GLY D 180 26.62 -23.21 12.79
CA GLY D 180 27.81 -22.49 12.35
C GLY D 180 28.97 -22.39 13.31
N LEU D 181 28.80 -22.81 14.57
CA LEU D 181 29.90 -22.79 15.55
C LEU D 181 30.73 -24.06 15.38
N ALA D 182 31.45 -24.10 14.27
CA ALA D 182 32.13 -25.31 13.84
C ALA D 182 33.00 -24.94 12.64
N GLN D 183 33.88 -25.87 12.24
CA GLN D 183 34.75 -25.62 11.09
C GLN D 183 34.01 -25.78 9.76
N LEU D 184 32.94 -26.58 9.74
CA LEU D 184 32.10 -26.80 8.56
C LEU D 184 30.65 -26.69 8.96
N ALA D 185 29.78 -26.35 7.99
CA ALA D 185 28.36 -26.25 8.25
C ALA D 185 27.59 -26.66 6.99
N LEU D 186 26.32 -27.03 7.19
CA LEU D 186 25.40 -27.39 6.11
C LEU D 186 24.21 -26.44 6.16
N VAL D 187 23.92 -25.77 5.05
CA VAL D 187 22.80 -24.85 4.97
C VAL D 187 22.09 -25.07 3.64
N LYS D 188 20.82 -24.65 3.55
CA LYS D 188 20.16 -24.59 2.25
C LYS D 188 20.74 -23.45 1.40
N THR D 189 20.70 -23.61 0.08
CA THR D 189 21.28 -22.55 -0.74
C THR D 189 20.42 -21.30 -0.76
N ASN D 190 19.11 -21.39 -0.46
CA ASN D 190 18.34 -20.16 -0.28
C ASN D 190 18.40 -19.65 1.14
N GLN D 191 19.51 -19.95 1.83
CA GLN D 191 19.94 -19.20 3.01
C GLN D 191 21.18 -18.37 2.76
N LEU D 192 21.85 -18.56 1.61
CA LEU D 192 23.19 -17.98 1.44
C LEU D 192 23.09 -16.55 0.94
N LEU D 193 24.03 -15.73 1.38
CA LEU D 193 24.10 -14.34 0.95
C LEU D 193 25.57 -13.99 0.67
N PRO D 194 25.84 -13.07 -0.27
CA PRO D 194 27.23 -12.70 -0.55
C PRO D 194 27.90 -11.98 0.63
N LYS D 195 29.13 -12.37 0.94
CA LYS D 195 29.87 -11.70 2.01
C LYS D 195 30.20 -10.24 1.64
N PRO D 196 29.98 -9.27 2.56
CA PRO D 196 30.51 -7.90 2.38
C PRO D 196 32.04 -7.85 2.33
N LYS D 197 32.56 -7.31 1.22
CA LYS D 197 34.00 -7.45 0.95
C LYS D 197 34.85 -6.57 1.85
N HIS D 198 34.30 -5.46 2.35
CA HIS D 198 35.12 -4.57 3.19
C HIS D 198 35.23 -4.99 4.66
N LEU D 199 34.57 -6.07 5.06
CA LEU D 199 34.53 -6.53 6.45
C LEU D 199 35.41 -7.76 6.67
N THR D 200 35.91 -7.92 7.89
CA THR D 200 36.61 -9.15 8.25
C THR D 200 35.62 -10.30 8.35
N TRP D 201 36.15 -11.53 8.46
CA TRP D 201 35.23 -12.66 8.56
C TRP D 201 34.30 -12.50 9.75
N GLU D 202 34.87 -12.18 10.92
CA GLU D 202 34.06 -12.10 12.14
C GLU D 202 33.07 -10.93 12.12
N GLU D 203 33.46 -9.81 11.47
CA GLU D 203 32.50 -8.70 11.33
C GLU D 203 31.36 -9.08 10.39
N ALA D 204 31.67 -9.78 9.30
CA ALA D 204 30.61 -10.14 8.34
C ALA D 204 29.59 -11.09 8.95
N ALA D 205 30.04 -11.96 9.86
CA ALA D 205 29.14 -12.91 10.50
C ALA D 205 28.26 -12.27 11.57
N SER D 206 28.47 -10.98 11.90
N SER D 206 28.49 -10.99 11.89
CA SER D 206 27.87 -10.43 13.12
CA SER D 206 27.90 -10.41 13.08
C SER D 206 26.49 -9.78 12.96
C SER D 206 26.47 -9.87 12.91
N PRO D 207 26.16 -9.08 11.86
CA PRO D 207 24.79 -8.46 11.79
C PRO D 207 23.66 -9.48 11.88
N GLY D 208 23.68 -10.51 11.03
CA GLY D 208 22.78 -11.65 11.14
C GLY D 208 21.32 -11.27 11.31
N LEU D 209 20.63 -12.03 12.17
CA LEU D 209 19.16 -11.90 12.23
C LEU D 209 18.70 -10.59 12.87
N VAL D 210 19.42 -10.02 13.85
CA VAL D 210 18.89 -8.76 14.40
C VAL D 210 18.91 -7.68 13.34
N ASN D 211 19.93 -7.69 12.46
CA ASN D 211 19.98 -6.70 11.39
C ASN D 211 18.79 -6.85 10.42
N SER D 212 18.54 -8.06 9.93
N SER D 212 18.55 -8.07 9.94
CA SER D 212 17.43 -8.22 8.97
CA SER D 212 17.43 -8.29 9.01
C SER D 212 16.07 -8.02 9.65
C SER D 212 16.09 -7.98 9.67
N THR D 213 15.92 -8.40 10.93
CA THR D 213 14.67 -8.11 11.65
C THR D 213 14.41 -6.61 11.74
N ALA D 214 15.45 -5.82 12.06
CA ALA D 214 15.31 -4.37 12.12
C ALA D 214 14.96 -3.80 10.75
N TYR D 215 15.60 -4.29 9.67
CA TYR D 215 15.27 -3.87 8.31
C TYR D 215 13.79 -4.13 7.99
N ARG D 216 13.30 -5.34 8.27
CA ARG D 216 11.89 -5.61 7.97
C ARG D 216 10.99 -4.70 8.77
N GLN D 217 11.28 -4.56 10.06
CA GLN D 217 10.40 -3.79 10.93
C GLN D 217 10.34 -2.31 10.54
N LEU D 218 11.49 -1.72 10.17
CA LEU D 218 11.53 -0.28 9.99
C LEU D 218 11.48 0.15 8.52
N VAL D 219 12.26 -0.49 7.64
CA VAL D 219 12.44 -0.04 6.28
C VAL D 219 11.42 -0.63 5.33
N SER D 220 11.14 -1.94 5.43
CA SER D 220 10.34 -2.57 4.38
C SER D 220 8.87 -2.18 4.49
N ARG D 221 8.16 -2.37 3.38
CA ARG D 221 6.70 -2.15 3.38
C ARG D 221 5.93 -3.16 4.20
N ASN D 222 6.54 -4.28 4.62
CA ASN D 222 5.88 -5.19 5.54
C ASN D 222 5.92 -4.69 6.98
N GLY D 223 6.69 -3.64 7.25
CA GLY D 223 6.75 -3.07 8.58
C GLY D 223 6.31 -1.62 8.48
N ALA D 224 7.18 -0.68 8.87
CA ALA D 224 6.81 0.72 8.99
C ALA D 224 6.97 1.55 7.72
N GLY D 225 7.72 1.08 6.71
CA GLY D 225 7.86 1.82 5.46
C GLY D 225 8.44 3.22 5.63
N LEU D 226 9.57 3.30 6.34
CA LEU D 226 10.29 4.53 6.60
C LEU D 226 10.48 5.39 5.36
N LYS D 227 10.40 6.70 5.54
CA LYS D 227 10.81 7.60 4.45
C LYS D 227 11.61 8.75 5.01
N GLN D 228 12.40 9.35 4.14
CA GLN D 228 13.27 10.43 4.58
C GLN D 228 12.43 11.55 5.16
N GLY D 229 12.97 12.19 6.19
CA GLY D 229 12.22 13.21 6.93
C GLY D 229 11.44 12.70 8.13
N ASP D 230 11.13 11.40 8.20
CA ASP D 230 10.37 10.88 9.33
C ASP D 230 11.15 11.07 10.63
N ASN D 231 10.41 11.24 11.75
CA ASN D 231 10.98 11.09 13.08
C ASN D 231 10.64 9.72 13.65
N VAL D 232 11.63 9.06 14.25
CA VAL D 232 11.47 7.64 14.67
C VAL D 232 11.93 7.50 16.12
N LEU D 233 11.03 7.07 17.01
CA LEU D 233 11.45 6.77 18.38
C LEU D 233 12.02 5.36 18.39
N ILE D 234 13.25 5.20 18.88
CA ILE D 234 13.92 3.90 18.86
C ILE D 234 14.24 3.50 20.30
N TRP D 235 13.45 2.58 20.83
CA TRP D 235 13.77 2.03 22.15
C TRP D 235 15.04 1.19 22.08
N GLY D 236 15.75 1.10 23.21
CA GLY D 236 16.90 0.19 23.26
C GLY D 236 17.92 0.43 22.16
N ALA D 237 18.26 1.71 21.91
CA ALA D 237 18.92 2.10 20.67
C ALA D 237 20.37 1.61 20.58
N SER D 238 21.01 1.24 21.69
CA SER D 238 22.33 0.60 21.55
C SER D 238 22.31 -0.91 21.69
N GLY D 239 21.13 -1.53 21.85
CA GLY D 239 21.05 -2.98 21.86
C GLY D 239 21.02 -3.55 20.44
N GLY D 240 20.77 -4.85 20.35
CA GLY D 240 20.83 -5.52 19.07
C GLY D 240 19.89 -4.92 18.05
N LEU D 241 18.59 -5.04 18.26
CA LEU D 241 17.65 -4.47 17.28
C LEU D 241 17.83 -2.96 17.15
N GLY D 242 17.89 -2.27 18.28
CA GLY D 242 17.89 -0.80 18.23
C GLY D 242 19.12 -0.24 17.54
N SER D 243 20.27 -0.90 17.69
CA SER D 243 21.46 -0.38 17.04
C SER D 243 21.34 -0.41 15.51
N TYR D 244 20.82 -1.50 14.95
CA TYR D 244 20.59 -1.49 13.51
C TYR D 244 19.46 -0.54 13.12
N ALA D 245 18.40 -0.46 13.94
CA ALA D 245 17.30 0.45 13.62
C ALA D 245 17.79 1.89 13.55
N THR D 246 18.64 2.30 14.49
CA THR D 246 19.24 3.64 14.49
C THR D 246 19.98 3.88 13.18
N GLN D 247 20.77 2.90 12.73
CA GLN D 247 21.54 3.09 11.50
C GLN D 247 20.61 3.20 10.29
N TYR D 248 19.55 2.38 10.23
CA TYR D 248 18.61 2.47 9.10
C TYR D 248 17.93 3.83 9.08
N ALA D 249 17.58 4.34 10.27
CA ALA D 249 16.92 5.65 10.28
C ALA D 249 17.83 6.71 9.67
N LEU D 250 19.09 6.73 10.12
CA LEU D 250 20.06 7.70 9.59
C LEU D 250 20.30 7.48 8.11
N ALA D 251 20.54 6.23 7.72
CA ALA D 251 20.88 5.99 6.31
C ALA D 251 19.71 6.32 5.39
N GLY D 252 18.50 6.24 5.91
CA GLY D 252 17.30 6.56 5.12
C GLY D 252 16.89 8.02 5.15
N GLY D 253 17.67 8.90 5.79
CA GLY D 253 17.33 10.30 5.77
C GLY D 253 16.33 10.70 6.83
N ALA D 254 16.10 9.85 7.81
CA ALA D 254 15.18 10.14 8.90
C ALA D 254 15.96 10.56 10.16
N THR D 255 15.22 10.94 11.23
CA THR D 255 15.83 11.35 12.48
C THR D 255 15.51 10.34 13.55
N PRO D 256 16.49 9.57 14.04
CA PRO D 256 16.21 8.69 15.17
C PRO D 256 16.22 9.49 16.46
N ILE D 257 15.19 9.27 17.29
N ILE D 257 15.25 9.20 17.32
CA ILE D 257 15.26 9.67 18.70
CA ILE D 257 15.24 9.68 18.68
C ILE D 257 15.59 8.41 19.47
C ILE D 257 15.56 8.45 19.53
N CYS D 258 16.81 8.35 19.98
CA CYS D 258 17.37 7.13 20.55
C CYS D 258 17.13 7.10 22.04
N VAL D 259 16.65 5.97 22.55
CA VAL D 259 16.42 5.81 24.00
C VAL D 259 17.42 4.79 24.52
N VAL D 260 18.14 5.16 25.60
CA VAL D 260 19.13 4.29 26.22
C VAL D 260 18.99 4.46 27.74
N SER D 261 19.73 3.67 28.51
CA SER D 261 19.67 3.76 29.96
C SER D 261 20.98 4.13 30.65
N SER D 262 22.01 4.52 29.91
CA SER D 262 23.25 4.88 30.58
C SER D 262 24.02 5.89 29.73
N PRO D 263 24.85 6.73 30.36
CA PRO D 263 25.79 7.60 29.60
C PRO D 263 26.69 6.88 28.59
N ARG D 264 27.27 5.73 28.94
CA ARG D 264 28.12 5.02 28.00
C ARG D 264 27.34 4.63 26.75
N LYS D 265 26.09 4.21 26.93
CA LYS D 265 25.27 3.86 25.77
C LYS D 265 24.98 5.09 24.92
N ALA D 266 24.70 6.24 25.55
CA ALA D 266 24.50 7.46 24.78
C ALA D 266 25.73 7.77 23.92
N ASP D 267 26.93 7.58 24.48
CA ASP D 267 28.15 7.81 23.70
C ASP D 267 28.23 6.88 22.49
N ILE D 268 27.79 5.63 22.65
CA ILE D 268 27.82 4.73 21.50
C ILE D 268 26.82 5.20 20.44
N CYS D 269 25.64 5.69 20.87
CA CYS D 269 24.68 6.19 19.88
C CYS D 269 25.27 7.36 19.11
N ARG D 270 26.01 8.24 19.79
CA ARG D 270 26.65 9.36 19.11
C ARG D 270 27.71 8.88 18.11
N ALA D 271 28.47 7.84 18.47
CA ALA D 271 29.46 7.25 17.57
C ALA D 271 28.82 6.66 16.32
N MET D 272 27.57 6.18 16.43
CA MET D 272 26.84 5.68 15.26
C MET D 272 26.36 6.81 14.36
N GLY D 273 26.34 8.05 14.82
CA GLY D 273 25.80 9.16 14.04
C GLY D 273 24.54 9.81 14.59
N ALA D 274 23.97 9.31 15.70
CA ALA D 274 22.74 9.92 16.20
C ALA D 274 23.08 11.13 17.04
N GLU D 275 22.08 11.98 17.22
CA GLU D 275 22.28 13.18 18.03
C GLU D 275 21.21 13.38 19.09
N ALA D 276 19.98 12.94 18.81
CA ALA D 276 18.86 13.13 19.73
C ALA D 276 18.76 11.88 20.59
N ILE D 277 19.24 11.95 21.84
CA ILE D 277 19.35 10.77 22.69
C ILE D 277 18.64 11.06 24.01
N ILE D 278 17.75 10.16 24.43
CA ILE D 278 17.03 10.26 25.72
C ILE D 278 17.53 9.15 26.64
N ASP D 279 17.95 9.50 27.87
CA ASP D 279 18.39 8.49 28.84
C ASP D 279 17.19 8.27 29.76
N ARG D 280 16.50 7.15 29.56
CA ARG D 280 15.25 6.88 30.27
C ARG D 280 15.47 6.73 31.76
N SER D 281 16.67 6.32 32.17
CA SER D 281 16.95 6.18 33.59
C SER D 281 17.25 7.52 34.25
N ALA D 282 18.02 8.37 33.56
CA ALA D 282 18.21 9.75 34.05
C ALA D 282 16.89 10.51 34.12
N GLU D 283 16.00 10.31 33.15
CA GLU D 283 14.70 10.97 33.19
C GLU D 283 13.80 10.37 34.25
N GLY D 284 14.05 9.11 34.62
CA GLY D 284 13.28 8.47 35.68
C GLY D 284 11.83 8.20 35.33
N TYR D 285 11.54 7.79 34.09
CA TYR D 285 10.15 7.49 33.71
C TYR D 285 9.60 6.35 34.55
N ARG D 286 8.36 6.51 35.04
CA ARG D 286 7.61 5.47 35.76
C ARG D 286 6.28 5.29 35.04
N PHE D 287 6.29 4.55 33.91
CA PHE D 287 5.07 4.48 33.13
C PHE D 287 3.99 3.68 33.82
N TRP D 288 4.37 2.78 34.73
CA TRP D 288 3.40 2.04 35.54
C TRP D 288 3.43 2.57 36.97
N LYS D 289 2.26 2.97 37.49
CA LYS D 289 2.10 3.38 38.89
C LYS D 289 2.18 2.20 39.86
N ASP D 290 1.65 1.05 39.45
CA ASP D 290 1.62 -0.17 40.26
C ASP D 290 1.49 -1.32 39.29
N GLU D 291 1.25 -2.53 39.80
CA GLU D 291 1.28 -3.69 38.90
C GLU D 291 0.19 -3.69 37.85
N HIS D 292 -0.89 -2.92 38.04
CA HIS D 292 -2.05 -3.00 37.18
C HIS D 292 -2.44 -1.70 36.48
N HIS D 293 -1.85 -0.56 36.85
CA HIS D 293 -2.28 0.74 36.32
C HIS D 293 -1.10 1.57 35.85
N GLN D 294 -1.29 2.24 34.71
CA GLN D 294 -0.26 3.10 34.16
C GLN D 294 -0.49 4.55 34.59
N ASP D 295 0.51 5.39 34.31
CA ASP D 295 0.47 6.81 34.66
C ASP D 295 0.51 7.63 33.38
N PRO D 296 -0.64 8.09 32.87
CA PRO D 296 -0.61 8.93 31.66
C PRO D 296 0.22 10.20 31.80
N ARG D 297 0.41 10.72 33.03
CA ARG D 297 1.29 11.90 33.17
C ARG D 297 2.71 11.58 32.72
N GLU D 298 3.16 10.34 32.90
CA GLU D 298 4.51 9.99 32.49
C GLU D 298 4.59 9.70 30.99
N TRP D 299 3.52 9.16 30.39
CA TRP D 299 3.48 9.15 28.92
C TRP D 299 3.66 10.55 28.36
N LYS D 300 2.93 11.51 28.94
CA LYS D 300 3.00 12.87 28.43
C LYS D 300 4.38 13.48 28.65
N ARG D 301 5.05 13.11 29.76
CA ARG D 301 6.39 13.64 30.02
C ARG D 301 7.39 13.17 28.96
N LEU D 302 7.31 11.88 28.58
CA LEU D 302 8.12 11.40 27.46
C LEU D 302 7.82 12.17 26.19
N GLY D 303 6.52 12.33 25.87
CA GLY D 303 6.15 13.04 24.66
C GLY D 303 6.71 14.43 24.60
N GLY D 304 6.70 15.15 25.74
CA GLY D 304 7.26 16.49 25.77
C GLY D 304 8.77 16.54 25.56
N LYS D 305 9.49 15.53 26.08
CA LYS D 305 10.94 15.42 25.86
C LYS D 305 11.25 15.15 24.38
N ILE D 306 10.48 14.26 23.74
CA ILE D 306 10.64 14.02 22.31
C ILE D 306 10.50 15.33 21.53
N ARG D 307 9.46 16.10 21.85
CA ARG D 307 9.23 17.36 21.14
C ARG D 307 10.36 18.35 21.30
N GLU D 308 11.18 18.23 22.36
CA GLU D 308 12.36 19.11 22.51
C GLU D 308 13.40 18.87 21.42
N PHE D 309 13.47 17.64 20.91
CA PHE D 309 14.43 17.33 19.87
C PHE D 309 13.86 17.53 18.48
N THR D 310 12.54 17.47 18.32
CA THR D 310 11.97 17.48 16.98
C THR D 310 11.43 18.85 16.58
N GLY D 311 11.54 19.85 17.44
CA GLY D 311 10.92 21.12 17.14
C GLY D 311 9.41 21.09 17.25
N GLY D 312 8.90 20.30 18.19
CA GLY D 312 7.49 20.25 18.47
C GLY D 312 6.71 19.20 17.70
N GLU D 313 7.36 18.36 16.92
CA GLU D 313 6.69 17.31 16.16
C GLU D 313 6.65 15.98 16.94
N ASP D 314 5.59 15.22 16.74
CA ASP D 314 5.51 13.89 17.31
C ASP D 314 6.02 12.85 16.29
N VAL D 315 6.48 11.70 16.79
CA VAL D 315 7.18 10.74 15.91
C VAL D 315 6.21 10.05 14.95
N ASP D 316 6.68 9.83 13.73
CA ASP D 316 5.89 9.11 12.72
C ASP D 316 5.83 7.62 13.01
N ILE D 317 6.89 7.07 13.62
CA ILE D 317 7.10 5.64 13.82
C ILE D 317 7.66 5.44 15.21
N VAL D 318 7.15 4.45 15.96
CA VAL D 318 7.84 3.97 17.15
C VAL D 318 8.34 2.56 16.86
N PHE D 319 9.64 2.36 17.06
CA PHE D 319 10.30 1.04 16.93
C PHE D 319 10.23 0.36 18.29
N GLU D 320 9.23 -0.52 18.50
CA GLU D 320 8.96 -1.18 19.77
C GLU D 320 9.58 -2.57 19.82
N HIS D 321 9.82 -3.02 21.06
CA HIS D 321 10.30 -4.36 21.39
C HIS D 321 10.40 -4.51 22.91
N PRO D 322 10.50 -3.43 23.73
CA PRO D 322 10.46 -3.68 25.19
C PRO D 322 9.12 -4.21 25.68
N GLY D 323 8.01 -3.88 25.01
CA GLY D 323 6.72 -4.50 25.40
C GLY D 323 6.02 -3.78 26.55
N ARG D 324 5.54 -4.56 27.54
CA ARG D 324 4.54 -4.04 28.50
C ARG D 324 4.97 -2.73 29.17
N GLU D 325 6.23 -2.62 29.60
CA GLU D 325 6.61 -1.42 30.35
C GLU D 325 6.42 -0.14 29.53
N THR D 326 6.77 -0.17 28.24
CA THR D 326 6.81 1.01 27.39
C THR D 326 5.61 1.15 26.44
N PHE D 327 4.82 0.09 26.24
CA PHE D 327 3.93 0.07 25.08
C PHE D 327 2.80 1.10 25.20
N GLY D 328 2.25 1.34 26.42
CA GLY D 328 1.24 2.38 26.54
C GLY D 328 1.78 3.74 26.14
N ALA D 329 3.04 4.02 26.55
CA ALA D 329 3.69 5.27 26.19
C ALA D 329 3.92 5.35 24.70
N SER D 330 4.36 4.26 24.10
CA SER D 330 4.58 4.24 22.64
C SER D 330 3.31 4.60 21.87
N VAL D 331 2.17 4.03 22.25
CA VAL D 331 0.93 4.33 21.50
C VAL D 331 0.56 5.80 21.69
N TYR D 332 0.73 6.32 22.92
CA TYR D 332 0.40 7.71 23.21
C TYR D 332 1.21 8.71 22.37
N VAL D 333 2.54 8.54 22.31
CA VAL D 333 3.37 9.60 21.72
C VAL D 333 3.37 9.62 20.21
N THR D 334 2.89 8.59 19.57
CA THR D 334 2.93 8.51 18.11
C THR D 334 2.03 9.57 17.49
N ARG D 335 2.49 10.14 16.37
CA ARG D 335 1.75 11.15 15.62
C ARG D 335 0.41 10.60 15.08
N LYS D 336 -0.53 11.52 14.79
CA LYS D 336 -1.78 11.14 14.16
C LYS D 336 -1.49 10.45 12.82
N GLY D 337 -2.09 9.27 12.58
CA GLY D 337 -1.78 8.51 11.37
C GLY D 337 -0.50 7.71 11.43
N GLY D 338 0.22 7.70 12.56
CA GLY D 338 1.53 7.07 12.64
C GLY D 338 1.43 5.57 12.97
N THR D 339 2.59 4.92 13.10
CA THR D 339 2.68 3.47 13.23
C THR D 339 3.57 3.09 14.39
N ILE D 340 3.13 2.08 15.16
CA ILE D 340 3.92 1.46 16.22
C ILE D 340 4.23 0.06 15.72
N VAL D 341 5.49 -0.26 15.47
CA VAL D 341 5.80 -1.56 14.90
C VAL D 341 6.50 -2.38 15.99
N THR D 342 6.11 -3.65 16.15
CA THR D 342 6.56 -4.40 17.32
C THR D 342 7.02 -5.79 16.91
N CYS D 343 8.19 -6.23 17.45
CA CYS D 343 8.68 -7.56 17.08
C CYS D 343 9.16 -8.36 18.28
N ALA D 344 8.84 -7.92 19.49
CA ALA D 344 9.23 -8.61 20.71
C ALA D 344 8.52 -7.93 21.88
N SER D 345 8.63 -8.56 23.07
CA SER D 345 8.04 -7.97 24.33
C SER D 345 8.94 -8.33 25.52
N THR D 346 10.14 -7.73 25.56
CA THR D 346 11.15 -8.15 26.54
C THR D 346 10.64 -8.05 27.97
N SER D 347 10.00 -6.93 28.30
CA SER D 347 9.56 -6.69 29.67
C SER D 347 8.23 -7.36 30.01
N GLY D 348 7.61 -8.06 29.08
CA GLY D 348 6.33 -8.71 29.35
C GLY D 348 5.40 -8.64 28.15
N TYR D 349 4.75 -9.75 27.78
CA TYR D 349 3.93 -9.75 26.58
C TYR D 349 2.46 -9.38 26.81
N MET D 350 2.01 -9.16 28.04
CA MET D 350 0.62 -8.71 28.20
C MET D 350 0.60 -7.19 28.10
N HIS D 351 0.40 -6.68 26.89
CA HIS D 351 0.40 -5.25 26.62
C HIS D 351 -0.91 -4.62 27.07
N GLN D 352 -0.81 -3.41 27.58
CA GLN D 352 -1.99 -2.60 27.93
C GLN D 352 -1.82 -1.20 27.31
N TYR D 353 -2.87 -0.68 26.67
CA TYR D 353 -2.78 0.66 26.08
C TYR D 353 -4.19 1.27 26.03
N ASP D 354 -4.22 2.58 25.90
CA ASP D 354 -5.48 3.32 25.84
C ASP D 354 -5.94 3.43 24.39
N ASN D 355 -6.99 2.68 24.03
CA ASN D 355 -7.41 2.58 22.63
C ASN D 355 -7.97 3.90 22.09
N ARG D 356 -8.33 4.83 22.97
CA ARG D 356 -8.82 6.11 22.46
C ARG D 356 -7.74 6.80 21.64
N TYR D 357 -6.49 6.72 22.10
CA TYR D 357 -5.41 7.33 21.30
C TYR D 357 -5.26 6.62 19.98
N LEU D 358 -5.42 5.30 19.97
CA LEU D 358 -5.23 4.57 18.72
C LEU D 358 -6.34 4.87 17.70
N TRP D 359 -7.62 4.78 18.09
CA TRP D 359 -8.64 4.99 17.05
C TRP D 359 -8.86 6.47 16.73
N MET D 360 -8.91 7.35 17.75
N MET D 360 -8.89 7.35 17.75
CA MET D 360 -9.19 8.77 17.47
CA MET D 360 -9.20 8.77 17.46
C MET D 360 -8.10 9.40 16.62
C MET D 360 -8.08 9.47 16.71
N SER D 361 -6.85 8.94 16.75
CA SER D 361 -5.74 9.47 15.97
C SER D 361 -5.33 8.54 14.85
N LEU D 362 -6.16 7.53 14.55
CA LEU D 362 -5.99 6.64 13.37
C LEU D 362 -4.56 6.06 13.31
N LYS D 363 -4.05 5.62 14.44
CA LYS D 363 -2.74 4.99 14.50
C LYS D 363 -2.89 3.49 14.21
N ARG D 364 -1.77 2.81 13.99
CA ARG D 364 -1.82 1.36 13.82
C ARG D 364 -0.63 0.72 14.53
N ILE D 365 -0.87 -0.51 14.99
CA ILE D 365 0.16 -1.35 15.61
C ILE D 365 0.45 -2.49 14.65
N VAL D 366 1.68 -2.60 14.16
CA VAL D 366 2.00 -3.61 13.12
C VAL D 366 2.95 -4.61 13.74
N GLY D 367 2.55 -5.89 13.72
CA GLY D 367 3.41 -6.96 14.24
C GLY D 367 4.36 -7.43 13.15
N SER D 368 5.61 -7.65 13.55
CA SER D 368 6.63 -8.08 12.60
C SER D 368 7.45 -9.16 13.30
N HIS D 369 8.10 -10.03 12.53
CA HIS D 369 8.81 -11.14 13.15
C HIS D 369 9.92 -11.51 12.21
N PHE D 370 11.16 -11.51 12.70
CA PHE D 370 12.31 -11.91 11.90
C PHE D 370 12.30 -11.23 10.52
N ALA D 371 12.57 -11.98 9.45
CA ALA D 371 12.60 -11.39 8.10
C ALA D 371 12.55 -12.48 7.06
N ASN D 372 11.91 -12.20 5.91
CA ASN D 372 12.01 -13.19 4.83
C ASN D 372 13.35 -13.03 4.09
N TYR D 373 13.63 -13.98 3.20
CA TYR D 373 14.92 -14.02 2.54
C TYR D 373 15.15 -12.78 1.65
N ARG D 374 14.09 -12.20 1.06
CA ARG D 374 14.33 -10.99 0.28
C ARG D 374 14.74 -9.83 1.18
N GLU D 375 14.08 -9.68 2.33
CA GLU D 375 14.47 -8.66 3.30
C GLU D 375 15.89 -8.91 3.85
N ALA D 376 16.23 -10.19 4.11
CA ALA D 376 17.60 -10.49 4.56
C ALA D 376 18.64 -10.11 3.50
N PHE D 377 18.36 -10.41 2.23
CA PHE D 377 19.27 -9.99 1.15
C PHE D 377 19.43 -8.46 1.11
N GLU D 378 18.30 -7.74 1.16
CA GLU D 378 18.37 -6.27 1.11
C GLU D 378 19.12 -5.68 2.32
N ALA D 379 18.89 -6.23 3.52
CA ALA D 379 19.62 -5.75 4.68
C ALA D 379 21.12 -6.02 4.53
N ASN D 380 21.47 -7.23 4.11
CA ASN D 380 22.90 -7.55 3.90
C ASN D 380 23.52 -6.65 2.83
N ARG D 381 22.75 -6.36 1.78
CA ARG D 381 23.21 -5.49 0.69
C ARG D 381 23.50 -4.07 1.20
N LEU D 382 22.70 -3.57 2.14
CA LEU D 382 23.00 -2.25 2.72
C LEU D 382 24.28 -2.28 3.59
N VAL D 383 24.55 -3.42 4.29
CA VAL D 383 25.85 -3.55 4.95
C VAL D 383 26.97 -3.52 3.89
N ALA D 384 26.79 -4.30 2.82
CA ALA D 384 27.79 -4.37 1.76
C ALA D 384 28.03 -3.01 1.10
N LYS D 385 27.03 -2.15 1.03
CA LYS D 385 27.21 -0.80 0.50
C LYS D 385 27.92 0.15 1.44
N GLY D 386 28.18 -0.29 2.68
CA GLY D 386 28.77 0.58 3.69
C GLY D 386 27.77 1.58 4.27
N LYS D 387 26.47 1.36 4.08
CA LYS D 387 25.44 2.20 4.70
C LYS D 387 25.15 1.78 6.14
N ILE D 388 25.41 0.52 6.48
CA ILE D 388 25.07 -0.08 7.77
C ILE D 388 26.32 -0.84 8.22
N HIS D 389 26.68 -0.70 9.50
CA HIS D 389 27.95 -1.25 9.99
C HIS D 389 27.73 -2.29 11.08
N PRO D 390 28.60 -3.30 11.13
CA PRO D 390 28.54 -4.30 12.20
C PRO D 390 28.90 -3.70 13.55
N THR D 391 28.54 -4.44 14.60
CA THR D 391 28.61 -3.96 16.00
C THR D 391 29.33 -4.95 16.93
N LEU D 392 30.46 -5.49 16.49
CA LEU D 392 31.26 -6.44 17.28
C LEU D 392 31.93 -5.75 18.48
N SER D 393 31.93 -6.39 19.63
CA SER D 393 32.61 -5.88 20.84
C SER D 393 33.80 -6.78 21.18
N LYS D 394 33.65 -8.09 20.99
CA LYS D 394 34.67 -9.02 21.47
C LYS D 394 34.64 -10.26 20.60
N VAL D 395 35.80 -10.87 20.39
CA VAL D 395 35.93 -12.09 19.58
C VAL D 395 36.65 -13.14 20.41
N TYR D 396 36.11 -14.36 20.40
CA TYR D 396 36.68 -15.54 21.05
C TYR D 396 37.11 -16.58 20.01
N ALA D 397 38.09 -17.41 20.38
CA ALA D 397 38.38 -18.61 19.61
C ALA D 397 37.27 -19.67 19.77
N LEU D 398 37.18 -20.55 18.76
CA LEU D 398 36.19 -21.63 18.82
C LEU D 398 36.28 -22.45 20.12
N GLU D 399 37.51 -22.75 20.58
CA GLU D 399 37.66 -23.53 21.81
C GLU D 399 37.08 -22.84 23.05
N GLU D 400 36.89 -21.52 23.01
CA GLU D 400 36.38 -20.73 24.13
C GLU D 400 34.92 -20.36 23.96
N THR D 401 34.15 -21.12 23.16
CA THR D 401 32.77 -20.74 22.89
C THR D 401 31.94 -20.77 24.17
N GLY D 402 32.27 -21.66 25.11
CA GLY D 402 31.56 -21.68 26.38
C GLY D 402 31.63 -20.35 27.11
N GLN D 403 32.84 -19.79 27.23
CA GLN D 403 33.00 -18.46 27.83
C GLN D 403 32.27 -17.38 27.03
N ALA D 404 32.31 -17.47 25.69
CA ALA D 404 31.57 -16.51 24.88
C ALA D 404 30.08 -16.56 25.21
N ALA D 405 29.53 -17.77 25.39
CA ALA D 405 28.10 -17.89 25.66
C ALA D 405 27.74 -17.34 27.05
N LEU D 406 28.62 -17.54 28.03
CA LEU D 406 28.37 -16.99 29.36
C LEU D 406 28.43 -15.46 29.33
N ASP D 407 29.37 -14.89 28.55
CA ASP D 407 29.41 -13.44 28.37
C ASP D 407 28.09 -12.89 27.84
N VAL D 408 27.51 -13.55 26.83
CA VAL D 408 26.23 -13.08 26.30
C VAL D 408 25.11 -13.29 27.33
N HIS D 409 25.14 -14.45 28.00
CA HIS D 409 24.12 -14.80 28.98
C HIS D 409 24.06 -13.79 30.11
N HIS D 410 25.22 -13.27 30.50
CA HIS D 410 25.30 -12.28 31.57
C HIS D 410 25.48 -10.85 31.06
N ASN D 411 25.24 -10.61 29.77
CA ASN D 411 25.24 -9.26 29.20
C ASN D 411 26.53 -8.48 29.52
N LYS D 412 27.68 -9.11 29.28
CA LYS D 412 28.95 -8.48 29.64
C LYS D 412 29.42 -7.40 28.66
N HIS D 413 28.96 -7.41 27.42
CA HIS D 413 29.45 -6.48 26.42
C HIS D 413 28.32 -5.60 25.89
N GLN D 414 28.70 -4.44 25.38
CA GLN D 414 27.68 -3.54 24.83
C GLN D 414 27.23 -3.97 23.44
N GLY D 415 28.11 -4.63 22.68
CA GLY D 415 27.76 -5.07 21.34
C GLY D 415 27.84 -6.57 21.23
N LYS D 416 28.12 -7.06 20.04
CA LYS D 416 28.04 -8.49 19.73
C LYS D 416 29.34 -9.22 20.10
N VAL D 417 29.22 -10.53 20.29
CA VAL D 417 30.34 -11.43 20.58
C VAL D 417 30.53 -12.34 19.36
N GLY D 418 31.73 -12.31 18.79
CA GLY D 418 32.03 -13.13 17.62
C GLY D 418 32.94 -14.30 17.98
N VAL D 419 33.04 -15.30 17.09
CA VAL D 419 33.80 -16.52 17.34
C VAL D 419 34.59 -16.86 16.06
N LEU D 420 35.90 -17.01 16.19
CA LEU D 420 36.71 -17.49 15.08
C LEU D 420 36.55 -18.99 14.96
N CYS D 421 36.35 -19.48 13.74
CA CYS D 421 36.15 -20.92 13.54
C CYS D 421 37.39 -21.44 12.84
N LEU D 422 37.48 -21.38 11.51
CA LEU D 422 38.73 -21.74 10.87
C LEU D 422 39.73 -20.59 10.89
N ALA D 423 39.26 -19.33 10.94
CA ALA D 423 40.18 -18.22 10.83
C ALA D 423 41.20 -18.27 11.98
N PRO D 424 42.51 -18.17 11.69
CA PRO D 424 43.50 -18.28 12.77
C PRO D 424 43.63 -17.06 13.66
N ARG D 425 43.17 -15.87 13.25
CA ARG D 425 43.25 -14.64 14.06
C ARG D 425 42.20 -13.66 13.54
N GLU D 426 41.97 -12.60 14.31
CA GLU D 426 41.07 -11.54 13.85
C GLU D 426 41.71 -10.75 12.72
N GLY D 427 40.87 -10.06 11.95
CA GLY D 427 41.33 -9.09 11.00
C GLY D 427 41.53 -9.59 9.59
N LEU D 428 41.22 -10.85 9.30
CA LEU D 428 41.39 -11.39 7.96
C LEU D 428 40.10 -11.27 7.14
N GLY D 429 40.24 -11.39 5.82
CA GLY D 429 39.08 -11.48 4.94
C GLY D 429 38.65 -10.20 4.23
N VAL D 430 39.33 -9.08 4.43
CA VAL D 430 38.99 -7.83 3.74
C VAL D 430 39.54 -7.90 2.32
N THR D 431 38.66 -7.80 1.33
CA THR D 431 39.10 -7.62 -0.04
C THR D 431 38.66 -6.29 -0.66
N ASP D 432 38.02 -5.36 0.10
CA ASP D 432 37.72 -3.97 -0.32
C ASP D 432 38.25 -2.98 0.71
N PRO D 433 39.57 -2.80 0.76
CA PRO D 433 40.15 -1.93 1.79
C PRO D 433 39.82 -0.44 1.62
N GLU D 434 39.50 0.01 0.41
CA GLU D 434 39.13 1.42 0.23
C GLU D 434 37.82 1.76 0.95
N LEU D 435 36.78 0.95 0.73
CA LEU D 435 35.51 1.22 1.41
C LEU D 435 35.68 1.05 2.93
N ARG D 436 36.49 0.07 3.35
CA ARG D 436 36.70 -0.11 4.78
C ARG D 436 37.31 1.13 5.43
N SER D 437 38.31 1.74 4.78
N SER D 437 38.31 1.74 4.78
CA SER D 437 38.98 2.89 5.39
CA SER D 437 38.98 2.89 5.37
C SER D 437 38.03 4.05 5.58
C SER D 437 38.01 4.05 5.58
N LYS D 438 37.02 4.19 4.70
CA LYS D 438 36.03 5.25 4.83
C LYS D 438 35.22 5.14 6.11
N HIS D 439 35.05 3.94 6.64
CA HIS D 439 34.03 3.68 7.64
C HIS D 439 34.59 3.07 8.92
N LEU D 440 35.92 3.05 9.09
CA LEU D 440 36.54 2.32 10.18
C LEU D 440 36.04 2.76 11.55
N THR D 441 35.87 4.07 11.79
CA THR D 441 35.49 4.51 13.12
C THR D 441 34.10 3.97 13.49
N LYS D 442 33.16 3.98 12.55
CA LYS D 442 31.83 3.46 12.85
C LYS D 442 31.86 1.95 12.99
N ILE D 443 32.66 1.28 12.16
CA ILE D 443 32.78 -0.18 12.23
C ILE D 443 33.22 -0.59 13.65
N ASN D 444 34.08 0.22 14.28
CA ASN D 444 34.62 -0.12 15.59
C ASN D 444 33.89 0.57 16.76
N ALA D 445 32.68 1.08 16.53
CA ALA D 445 32.00 1.90 17.55
C ALA D 445 31.69 1.13 18.83
N PHE D 446 31.56 -0.22 18.75
CA PHE D 446 31.24 -1.02 19.94
C PHE D 446 32.47 -1.69 20.55
N ARG D 447 33.68 -1.41 20.06
CA ARG D 447 34.89 -2.03 20.62
C ARG D 447 35.36 -1.38 21.91
#